data_2WKU
#
_entry.id   2WKU
#
_cell.length_a   84.500
_cell.length_b   79.500
_cell.length_c   147.700
_cell.angle_alpha   90.00
_cell.angle_beta   91.50
_cell.angle_gamma   90.00
#
_symmetry.space_group_name_H-M   'P 1 21 1'
#
loop_
_entity.id
_entity.type
_entity.pdbx_description
1 polymer 'ACETYL-COA ACETYLTRANSFERASE'
2 non-polymer 'SULFATE ION'
3 non-polymer D-mannose
4 water water
#
_entity_poly.entity_id   1
_entity_poly.type   'polypeptide(L)'
_entity_poly.pdbx_seq_one_letter_code
;STPSIVIASAARTAVGSFNGAFANTPAHELGATVISAVLERAGVAAGEVNEVILGQVLPAGEGQNPARQAAMKAGVPQEA
TAWGMNQLCGSGLRAVALGMQQIATGDASIIVAGGMESMSMAPHCAHLRGGVKMGDFKMIDTMIKDGLTDAFYGYHMGTT
AENVAKQWQLSRDEQDAFAVASQNKAEAAQKDGRFKDEIVPFIVKGRKGDITVDADEYIRHGATLDSMAKLRPAFDKEGT
VTAGNASGLNDGAAAALLMSEAEASRRGIQPLGRIVSWATVGVDPKVMGTGPIPASRKALERAGWKIGDLDLVEAHEAFA
AQACAVNKDLGWDPSIVNVNGGAIAIGHPIGASGARILNTLLFEMKRRGARKGLATLCIGGGMGVAMCIESL
;
_entity_poly.pdbx_strand_id   A,B,C,D
#
# COMPACT_ATOMS: atom_id res chain seq x y z
N SER A 4 39.79 -32.43 0.47
CA SER A 4 39.57 -32.45 -0.97
C SER A 4 39.00 -31.14 -1.53
N ILE A 5 38.11 -30.47 -0.80
CA ILE A 5 37.58 -29.18 -1.27
C ILE A 5 38.26 -28.00 -0.59
N VAL A 6 38.80 -27.06 -1.38
CA VAL A 6 39.41 -25.86 -0.85
C VAL A 6 38.62 -24.60 -1.21
N ILE A 7 38.90 -23.53 -0.47
CA ILE A 7 38.39 -22.22 -0.83
C ILE A 7 39.51 -21.47 -1.53
N ALA A 8 39.35 -21.32 -2.84
CA ALA A 8 40.34 -20.66 -3.68
C ALA A 8 40.46 -19.16 -3.40
N SER A 9 39.33 -18.50 -3.21
CA SER A 9 39.32 -17.06 -2.98
C SER A 9 38.04 -16.61 -2.30
N ALA A 10 38.07 -15.42 -1.72
CA ALA A 10 36.90 -14.87 -1.05
C ALA A 10 36.80 -13.35 -1.13
N ALA A 11 35.59 -12.84 -0.95
CA ALA A 11 35.32 -11.41 -0.99
C ALA A 11 33.97 -11.13 -0.37
N ARG A 12 33.83 -9.94 0.19
CA ARG A 12 32.53 -9.47 0.66
C ARG A 12 32.48 -8.00 0.39
N THR A 13 31.29 -7.45 0.27
CA THR A 13 31.16 -6.00 0.27
C THR A 13 31.35 -5.50 1.71
N ALA A 14 31.54 -4.20 1.85
CA ALA A 14 31.40 -3.58 3.14
C ALA A 14 29.95 -3.83 3.57
N VAL A 15 29.69 -3.75 4.87
CA VAL A 15 28.33 -3.94 5.37
C VAL A 15 27.69 -2.58 5.60
N GLY A 16 26.61 -2.31 4.88
CA GLY A 16 25.97 -1.01 4.99
C GLY A 16 25.02 -0.97 6.17
N SER A 17 24.66 0.23 6.61
CA SER A 17 23.72 0.39 7.72
C SER A 17 22.29 0.40 7.21
N PHE A 18 21.36 0.07 8.09
CA PHE A 18 19.95 0.06 7.75
C PHE A 18 19.58 1.39 7.07
N ASN A 19 19.06 1.30 5.85
CA ASN A 19 18.69 2.47 5.08
C ASN A 19 19.86 3.44 4.86
N GLY A 20 21.07 2.89 4.86
CA GLY A 20 22.28 3.70 4.75
C GLY A 20 22.87 3.71 3.35
N ALA A 21 24.12 3.30 3.25
CA ALA A 21 24.83 3.38 1.97
C ALA A 21 24.22 2.55 0.84
N PHE A 22 23.51 1.47 1.19
CA PHE A 22 22.89 0.63 0.16
C PHE A 22 21.37 0.67 0.22
N ALA A 23 20.83 1.76 0.79
CA ALA A 23 19.40 1.89 1.02
C ALA A 23 18.53 1.48 -0.19
N ASN A 24 19.02 1.75 -1.39
CA ASN A 24 18.23 1.49 -2.58
C ASN A 24 18.92 0.53 -3.51
N THR A 25 19.87 -0.23 -2.97
CA THR A 25 20.60 -1.19 -3.77
C THR A 25 20.05 -2.61 -3.60
N PRO A 26 19.52 -3.18 -4.67
CA PRO A 26 19.00 -4.56 -4.66
C PRO A 26 20.11 -5.51 -4.24
N ALA A 27 19.73 -6.62 -3.60
CA ALA A 27 20.72 -7.54 -3.04
C ALA A 27 21.54 -8.26 -4.09
N HIS A 28 20.91 -8.64 -5.20
CA HIS A 28 21.62 -9.30 -6.29
C HIS A 28 22.68 -8.40 -6.92
N GLU A 29 22.53 -7.08 -6.80
CA GLU A 29 23.58 -6.16 -7.26
C GLU A 29 24.85 -6.23 -6.39
N LEU A 30 24.67 -6.26 -5.08
CA LEU A 30 25.79 -6.54 -4.18
C LEU A 30 26.41 -7.92 -4.48
N GLY A 31 25.57 -8.91 -4.73
CA GLY A 31 26.03 -10.25 -5.02
C GLY A 31 26.87 -10.29 -6.28
N ALA A 32 26.34 -9.67 -7.33
CA ALA A 32 27.06 -9.54 -8.60
C ALA A 32 28.51 -9.09 -8.39
N THR A 33 28.69 -7.96 -7.71
CA THR A 33 30.03 -7.45 -7.41
C THR A 33 30.94 -8.46 -6.72
N VAL A 34 30.38 -9.22 -5.79
CA VAL A 34 31.15 -10.18 -5.02
C VAL A 34 31.54 -11.41 -5.85
N ILE A 35 30.61 -11.86 -6.70
CA ILE A 35 30.90 -12.93 -7.64
C ILE A 35 32.07 -12.54 -8.56
N SER A 36 32.00 -11.37 -9.15
CA SER A 36 33.12 -10.86 -9.94
C SER A 36 34.43 -10.86 -9.14
N ALA A 37 34.36 -10.44 -7.88
CA ALA A 37 35.58 -10.29 -7.09
C ALA A 37 36.26 -11.63 -6.84
N VAL A 38 35.48 -12.68 -6.56
CA VAL A 38 36.10 -13.96 -6.23
C VAL A 38 36.72 -14.60 -7.47
N LEU A 39 36.02 -14.46 -8.58
CA LEU A 39 36.53 -14.80 -9.89
C LEU A 39 37.88 -14.10 -10.15
N GLU A 40 37.89 -12.78 -10.01
CA GLU A 40 39.09 -11.97 -10.22
C GLU A 40 40.23 -12.34 -9.27
N ARG A 41 39.93 -12.44 -7.98
CA ARG A 41 40.96 -12.76 -6.99
C ARG A 41 41.54 -14.17 -7.14
N ALA A 42 40.80 -15.08 -7.76
CA ALA A 42 41.30 -16.45 -7.89
C ALA A 42 42.03 -16.64 -9.21
N GLY A 43 41.74 -15.77 -10.18
CA GLY A 43 42.26 -15.94 -11.52
C GLY A 43 41.38 -16.88 -12.33
N VAL A 44 40.12 -17.01 -11.90
CA VAL A 44 39.15 -17.84 -12.58
C VAL A 44 38.17 -17.00 -13.39
N ALA A 45 37.92 -17.44 -14.61
CA ALA A 45 37.04 -16.78 -15.55
C ALA A 45 35.58 -17.08 -15.26
N ALA A 46 34.70 -16.12 -15.54
CA ALA A 46 33.27 -16.32 -15.32
C ALA A 46 32.77 -17.50 -16.14
N GLY A 47 33.34 -17.68 -17.33
CA GLY A 47 32.96 -18.79 -18.18
C GLY A 47 33.11 -20.17 -17.56
N GLU A 48 33.93 -20.29 -16.51
CA GLU A 48 34.22 -21.61 -15.92
C GLU A 48 33.31 -21.99 -14.74
N VAL A 49 32.47 -21.06 -14.31
CA VAL A 49 31.58 -21.30 -13.19
C VAL A 49 30.44 -22.23 -13.58
N ASN A 50 30.26 -23.30 -12.82
CA ASN A 50 29.16 -24.22 -13.06
C ASN A 50 27.87 -23.75 -12.39
N GLU A 51 27.99 -23.23 -11.18
CA GLU A 51 26.82 -22.87 -10.37
C GLU A 51 27.11 -21.77 -9.33
N VAL A 52 26.14 -20.89 -9.12
CA VAL A 52 26.20 -19.89 -8.05
C VAL A 52 25.10 -20.22 -7.02
N ILE A 53 25.49 -20.36 -5.76
CA ILE A 53 24.55 -20.68 -4.67
C ILE A 53 24.58 -19.60 -3.59
N LEU A 54 23.48 -18.89 -3.42
CA LEU A 54 23.44 -17.72 -2.54
C LEU A 54 22.32 -17.76 -1.50
N GLY A 55 22.69 -17.66 -0.23
CA GLY A 55 21.72 -17.52 0.84
C GLY A 55 21.04 -16.15 0.75
N GLN A 56 19.73 -16.15 0.97
CA GLN A 56 18.94 -14.94 1.02
C GLN A 56 17.64 -15.26 1.73
N VAL A 57 17.27 -14.40 2.66
CA VAL A 57 16.11 -14.64 3.52
C VAL A 57 14.94 -13.78 3.11
N LEU A 58 15.23 -12.63 2.51
CA LEU A 58 14.18 -11.68 2.16
C LEU A 58 14.19 -11.32 0.67
N PRO A 59 13.67 -12.21 -0.17
CA PRO A 59 13.74 -11.96 -1.61
C PRO A 59 12.48 -11.31 -2.19
N ALA A 60 11.45 -11.12 -1.37
CA ALA A 60 10.17 -10.60 -1.87
C ALA A 60 10.33 -9.33 -2.69
N GLY A 61 9.73 -9.32 -3.87
CA GLY A 61 9.72 -8.15 -4.73
C GLY A 61 10.94 -7.97 -5.63
N GLU A 62 11.96 -8.79 -5.44
CA GLU A 62 13.20 -8.65 -6.20
C GLU A 62 13.14 -9.36 -7.55
N GLY A 63 12.12 -10.18 -7.76
CA GLY A 63 11.97 -10.86 -9.04
C GLY A 63 12.45 -12.30 -9.02
N GLN A 64 12.24 -13.00 -10.13
CA GLN A 64 12.60 -14.40 -10.26
C GLN A 64 14.03 -14.69 -9.81
N ASN A 65 14.16 -15.57 -8.83
CA ASN A 65 15.44 -16.19 -8.47
C ASN A 65 16.62 -15.22 -8.51
N PRO A 66 16.68 -14.32 -7.51
CA PRO A 66 17.73 -13.30 -7.46
C PRO A 66 19.13 -13.89 -7.57
N ALA A 67 19.33 -15.12 -7.11
CA ALA A 67 20.64 -15.76 -7.26
C ALA A 67 21.07 -15.75 -8.72
N ARG A 68 20.12 -16.04 -9.60
CA ARG A 68 20.37 -16.07 -11.05
C ARG A 68 20.64 -14.67 -11.62
N GLN A 69 19.92 -13.66 -11.13
CA GLN A 69 20.15 -12.28 -11.56
C GLN A 69 21.57 -11.79 -11.24
N ALA A 70 22.07 -12.15 -10.06
CA ALA A 70 23.44 -11.81 -9.66
C ALA A 70 24.47 -12.50 -10.54
N ALA A 71 24.27 -13.79 -10.78
CA ALA A 71 25.22 -14.52 -11.62
C ALA A 71 25.22 -13.96 -13.04
N MET A 72 24.05 -13.65 -13.56
CA MET A 72 23.95 -13.10 -14.92
C MET A 72 24.56 -11.70 -14.96
N LYS A 73 24.26 -10.89 -13.96
CA LYS A 73 24.79 -9.54 -13.87
C LYS A 73 26.31 -9.55 -13.75
N ALA A 74 26.84 -10.57 -13.10
CA ALA A 74 28.28 -10.69 -12.89
C ALA A 74 28.99 -11.20 -14.13
N GLY A 75 28.21 -11.73 -15.07
CA GLY A 75 28.74 -12.22 -16.32
C GLY A 75 28.88 -13.74 -16.40
N VAL A 76 28.29 -14.45 -15.46
CA VAL A 76 28.31 -15.90 -15.47
C VAL A 76 27.44 -16.37 -16.65
N PRO A 77 27.96 -17.26 -17.50
CA PRO A 77 27.25 -17.60 -18.74
C PRO A 77 25.88 -18.22 -18.49
N GLN A 78 24.98 -18.14 -19.46
CA GLN A 78 23.62 -18.62 -19.30
C GLN A 78 23.57 -20.13 -19.12
N GLU A 79 24.58 -20.82 -19.62
CA GLU A 79 24.65 -22.28 -19.49
C GLU A 79 24.89 -22.74 -18.07
N ALA A 80 25.19 -21.80 -17.19
CA ALA A 80 25.42 -22.11 -15.79
C ALA A 80 24.07 -22.23 -15.11
N THR A 81 24.08 -22.55 -13.82
CA THR A 81 22.85 -22.56 -13.05
C THR A 81 23.04 -21.76 -11.77
N ALA A 82 21.94 -21.47 -11.10
CA ALA A 82 21.97 -20.63 -9.91
C ALA A 82 20.69 -20.82 -9.12
N TRP A 83 20.83 -20.81 -7.81
CA TRP A 83 19.71 -20.97 -6.89
C TRP A 83 20.02 -20.34 -5.54
N GLY A 84 18.95 -19.93 -4.84
CA GLY A 84 19.03 -19.39 -3.50
C GLY A 84 18.48 -20.37 -2.47
N MET A 85 18.87 -20.19 -1.21
CA MET A 85 18.39 -21.05 -0.14
C MET A 85 18.25 -20.25 1.14
N ASN A 86 17.60 -20.86 2.14
CA ASN A 86 17.25 -20.15 3.36
C ASN A 86 17.22 -21.02 4.60
N GLN A 87 18.25 -20.87 5.42
CA GLN A 87 18.31 -21.45 6.76
C GLN A 87 18.64 -20.26 7.64
N LEU A 88 17.90 -19.17 7.39
CA LEU A 88 17.99 -17.92 8.13
C LEU A 88 19.42 -17.40 8.35
N CYS A 89 19.75 -17.11 9.59
CA CYS A 89 21.07 -16.56 9.91
C CYS A 89 22.19 -17.47 9.40
N GLY A 90 21.91 -18.75 9.23
CA GLY A 90 22.94 -19.68 8.81
C GLY A 90 23.14 -19.74 7.31
N SER A 91 22.24 -19.10 6.57
CA SER A 91 22.15 -19.27 5.12
C SER A 91 23.46 -19.16 4.36
N GLY A 92 24.20 -18.09 4.62
CA GLY A 92 25.43 -17.80 3.89
C GLY A 92 26.58 -18.76 4.12
N LEU A 93 26.69 -19.32 5.33
CA LEU A 93 27.67 -20.40 5.57
C LEU A 93 27.21 -21.77 5.03
N ARG A 94 25.96 -22.13 5.28
CA ARG A 94 25.39 -23.36 4.72
C ARG A 94 25.66 -23.40 3.21
N ALA A 95 25.37 -22.28 2.54
CA ALA A 95 25.55 -22.20 1.09
C ALA A 95 26.95 -22.70 0.68
N VAL A 96 27.94 -22.44 1.52
CA VAL A 96 29.31 -22.87 1.25
C VAL A 96 29.43 -24.39 1.39
N ALA A 97 28.80 -24.94 2.43
CA ALA A 97 28.81 -26.39 2.63
C ALA A 97 28.11 -27.07 1.47
N LEU A 98 26.98 -26.50 1.04
CA LEU A 98 26.21 -27.05 -0.06
C LEU A 98 27.00 -27.04 -1.36
N GLY A 99 27.71 -25.94 -1.63
CA GLY A 99 28.54 -25.86 -2.82
C GLY A 99 29.66 -26.87 -2.73
N MET A 100 30.18 -27.05 -1.53
CA MET A 100 31.21 -28.06 -1.30
C MET A 100 30.70 -29.44 -1.68
N GLN A 101 29.44 -29.72 -1.36
CA GLN A 101 28.84 -31.02 -1.65
C GLN A 101 28.64 -31.29 -3.15
N GLN A 102 28.30 -30.26 -3.92
CA GLN A 102 28.20 -30.41 -5.38
C GLN A 102 29.51 -30.95 -5.94
N ILE A 103 30.62 -30.38 -5.48
CA ILE A 103 31.96 -30.79 -5.91
C ILE A 103 32.36 -32.19 -5.40
N ALA A 104 32.04 -32.47 -4.14
CA ALA A 104 32.34 -33.76 -3.52
C ALA A 104 31.65 -34.92 -4.23
N THR A 105 30.41 -34.70 -4.64
CA THR A 105 29.64 -35.75 -5.28
C THR A 105 29.93 -35.81 -6.78
N GLY A 106 30.84 -34.98 -7.24
CA GLY A 106 31.25 -34.98 -8.63
C GLY A 106 30.24 -34.40 -9.60
N ASP A 107 29.31 -33.60 -9.11
CA ASP A 107 28.29 -33.02 -9.98
C ASP A 107 28.71 -31.66 -10.55
N ALA A 108 29.71 -31.05 -9.92
CA ALA A 108 30.24 -29.78 -10.39
C ALA A 108 31.75 -29.71 -10.16
N SER A 109 32.42 -28.76 -10.81
CA SER A 109 33.85 -28.53 -10.60
C SER A 109 34.15 -27.21 -9.90
N ILE A 110 33.44 -26.16 -10.29
CA ILE A 110 33.68 -24.82 -9.76
C ILE A 110 32.41 -24.15 -9.24
N ILE A 111 32.40 -23.79 -7.97
CA ILE A 111 31.21 -23.18 -7.41
C ILE A 111 31.52 -21.83 -6.78
N VAL A 112 30.62 -20.87 -6.99
CA VAL A 112 30.61 -19.65 -6.21
C VAL A 112 29.46 -19.72 -5.20
N ALA A 113 29.77 -19.61 -3.92
CA ALA A 113 28.76 -19.77 -2.89
C ALA A 113 28.91 -18.72 -1.79
N GLY A 114 27.78 -18.19 -1.36
CA GLY A 114 27.79 -17.26 -0.25
C GLY A 114 26.38 -16.84 0.10
N GLY A 115 26.22 -15.56 0.42
CA GLY A 115 24.92 -15.02 0.69
C GLY A 115 24.85 -13.54 0.40
N MET A 116 23.64 -13.01 0.40
CA MET A 116 23.45 -11.60 0.13
C MET A 116 22.12 -11.20 0.74
N GLU A 117 22.04 -9.97 1.23
CA GLU A 117 20.83 -9.51 1.85
C GLU A 117 20.71 -8.02 1.76
N SER A 118 19.50 -7.55 1.47
CA SER A 118 19.21 -6.12 1.56
C SER A 118 18.02 -5.99 2.48
N MET A 119 18.29 -5.77 3.75
CA MET A 119 17.22 -5.61 4.71
C MET A 119 16.55 -4.27 4.46
N SER A 120 17.31 -3.35 3.86
CA SER A 120 16.79 -2.02 3.56
C SER A 120 15.64 -2.10 2.57
N MET A 121 15.83 -2.96 1.57
CA MET A 121 14.92 -3.06 0.44
C MET A 121 13.80 -4.06 0.64
N ALA A 122 13.76 -4.73 1.78
CA ALA A 122 12.66 -5.64 2.06
C ALA A 122 11.37 -4.82 2.08
N PRO A 123 10.29 -5.32 1.45
CA PRO A 123 9.03 -4.57 1.35
C PRO A 123 8.06 -4.82 2.49
N HIS A 124 6.98 -4.04 2.50
CA HIS A 124 5.83 -4.34 3.33
C HIS A 124 4.88 -5.12 2.45
N CYS A 125 3.95 -5.85 3.03
CA CYS A 125 3.10 -6.72 2.23
C CYS A 125 1.78 -7.06 2.90
N ALA A 126 0.83 -7.51 2.09
CA ALA A 126 -0.43 -7.99 2.61
C ALA A 126 -1.09 -8.94 1.62
N HIS A 127 -1.69 -9.99 2.15
CA HIS A 127 -2.51 -10.88 1.33
C HIS A 127 -3.86 -10.23 1.04
N LEU A 128 -4.11 -9.94 -0.23
CA LEU A 128 -5.25 -9.13 -0.63
C LEU A 128 -6.09 -9.78 -1.73
N ARG A 129 -5.82 -11.05 -2.02
CA ARG A 129 -6.56 -11.77 -3.05
C ARG A 129 -8.01 -12.03 -2.67
N GLY A 130 -8.20 -12.58 -1.47
CA GLY A 130 -9.53 -12.89 -0.98
C GLY A 130 -10.45 -11.69 -0.90
N GLY A 131 -9.86 -10.51 -0.77
CA GLY A 131 -10.63 -9.28 -0.67
C GLY A 131 -10.74 -8.78 0.75
N VAL A 132 -10.53 -7.49 0.94
CA VAL A 132 -10.71 -6.86 2.25
C VAL A 132 -12.16 -6.37 2.37
N LYS A 133 -12.91 -7.02 3.26
CA LYS A 133 -14.35 -6.79 3.36
C LYS A 133 -14.75 -5.34 3.62
N MET A 134 -14.06 -4.69 4.54
CA MET A 134 -14.38 -3.32 4.95
C MET A 134 -13.62 -3.03 6.25
N GLY A 135 -13.05 -1.84 6.35
CA GLY A 135 -12.24 -1.49 7.51
C GLY A 135 -10.76 -1.69 7.24
N ASP A 136 -9.93 -1.37 8.23
CA ASP A 136 -8.48 -1.41 8.06
C ASP A 136 -7.86 -2.80 8.15
N PHE A 137 -6.77 -2.99 7.41
CA PHE A 137 -5.99 -4.22 7.47
C PHE A 137 -4.50 -3.92 7.68
N LYS A 138 -3.73 -4.91 8.14
CA LYS A 138 -2.31 -4.72 8.41
C LYS A 138 -1.43 -4.84 7.16
N MET A 139 -0.60 -3.83 6.93
CA MET A 139 0.51 -3.98 6.00
C MET A 139 1.71 -4.50 6.79
N ILE A 140 2.17 -5.70 6.41
CA ILE A 140 3.19 -6.44 7.15
C ILE A 140 4.62 -6.14 6.68
N ASP A 141 5.52 -5.85 7.62
CA ASP A 141 6.93 -5.62 7.30
C ASP A 141 7.68 -6.95 7.13
N THR A 142 8.01 -7.31 5.90
CA THR A 142 8.57 -8.65 5.64
C THR A 142 9.84 -8.91 6.40
N MET A 143 10.64 -7.87 6.61
CA MET A 143 11.90 -8.02 7.32
C MET A 143 11.66 -8.53 8.74
N ILE A 144 10.77 -7.87 9.48
CA ILE A 144 10.43 -8.27 10.84
C ILE A 144 9.71 -9.62 10.85
N LYS A 145 8.75 -9.79 9.94
CA LYS A 145 7.93 -11.00 9.96
C LYS A 145 8.73 -12.24 9.58
N ASP A 146 9.54 -12.11 8.53
CA ASP A 146 10.18 -13.26 7.94
C ASP A 146 11.64 -13.36 8.37
N GLY A 147 12.15 -12.30 8.99
CA GLY A 147 13.54 -12.25 9.38
C GLY A 147 13.79 -12.37 10.88
N LEU A 148 13.08 -11.58 11.68
CA LEU A 148 13.42 -11.37 13.07
C LEU A 148 12.43 -11.96 14.09
N THR A 149 11.34 -12.54 13.60
CA THR A 149 10.27 -13.00 14.48
C THR A 149 10.22 -14.51 14.48
N ASP A 150 10.11 -15.11 15.66
CA ASP A 150 10.01 -16.56 15.73
C ASP A 150 8.61 -17.00 15.34
N ALA A 151 8.53 -18.02 14.51
CA ALA A 151 7.27 -18.48 13.95
C ALA A 151 6.51 -19.39 14.92
N PHE A 152 7.15 -19.85 15.98
CA PHE A 152 6.49 -20.73 16.94
C PHE A 152 6.01 -20.00 18.20
N TYR A 153 6.80 -19.06 18.69
CA TYR A 153 6.46 -18.37 19.94
C TYR A 153 6.00 -16.93 19.75
N GLY A 154 6.16 -16.40 18.54
CA GLY A 154 5.56 -15.12 18.20
C GLY A 154 6.37 -13.88 18.53
N TYR A 155 7.42 -14.04 19.33
CA TYR A 155 8.22 -12.89 19.74
C TYR A 155 9.52 -12.72 18.97
N HIS A 156 10.16 -11.58 19.16
CA HIS A 156 11.39 -11.20 18.47
C HIS A 156 12.58 -12.06 18.91
N MET A 157 13.58 -12.17 18.03
CA MET A 157 14.81 -12.88 18.37
C MET A 157 15.42 -12.35 19.66
N GLY A 158 15.24 -11.04 19.91
CA GLY A 158 15.77 -10.41 21.10
C GLY A 158 15.18 -10.97 22.39
N THR A 159 14.02 -11.60 22.26
CA THR A 159 13.41 -12.27 23.38
C THR A 159 14.04 -13.65 23.62
N THR A 160 14.46 -14.33 22.55
CA THR A 160 15.16 -15.61 22.73
C THR A 160 16.49 -15.34 23.41
N ALA A 161 16.99 -14.11 23.27
CA ALA A 161 18.25 -13.72 23.87
C ALA A 161 18.08 -13.42 25.35
N GLU A 162 16.94 -12.83 25.72
CA GLU A 162 16.57 -12.65 27.13
C GLU A 162 16.40 -14.00 27.82
N ASN A 163 15.81 -14.96 27.11
CA ASN A 163 15.70 -16.34 27.58
C ASN A 163 17.07 -16.92 27.94
N VAL A 164 18.04 -16.68 27.09
CA VAL A 164 19.39 -17.19 27.30
C VAL A 164 20.08 -16.46 28.43
N ALA A 165 19.85 -15.15 28.49
CA ALA A 165 20.41 -14.31 29.55
C ALA A 165 20.00 -14.83 30.93
N LYS A 166 18.69 -14.93 31.16
CA LYS A 166 18.20 -15.43 32.44
C LYS A 166 18.78 -16.80 32.72
N GLN A 167 18.66 -17.69 31.75
CA GLN A 167 19.11 -19.07 31.92
C GLN A 167 20.58 -19.14 32.35
N TRP A 168 21.43 -18.28 31.80
CA TRP A 168 22.86 -18.31 32.11
C TRP A 168 23.24 -17.21 33.10
N GLN A 169 22.24 -16.47 33.55
CA GLN A 169 22.43 -15.41 34.53
C GLN A 169 23.53 -14.44 34.08
N LEU A 170 23.29 -13.79 32.95
CA LEU A 170 24.20 -12.81 32.41
C LEU A 170 23.66 -11.42 32.74
N SER A 171 24.47 -10.62 33.45
CA SER A 171 24.01 -9.28 33.80
C SER A 171 24.05 -8.33 32.62
N ARG A 172 23.32 -7.23 32.75
CA ARG A 172 23.41 -6.13 31.81
C ARG A 172 24.86 -5.66 31.67
N ASP A 173 25.61 -5.73 32.77
CA ASP A 173 27.00 -5.29 32.79
C ASP A 173 27.91 -6.15 31.93
N GLU A 174 27.80 -7.47 32.05
CA GLU A 174 28.67 -8.35 31.28
C GLU A 174 28.37 -8.19 29.79
N GLN A 175 27.08 -8.11 29.46
CA GLN A 175 26.64 -7.93 28.08
C GLN A 175 27.12 -6.60 27.47
N ASP A 176 26.93 -5.50 28.19
CA ASP A 176 27.36 -4.19 27.70
C ASP A 176 28.89 -4.11 27.60
N ALA A 177 29.58 -4.84 28.47
CA ALA A 177 31.02 -4.95 28.37
C ALA A 177 31.39 -5.67 27.07
N PHE A 178 30.67 -6.74 26.76
CA PHE A 178 30.90 -7.51 25.53
C PHE A 178 30.61 -6.64 24.31
N ALA A 179 29.56 -5.83 24.41
CA ALA A 179 29.14 -4.96 23.33
C ALA A 179 30.22 -3.95 23.02
N VAL A 180 30.70 -3.27 24.06
CA VAL A 180 31.76 -2.27 23.91
C VAL A 180 33.06 -2.86 23.39
N ALA A 181 33.46 -4.02 23.92
CA ALA A 181 34.65 -4.68 23.44
C ALA A 181 34.56 -5.02 21.94
N SER A 182 33.38 -5.35 21.46
CA SER A 182 33.22 -5.77 20.07
C SER A 182 33.41 -4.60 19.15
N GLN A 183 32.86 -3.45 19.55
CA GLN A 183 33.00 -2.19 18.84
C GLN A 183 34.45 -1.70 18.81
N ASN A 184 35.16 -1.85 19.93
CA ASN A 184 36.53 -1.33 20.01
C ASN A 184 37.47 -2.18 19.16
N LYS A 185 37.21 -3.48 19.13
CA LYS A 185 38.05 -4.37 18.34
C LYS A 185 37.87 -4.10 16.85
N ALA A 186 36.63 -3.98 16.42
CA ALA A 186 36.32 -3.74 15.02
C ALA A 186 36.82 -2.37 14.58
N GLU A 187 36.66 -1.35 15.42
CA GLU A 187 37.19 -0.02 15.10
C GLU A 187 38.71 -0.06 14.94
N ALA A 188 39.39 -0.72 15.86
CA ALA A 188 40.82 -0.90 15.75
C ALA A 188 41.17 -1.63 14.44
N ALA A 189 40.43 -2.68 14.11
CA ALA A 189 40.72 -3.45 12.91
C ALA A 189 40.49 -2.62 11.64
N GLN A 190 39.42 -1.83 11.65
CA GLN A 190 39.15 -0.91 10.55
C GLN A 190 40.27 0.11 10.40
N LYS A 191 40.63 0.79 11.50
CA LYS A 191 41.68 1.81 11.44
C LYS A 191 42.97 1.22 10.89
N ASP A 192 43.24 -0.02 11.27
CA ASP A 192 44.48 -0.69 10.90
C ASP A 192 44.48 -1.24 9.47
N GLY A 193 43.31 -1.30 8.85
CA GLY A 193 43.19 -1.75 7.48
C GLY A 193 43.07 -3.25 7.34
N ARG A 194 42.66 -3.93 8.41
CA ARG A 194 42.54 -5.39 8.40
C ARG A 194 41.32 -5.90 7.63
N PHE A 195 40.40 -4.99 7.32
CA PHE A 195 39.20 -5.32 6.53
C PHE A 195 39.37 -5.11 5.02
N LYS A 196 40.45 -4.43 4.64
CA LYS A 196 40.74 -4.10 3.25
C LYS A 196 40.87 -5.33 2.35
N ASP A 197 41.61 -6.33 2.81
CA ASP A 197 41.82 -7.54 2.03
C ASP A 197 40.49 -8.20 1.67
N GLU A 198 39.64 -8.44 2.67
CA GLU A 198 38.35 -9.07 2.42
C GLU A 198 37.35 -8.22 1.63
N ILE A 199 37.36 -6.90 1.83
CA ILE A 199 36.38 -6.03 1.16
C ILE A 199 36.69 -5.72 -0.31
N VAL A 200 35.70 -5.87 -1.18
CA VAL A 200 35.78 -5.38 -2.55
C VAL A 200 34.92 -4.12 -2.60
N PRO A 201 35.47 -3.02 -3.09
CA PRO A 201 34.66 -1.79 -3.09
C PRO A 201 33.35 -1.99 -3.84
N PHE A 202 32.32 -1.24 -3.46
CA PHE A 202 31.06 -1.22 -4.20
C PHE A 202 30.74 0.16 -4.71
N ILE A 203 30.33 0.25 -5.97
CA ILE A 203 29.95 1.51 -6.56
C ILE A 203 28.44 1.68 -6.63
N VAL A 204 27.92 2.57 -5.81
CA VAL A 204 26.51 2.93 -5.86
C VAL A 204 26.29 3.97 -6.95
N LYS A 205 25.64 3.57 -8.04
CA LYS A 205 25.43 4.46 -9.18
C LYS A 205 24.52 5.60 -8.75
N GLY A 206 24.77 6.79 -9.28
CA GLY A 206 23.97 7.95 -8.91
C GLY A 206 23.93 9.03 -9.96
N ARG A 207 22.73 9.33 -10.44
CA ARG A 207 22.53 10.44 -11.37
C ARG A 207 23.32 11.65 -10.90
N LYS A 208 23.19 11.99 -9.62
CA LYS A 208 24.01 13.03 -9.04
C LYS A 208 25.25 12.45 -8.38
N GLY A 209 26.00 11.67 -9.15
CA GLY A 209 27.30 11.19 -8.72
C GLY A 209 27.37 9.72 -8.34
N ASP A 210 28.52 9.10 -8.63
CA ASP A 210 28.77 7.75 -8.17
C ASP A 210 29.51 7.78 -6.84
N ILE A 211 29.07 6.94 -5.91
CA ILE A 211 29.73 6.84 -4.62
C ILE A 211 30.33 5.45 -4.45
N THR A 212 31.60 5.41 -4.03
CA THR A 212 32.31 4.18 -3.80
C THR A 212 32.29 3.83 -2.31
N VAL A 213 31.79 2.65 -1.99
CA VAL A 213 31.65 2.23 -0.61
C VAL A 213 32.65 1.10 -0.32
N ASP A 214 33.62 1.36 0.55
CA ASP A 214 34.62 0.34 0.87
C ASP A 214 34.95 0.29 2.36
N ALA A 215 34.12 0.92 3.18
CA ALA A 215 34.27 0.80 4.62
C ALA A 215 32.97 0.33 5.29
N ASP A 216 33.09 -0.55 6.27
CA ASP A 216 31.95 -0.98 7.08
C ASP A 216 31.40 0.20 7.90
N GLU A 217 30.16 0.61 7.63
CA GLU A 217 29.67 1.86 8.20
C GLU A 217 28.89 1.75 9.52
N TYR A 218 28.43 0.54 9.86
CA TYR A 218 27.78 0.33 11.13
C TYR A 218 28.73 0.54 12.32
N ILE A 219 30.01 0.23 12.13
CA ILE A 219 30.97 0.34 13.21
C ILE A 219 30.97 1.71 13.89
N ARG A 220 30.70 1.74 15.20
CA ARG A 220 30.80 2.95 16.02
C ARG A 220 32.24 3.28 16.43
N HIS A 221 32.65 4.52 16.24
CA HIS A 221 33.98 4.96 16.65
C HIS A 221 33.97 5.50 18.08
N GLY A 222 34.91 5.04 18.90
CA GLY A 222 35.00 5.47 20.28
C GLY A 222 33.77 5.20 21.11
N ALA A 223 33.18 4.01 20.94
CA ALA A 223 32.00 3.65 21.70
C ALA A 223 32.30 3.66 23.21
N THR A 224 31.36 4.15 24.01
CA THR A 224 31.57 4.25 25.45
C THR A 224 30.70 3.26 26.24
N LEU A 225 31.18 2.87 27.42
CA LEU A 225 30.39 2.05 28.34
C LEU A 225 29.13 2.81 28.72
N ASP A 226 29.28 4.11 28.93
CA ASP A 226 28.14 4.96 29.27
C ASP A 226 27.09 5.01 28.15
N SER A 227 27.53 4.93 26.90
CA SER A 227 26.59 4.95 25.78
C SER A 227 25.68 3.72 25.81
N MET A 228 26.26 2.58 26.17
CA MET A 228 25.53 1.33 26.32
C MET A 228 24.62 1.37 27.54
N ALA A 229 25.20 1.76 28.68
CA ALA A 229 24.49 1.70 29.94
C ALA A 229 23.23 2.56 29.91
N LYS A 230 23.25 3.59 29.09
CA LYS A 230 22.14 4.53 29.06
C LYS A 230 20.86 3.92 28.49
N LEU A 231 21.01 3.00 27.53
CA LEU A 231 19.88 2.50 26.76
C LEU A 231 18.83 1.74 27.56
N ARG A 232 17.60 1.76 27.07
CA ARG A 232 16.51 0.98 27.63
C ARG A 232 16.48 -0.41 26.99
N PRO A 233 16.17 -1.44 27.79
CA PRO A 233 15.92 -2.77 27.22
C PRO A 233 14.85 -2.66 26.14
N ALA A 234 14.95 -3.47 25.09
CA ALA A 234 14.04 -3.35 23.95
C ALA A 234 12.97 -4.43 23.85
N PHE A 235 13.11 -5.50 24.63
CA PHE A 235 12.22 -6.65 24.46
C PHE A 235 11.48 -7.05 25.74
N ASP A 236 12.12 -6.87 26.89
CA ASP A 236 11.39 -6.94 28.16
C ASP A 236 11.70 -5.72 29.02
N LYS A 237 10.64 -5.03 29.43
CA LYS A 237 10.76 -3.75 30.14
C LYS A 237 11.63 -3.81 31.40
N GLU A 238 11.79 -4.99 31.97
CA GLU A 238 12.69 -5.16 33.10
C GLU A 238 13.81 -6.14 32.73
N GLY A 239 14.17 -6.15 31.45
CA GLY A 239 15.17 -7.06 30.94
C GLY A 239 16.58 -6.49 30.84
N THR A 240 17.32 -6.96 29.85
CA THR A 240 18.73 -6.65 29.74
C THR A 240 19.19 -6.34 28.32
N VAL A 241 18.58 -7.02 27.36
CA VAL A 241 19.02 -6.92 25.98
C VAL A 241 18.55 -5.58 25.40
N THR A 242 19.47 -4.86 24.79
CA THR A 242 19.19 -3.54 24.26
C THR A 242 19.58 -3.46 22.79
N ALA A 243 19.22 -2.35 22.14
CA ALA A 243 19.65 -2.09 20.78
C ALA A 243 21.17 -2.08 20.72
N GLY A 244 21.79 -1.63 21.81
CA GLY A 244 23.23 -1.50 21.89
C GLY A 244 24.01 -2.81 22.02
N ASN A 245 23.46 -3.80 22.73
CA ASN A 245 24.16 -5.07 22.89
C ASN A 245 23.65 -6.14 21.94
N ALA A 246 22.80 -5.72 21.02
CA ALA A 246 22.24 -6.61 20.02
C ALA A 246 22.86 -6.25 18.67
N SER A 247 22.78 -7.17 17.70
CA SER A 247 23.27 -6.84 16.37
C SER A 247 22.30 -5.91 15.67
N GLY A 248 22.68 -5.42 14.50
CA GLY A 248 21.86 -4.44 13.80
C GLY A 248 21.08 -4.98 12.62
N LEU A 249 20.46 -4.08 11.90
CA LEU A 249 19.83 -4.40 10.63
C LEU A 249 20.72 -3.83 9.52
N ASN A 250 21.13 -4.67 8.57
CA ASN A 250 22.14 -4.21 7.60
C ASN A 250 22.01 -4.84 6.21
N ASP A 251 22.79 -4.33 5.26
CA ASP A 251 22.84 -4.86 3.90
C ASP A 251 24.27 -5.29 3.56
N GLY A 252 24.39 -6.30 2.73
CA GLY A 252 25.70 -6.77 2.31
C GLY A 252 25.63 -8.07 1.55
N ALA A 253 26.77 -8.47 1.01
CA ALA A 253 26.87 -9.76 0.36
C ALA A 253 28.28 -10.28 0.57
N ALA A 254 28.47 -11.58 0.39
CA ALA A 254 29.78 -12.18 0.62
C ALA A 254 29.85 -13.53 -0.04
N ALA A 255 31.04 -13.92 -0.44
CA ALA A 255 31.17 -15.19 -1.14
C ALA A 255 32.56 -15.80 -1.08
N ALA A 256 32.59 -17.08 -1.45
CA ALA A 256 33.81 -17.83 -1.61
C ALA A 256 33.71 -18.54 -2.95
N LEU A 257 34.86 -18.78 -3.58
CA LEU A 257 34.92 -19.57 -4.81
C LEU A 257 35.51 -20.96 -4.52
N LEU A 258 34.76 -22.01 -4.86
CA LEU A 258 35.16 -23.37 -4.48
C LEU A 258 35.66 -24.23 -5.63
N MET A 259 36.57 -25.16 -5.32
CA MET A 259 37.09 -26.13 -6.29
C MET A 259 37.84 -27.23 -5.55
N SER A 260 38.04 -28.36 -6.21
CA SER A 260 38.81 -29.42 -5.57
C SER A 260 40.25 -28.97 -5.30
N GLU A 261 40.83 -29.44 -4.20
CA GLU A 261 42.24 -29.19 -3.91
C GLU A 261 43.11 -29.50 -5.11
N ALA A 262 42.78 -30.58 -5.81
CA ALA A 262 43.58 -31.00 -6.96
C ALA A 262 43.43 -30.02 -8.12
N GLU A 263 42.25 -29.44 -8.25
CA GLU A 263 42.01 -28.45 -9.29
C GLU A 263 42.83 -27.19 -9.05
N ALA A 264 42.82 -26.72 -7.80
CA ALA A 264 43.55 -25.52 -7.41
C ALA A 264 45.03 -25.69 -7.72
N SER A 265 45.56 -26.85 -7.38
CA SER A 265 46.95 -27.21 -7.67
C SER A 265 47.26 -27.11 -9.17
N ARG A 266 46.39 -27.66 -10.01
CA ARG A 266 46.55 -27.57 -11.46
C ARG A 266 46.69 -26.12 -11.93
N ARG A 267 45.88 -25.24 -11.37
CA ARG A 267 45.87 -23.84 -11.78
C ARG A 267 46.94 -22.98 -11.09
N GLY A 268 47.74 -23.59 -10.22
CA GLY A 268 48.73 -22.84 -9.45
C GLY A 268 48.13 -21.86 -8.46
N ILE A 269 46.90 -22.14 -8.00
CA ILE A 269 46.24 -21.29 -7.02
C ILE A 269 46.60 -21.69 -5.58
N GLN A 270 47.03 -20.72 -4.78
CA GLN A 270 47.28 -20.96 -3.35
C GLN A 270 46.03 -20.63 -2.55
N PRO A 271 45.28 -21.66 -2.14
CA PRO A 271 43.93 -21.46 -1.59
C PRO A 271 43.91 -20.74 -0.25
N LEU A 272 42.76 -20.18 0.09
CA LEU A 272 42.57 -19.59 1.42
C LEU A 272 42.41 -20.65 2.51
N GLY A 273 41.97 -21.85 2.12
CA GLY A 273 41.88 -22.93 3.08
C GLY A 273 41.21 -24.20 2.59
N ARG A 274 41.39 -25.28 3.35
CA ARG A 274 40.74 -26.54 3.07
C ARG A 274 39.51 -26.67 3.97
N ILE A 275 38.39 -27.04 3.39
CA ILE A 275 37.19 -27.29 4.19
C ILE A 275 37.24 -28.69 4.76
N VAL A 276 37.48 -28.79 6.06
CA VAL A 276 37.70 -30.10 6.69
C VAL A 276 36.40 -30.75 7.19
N SER A 277 35.43 -29.93 7.58
CA SER A 277 34.11 -30.44 7.95
C SER A 277 33.13 -29.32 8.22
N TRP A 278 31.87 -29.68 8.39
CA TRP A 278 30.79 -28.75 8.74
C TRP A 278 29.74 -29.59 9.44
N ALA A 279 28.83 -28.93 10.15
CA ALA A 279 27.73 -29.60 10.83
C ALA A 279 26.56 -28.64 11.00
N THR A 280 25.34 -29.18 11.04
CA THR A 280 24.19 -28.37 11.43
C THR A 280 23.36 -29.13 12.45
N VAL A 281 22.80 -28.42 13.41
CA VAL A 281 22.06 -29.07 14.49
C VAL A 281 20.97 -28.16 14.99
N GLY A 282 19.79 -28.73 15.27
CA GLY A 282 18.70 -27.96 15.83
C GLY A 282 18.75 -27.88 17.36
N VAL A 283 18.10 -26.85 17.90
CA VAL A 283 17.94 -26.67 19.34
C VAL A 283 16.55 -26.12 19.59
N ASP A 284 16.25 -25.83 20.85
CA ASP A 284 14.97 -25.23 21.21
C ASP A 284 14.90 -23.82 20.62
N PRO A 285 13.80 -23.52 19.88
CA PRO A 285 13.60 -22.16 19.37
C PRO A 285 13.69 -21.13 20.47
N LYS A 286 13.02 -21.39 21.58
CA LYS A 286 13.10 -20.53 22.76
C LYS A 286 14.53 -20.04 23.06
N VAL A 287 15.53 -20.86 22.74
CA VAL A 287 16.92 -20.52 23.03
C VAL A 287 17.84 -20.75 21.84
N MET A 288 17.41 -20.24 20.69
CA MET A 288 18.11 -20.46 19.42
C MET A 288 19.56 -19.99 19.50
N GLY A 289 19.80 -19.01 20.35
CA GLY A 289 21.12 -18.43 20.52
C GLY A 289 22.16 -19.47 20.90
N THR A 290 21.69 -20.59 21.44
CA THR A 290 22.58 -21.65 21.90
C THR A 290 23.01 -22.59 20.78
N GLY A 291 22.46 -22.39 19.58
CA GLY A 291 22.71 -23.27 18.46
C GLY A 291 24.16 -23.59 18.12
N PRO A 292 25.07 -22.61 18.27
CA PRO A 292 26.46 -22.89 17.87
C PRO A 292 27.14 -23.93 18.77
N ILE A 293 26.59 -24.17 19.97
CA ILE A 293 27.20 -25.11 20.90
C ILE A 293 27.25 -26.55 20.38
N PRO A 294 26.08 -27.14 20.07
CA PRO A 294 26.06 -28.48 19.47
C PRO A 294 26.63 -28.52 18.03
N ALA A 295 26.47 -27.44 17.27
CA ALA A 295 26.99 -27.44 15.90
C ALA A 295 28.52 -27.48 15.87
N SER A 296 29.16 -26.69 16.72
CA SER A 296 30.61 -26.66 16.77
C SER A 296 31.22 -27.99 17.23
N ARG A 297 30.66 -28.55 18.30
CA ARG A 297 31.10 -29.83 18.83
C ARG A 297 30.98 -30.94 17.77
N LYS A 298 29.84 -30.98 17.10
CA LYS A 298 29.66 -31.96 16.02
C LYS A 298 30.64 -31.70 14.85
N ALA A 299 30.90 -30.43 14.53
CA ALA A 299 31.86 -30.10 13.47
C ALA A 299 33.29 -30.53 13.85
N LEU A 300 33.70 -30.20 15.06
CA LEU A 300 35.02 -30.57 15.56
C LEU A 300 35.17 -32.09 15.65
N GLU A 301 34.10 -32.75 16.07
CA GLU A 301 34.09 -34.21 16.18
C GLU A 301 34.24 -34.83 14.80
N ARG A 302 33.63 -34.20 13.79
CA ARG A 302 33.73 -34.67 12.42
C ARG A 302 35.11 -34.42 11.82
N ALA A 303 35.76 -33.34 12.25
CA ALA A 303 37.09 -33.02 11.77
C ALA A 303 38.16 -33.81 12.53
N GLY A 304 37.80 -34.30 13.71
CA GLY A 304 38.73 -34.96 14.61
C GLY A 304 39.54 -33.99 15.45
N TRP A 305 38.98 -32.83 15.76
CA TRP A 305 39.72 -31.80 16.49
C TRP A 305 39.23 -31.63 17.91
N LYS A 306 40.13 -31.19 18.78
CA LYS A 306 39.75 -30.74 20.11
C LYS A 306 39.45 -29.25 20.02
N ILE A 307 38.60 -28.76 20.92
CA ILE A 307 38.33 -27.34 20.98
C ILE A 307 39.65 -26.61 21.13
N GLY A 308 40.56 -27.21 21.89
CA GLY A 308 41.89 -26.67 22.12
C GLY A 308 42.79 -26.56 20.90
N ASP A 309 42.48 -27.30 19.84
CA ASP A 309 43.30 -27.25 18.63
C ASP A 309 43.03 -26.01 17.75
N LEU A 310 41.92 -25.33 17.99
CA LEU A 310 41.57 -24.15 17.20
C LEU A 310 42.54 -23.00 17.45
N ASP A 311 42.96 -22.34 16.37
CA ASP A 311 43.82 -21.16 16.48
C ASP A 311 43.02 -19.84 16.35
N LEU A 312 41.92 -19.85 15.61
CA LEU A 312 41.11 -18.67 15.47
C LEU A 312 39.66 -19.08 15.37
N VAL A 313 38.73 -18.24 15.84
CA VAL A 313 37.32 -18.59 15.76
C VAL A 313 36.46 -17.37 15.49
N GLU A 314 35.50 -17.54 14.59
CA GLU A 314 34.49 -16.52 14.30
C GLU A 314 33.14 -17.04 14.75
N ALA A 315 32.57 -16.42 15.78
CA ALA A 315 31.27 -16.83 16.31
C ALA A 315 30.26 -15.69 16.27
N HIS A 316 29.29 -15.81 15.37
CA HIS A 316 28.31 -14.75 15.09
C HIS A 316 27.75 -14.05 16.33
N GLU A 317 27.78 -12.72 16.32
CA GLU A 317 27.31 -11.93 17.48
C GLU A 317 25.86 -11.48 17.32
N ALA A 318 24.94 -12.43 17.29
CA ALA A 318 23.52 -12.13 17.30
C ALA A 318 23.17 -11.21 18.47
N PHE A 319 23.51 -11.64 19.68
CA PHE A 319 23.30 -10.85 20.89
C PHE A 319 24.41 -11.10 21.91
N ALA A 320 24.82 -10.06 22.62
CA ALA A 320 25.86 -10.20 23.63
C ALA A 320 25.51 -11.39 24.53
N ALA A 321 24.25 -11.45 24.97
CA ALA A 321 23.78 -12.55 25.81
C ALA A 321 24.12 -13.93 25.24
N GLN A 322 23.68 -14.22 24.03
CA GLN A 322 23.95 -15.54 23.47
C GLN A 322 25.43 -15.81 23.17
N ALA A 323 26.16 -14.80 22.69
CA ALA A 323 27.60 -14.97 22.46
C ALA A 323 28.41 -15.30 23.74
N CYS A 324 28.08 -14.63 24.85
CA CYS A 324 28.72 -14.95 26.14
C CYS A 324 28.44 -16.40 26.57
N ALA A 325 27.20 -16.86 26.36
CA ALA A 325 26.82 -18.23 26.68
C ALA A 325 27.58 -19.25 25.85
N VAL A 326 27.66 -19.01 24.55
CA VAL A 326 28.38 -19.91 23.67
C VAL A 326 29.82 -20.04 24.14
N ASN A 327 30.52 -18.92 24.23
CA ASN A 327 31.88 -18.92 24.76
C ASN A 327 31.96 -19.64 26.12
N LYS A 328 30.99 -19.42 26.99
CA LYS A 328 31.00 -20.01 28.33
C LYS A 328 30.92 -21.54 28.31
N ASP A 329 30.02 -22.09 27.50
CA ASP A 329 29.84 -23.52 27.43
C ASP A 329 30.95 -24.19 26.61
N LEU A 330 31.39 -23.53 25.54
CA LEU A 330 32.42 -24.11 24.70
C LEU A 330 33.78 -23.99 25.33
N GLY A 331 34.02 -22.87 26.01
CA GLY A 331 35.20 -22.74 26.86
C GLY A 331 36.47 -22.36 26.14
N TRP A 332 36.42 -22.09 24.84
CA TRP A 332 37.63 -21.72 24.11
C TRP A 332 38.12 -20.35 24.54
N ASP A 333 39.42 -20.13 24.46
CA ASP A 333 40.01 -18.85 24.79
C ASP A 333 39.27 -17.73 24.08
N PRO A 334 38.54 -16.88 24.84
CA PRO A 334 37.83 -15.77 24.18
C PRO A 334 38.77 -14.86 23.40
N SER A 335 40.07 -14.86 23.71
CA SER A 335 41.02 -14.03 22.97
C SER A 335 41.41 -14.59 21.59
N ILE A 336 40.80 -15.69 21.16
CA ILE A 336 40.93 -16.08 19.75
C ILE A 336 39.60 -15.96 19.03
N VAL A 337 38.60 -15.39 19.70
CA VAL A 337 37.26 -15.29 19.14
C VAL A 337 36.94 -13.86 18.71
N ASN A 338 36.54 -13.69 17.46
CA ASN A 338 36.15 -12.37 16.94
C ASN A 338 37.26 -11.34 17.22
N VAL A 339 38.45 -11.78 16.88
CA VAL A 339 39.67 -11.03 17.05
C VAL A 339 39.57 -9.64 16.42
N ASN A 340 38.64 -9.49 15.48
CA ASN A 340 38.47 -8.21 14.79
C ASN A 340 37.09 -7.59 15.00
N GLY A 341 36.40 -8.03 16.05
CA GLY A 341 35.06 -7.56 16.32
C GLY A 341 34.06 -8.47 15.64
N GLY A 342 32.79 -8.30 15.99
CA GLY A 342 31.71 -9.11 15.44
C GLY A 342 30.48 -8.30 15.08
N ALA A 343 29.35 -9.00 14.99
CA ALA A 343 28.13 -8.42 14.40
C ALA A 343 27.49 -7.26 15.18
N ILE A 344 27.83 -7.12 16.46
CA ILE A 344 27.33 -5.98 17.21
C ILE A 344 27.92 -4.70 16.61
N ALA A 345 29.18 -4.79 16.19
CA ALA A 345 29.90 -3.66 15.61
C ALA A 345 29.74 -3.59 14.10
N ILE A 346 29.97 -4.73 13.44
CA ILE A 346 29.99 -4.79 11.98
C ILE A 346 28.61 -4.88 11.29
N GLY A 347 27.65 -5.52 11.95
CA GLY A 347 26.31 -5.60 11.41
C GLY A 347 25.89 -7.01 11.05
N HIS A 348 24.60 -7.21 10.80
CA HIS A 348 24.05 -8.54 10.57
C HIS A 348 23.10 -8.59 9.37
N PRO A 349 23.66 -8.61 8.14
CA PRO A 349 22.81 -8.82 6.97
C PRO A 349 22.48 -10.31 6.84
N ILE A 350 21.31 -10.70 7.34
CA ILE A 350 20.95 -12.11 7.58
C ILE A 350 21.56 -13.14 6.62
N GLY A 351 21.13 -13.14 5.36
CA GLY A 351 21.54 -14.16 4.41
C GLY A 351 23.02 -14.18 4.10
N ALA A 352 23.68 -13.05 4.30
CA ALA A 352 25.09 -12.89 3.94
C ALA A 352 26.04 -13.15 5.10
N SER A 353 25.54 -12.98 6.32
CA SER A 353 26.43 -12.93 7.48
C SER A 353 27.31 -14.17 7.62
N GLY A 354 26.78 -15.34 7.27
CA GLY A 354 27.53 -16.58 7.41
C GLY A 354 28.74 -16.64 6.51
N ALA A 355 28.61 -16.05 5.32
CA ALA A 355 29.75 -15.90 4.41
C ALA A 355 30.61 -14.73 4.87
N ARG A 356 29.94 -13.71 5.40
CA ARG A 356 30.61 -12.57 5.97
C ARG A 356 31.62 -12.99 7.03
N ILE A 357 31.23 -13.87 7.95
CA ILE A 357 32.16 -14.27 8.99
C ILE A 357 33.18 -15.27 8.43
N LEU A 358 32.80 -16.00 7.38
CA LEU A 358 33.74 -16.86 6.67
C LEU A 358 34.87 -16.00 6.12
N ASN A 359 34.52 -14.85 5.54
CA ASN A 359 35.51 -13.96 4.94
C ASN A 359 36.50 -13.44 6.00
N THR A 360 35.98 -12.93 7.10
CA THR A 360 36.83 -12.38 8.15
C THR A 360 37.79 -13.42 8.75
N LEU A 361 37.32 -14.65 8.88
CA LEU A 361 38.11 -15.74 9.43
C LEU A 361 39.22 -16.14 8.45
N LEU A 362 38.86 -16.26 7.17
CA LEU A 362 39.80 -16.66 6.13
C LEU A 362 40.94 -15.67 5.98
N PHE A 363 40.63 -14.38 5.94
CA PHE A 363 41.70 -13.39 5.74
C PHE A 363 42.54 -13.17 7.01
N GLU A 364 41.91 -13.23 8.18
CA GLU A 364 42.66 -13.14 9.44
C GLU A 364 43.54 -14.37 9.65
N MET A 365 43.05 -15.56 9.29
CA MET A 365 43.87 -16.77 9.36
C MET A 365 45.13 -16.65 8.52
N LYS A 366 44.99 -16.05 7.33
CA LYS A 366 46.10 -15.93 6.42
C LYS A 366 47.12 -14.93 6.93
N ARG A 367 46.62 -13.81 7.46
CA ARG A 367 47.54 -12.79 7.94
C ARG A 367 48.32 -13.24 9.19
N ARG A 368 47.66 -13.95 10.09
CA ARG A 368 48.35 -14.35 11.33
C ARG A 368 49.03 -15.71 11.25
N GLY A 369 48.78 -16.44 10.17
CA GLY A 369 49.40 -17.74 9.97
C GLY A 369 48.72 -18.85 10.75
N ALA A 370 47.51 -18.62 11.24
CA ALA A 370 46.76 -19.67 11.96
C ALA A 370 46.46 -20.91 11.09
N ARG A 371 46.60 -22.08 11.68
CA ARG A 371 46.42 -23.32 10.95
C ARG A 371 44.96 -23.82 10.92
N LYS A 372 44.27 -23.69 12.04
CA LYS A 372 42.92 -24.25 12.17
C LYS A 372 41.91 -23.23 12.69
N GLY A 373 40.76 -23.14 12.04
CA GLY A 373 39.80 -22.13 12.42
C GLY A 373 38.40 -22.65 12.40
N LEU A 374 37.48 -21.91 13.01
CA LEU A 374 36.10 -22.33 12.97
C LEU A 374 35.17 -21.13 12.83
N ALA A 375 34.12 -21.28 12.02
CA ALA A 375 33.07 -20.29 11.90
C ALA A 375 31.75 -20.90 12.34
N THR A 376 30.90 -20.15 13.03
CA THR A 376 29.68 -20.73 13.55
C THR A 376 28.58 -19.69 13.78
N LEU A 377 27.35 -20.02 13.43
CA LEU A 377 26.22 -19.11 13.67
C LEU A 377 25.05 -19.77 14.35
N CYS A 378 24.40 -19.04 15.26
CA CYS A 378 23.06 -19.39 15.72
C CYS A 378 22.05 -19.03 14.63
N ILE A 379 20.86 -19.61 14.72
CA ILE A 379 19.86 -19.52 13.67
C ILE A 379 18.45 -19.47 14.27
N GLY A 380 17.68 -18.45 13.93
CA GLY A 380 16.33 -18.30 14.44
C GLY A 380 15.49 -19.52 14.11
N GLY A 381 14.60 -19.90 15.02
CA GLY A 381 13.83 -21.12 14.86
C GLY A 381 14.53 -22.31 15.51
N GLY A 382 15.74 -22.07 16.01
CA GLY A 382 16.47 -23.05 16.80
C GLY A 382 17.43 -23.97 16.07
N MET A 383 18.49 -23.42 15.52
CA MET A 383 19.48 -24.25 14.84
C MET A 383 20.87 -23.67 15.02
N GLY A 384 21.86 -24.41 14.59
CA GLY A 384 23.23 -23.93 14.52
C GLY A 384 23.93 -24.54 13.32
N VAL A 385 24.91 -23.81 12.78
CA VAL A 385 25.77 -24.33 11.73
C VAL A 385 27.20 -23.95 12.08
N ALA A 386 28.14 -24.83 11.77
CA ALA A 386 29.55 -24.52 11.94
C ALA A 386 30.35 -25.20 10.83
N MET A 387 31.55 -24.69 10.57
CA MET A 387 32.43 -25.22 9.54
C MET A 387 33.90 -25.09 9.99
N CYS A 388 34.68 -26.15 9.80
CA CYS A 388 36.09 -26.14 10.18
C CYS A 388 36.97 -25.93 8.97
N ILE A 389 37.89 -24.97 9.07
CA ILE A 389 38.82 -24.67 7.98
C ILE A 389 40.26 -24.87 8.44
N GLU A 390 41.07 -25.51 7.60
CA GLU A 390 42.51 -25.63 7.85
C GLU A 390 43.34 -24.94 6.76
N SER A 391 44.42 -24.28 7.15
CA SER A 391 45.32 -23.66 6.17
C SER A 391 46.08 -24.72 5.38
N LEU A 392 46.32 -24.44 4.09
CA LEU A 392 47.07 -25.35 3.23
C LEU A 392 48.55 -25.19 3.44
N SER B 4 22.90 -47.00 -4.13
CA SER B 4 23.42 -46.06 -3.14
C SER B 4 22.28 -45.37 -2.38
N ILE B 5 21.52 -44.53 -3.08
CA ILE B 5 20.44 -43.76 -2.45
C ILE B 5 19.06 -44.09 -3.02
N VAL B 6 18.09 -44.40 -2.14
CA VAL B 6 16.74 -44.77 -2.61
C VAL B 6 15.69 -43.81 -2.11
N ILE B 7 14.54 -43.83 -2.78
CA ILE B 7 13.36 -43.14 -2.28
C ILE B 7 12.45 -44.18 -1.60
N ALA B 8 12.42 -44.15 -0.27
CA ALA B 8 11.74 -45.18 0.51
C ALA B 8 10.23 -45.05 0.36
N SER B 9 9.76 -43.81 0.33
CA SER B 9 8.33 -43.54 0.20
C SER B 9 8.14 -42.13 -0.36
N ALA B 10 6.92 -41.86 -0.84
CA ALA B 10 6.57 -40.53 -1.37
C ALA B 10 5.12 -40.22 -1.15
N ALA B 11 4.76 -38.95 -1.33
CA ALA B 11 3.41 -38.50 -1.09
C ALA B 11 3.21 -37.05 -1.56
N ARG B 12 1.98 -36.72 -1.94
CA ARG B 12 1.67 -35.35 -2.30
C ARG B 12 0.25 -35.05 -1.87
N THR B 13 -0.06 -33.78 -1.63
CA THR B 13 -1.44 -33.38 -1.49
C THR B 13 -2.03 -33.38 -2.89
N ALA B 14 -3.35 -33.39 -2.99
CA ALA B 14 -4.00 -33.05 -4.24
C ALA B 14 -3.55 -31.65 -4.56
N VAL B 15 -3.64 -31.26 -5.82
CA VAL B 15 -3.31 -29.90 -6.22
C VAL B 15 -4.57 -29.05 -6.23
N GLY B 16 -4.52 -27.89 -5.58
CA GLY B 16 -5.67 -27.03 -5.49
C GLY B 16 -5.70 -25.96 -6.57
N SER B 17 -6.90 -25.57 -6.97
CA SER B 17 -7.06 -24.50 -7.94
C SER B 17 -6.75 -23.17 -7.26
N PHE B 18 -6.33 -22.20 -8.06
CA PHE B 18 -6.02 -20.87 -7.55
C PHE B 18 -7.20 -20.35 -6.71
N ASN B 19 -6.91 -19.84 -5.53
CA ASN B 19 -7.95 -19.40 -4.60
C ASN B 19 -9.07 -20.44 -4.48
N GLY B 20 -8.72 -21.71 -4.60
CA GLY B 20 -9.69 -22.78 -4.49
C GLY B 20 -9.71 -23.46 -3.13
N ALA B 21 -9.51 -24.78 -3.14
CA ALA B 21 -9.58 -25.61 -1.94
C ALA B 21 -8.61 -25.16 -0.85
N PHE B 22 -7.47 -24.59 -1.25
CA PHE B 22 -6.48 -24.14 -0.29
C PHE B 22 -6.32 -22.61 -0.24
N ALA B 23 -7.39 -21.90 -0.57
CA ALA B 23 -7.36 -20.43 -0.69
C ALA B 23 -6.68 -19.72 0.49
N ASN B 24 -6.84 -20.27 1.69
CA ASN B 24 -6.29 -19.67 2.90
C ASN B 24 -5.53 -20.72 3.69
N THR B 25 -4.84 -21.60 2.99
CA THR B 25 -4.01 -22.60 3.64
C THR B 25 -2.55 -22.34 3.29
N PRO B 26 -1.77 -21.89 4.28
CA PRO B 26 -0.34 -21.63 4.17
C PRO B 26 0.38 -22.87 3.69
N ALA B 27 1.45 -22.67 2.93
CA ALA B 27 2.17 -23.78 2.32
C ALA B 27 2.76 -24.77 3.32
N HIS B 28 3.32 -24.26 4.42
CA HIS B 28 3.91 -25.13 5.45
C HIS B 28 2.90 -26.08 6.10
N GLU B 29 1.61 -25.76 6.02
CA GLU B 29 0.59 -26.70 6.50
C GLU B 29 0.44 -27.88 5.55
N LEU B 30 0.44 -27.59 4.25
CA LEU B 30 0.45 -28.64 3.24
C LEU B 30 1.73 -29.45 3.35
N GLY B 31 2.85 -28.79 3.60
CA GLY B 31 4.09 -29.52 3.77
C GLY B 31 4.01 -30.47 4.94
N ALA B 32 3.41 -29.99 6.04
CA ALA B 32 3.32 -30.78 7.28
C ALA B 32 2.56 -32.09 7.07
N THR B 33 1.42 -32.02 6.38
CA THR B 33 0.68 -33.25 6.08
C THR B 33 1.52 -34.22 5.26
N VAL B 34 2.31 -33.66 4.34
CA VAL B 34 3.13 -34.47 3.45
C VAL B 34 4.36 -35.07 4.14
N ILE B 35 4.95 -34.32 5.07
CA ILE B 35 6.03 -34.89 5.85
C ILE B 35 5.48 -36.08 6.66
N SER B 36 4.34 -35.89 7.30
CA SER B 36 3.70 -36.98 8.05
C SER B 36 3.40 -38.21 7.19
N ALA B 37 2.93 -37.99 5.96
CA ALA B 37 2.59 -39.12 5.10
C ALA B 37 3.79 -39.99 4.71
N VAL B 38 4.92 -39.37 4.35
CA VAL B 38 6.05 -40.16 3.87
C VAL B 38 6.67 -40.99 5.00
N LEU B 39 6.72 -40.38 6.18
CA LEU B 39 7.11 -41.09 7.40
C LEU B 39 6.20 -42.29 7.62
N GLU B 40 4.89 -42.05 7.68
CA GLU B 40 3.92 -43.14 7.89
C GLU B 40 4.03 -44.22 6.83
N ARG B 41 4.09 -43.81 5.56
CA ARG B 41 4.08 -44.77 4.46
C ARG B 41 5.31 -45.65 4.45
N ALA B 42 6.38 -45.15 5.05
CA ALA B 42 7.68 -45.83 5.02
C ALA B 42 7.94 -46.68 6.25
N GLY B 43 7.19 -46.43 7.33
CA GLY B 43 7.43 -47.11 8.59
C GLY B 43 8.52 -46.43 9.41
N VAL B 44 8.74 -45.15 9.12
CA VAL B 44 9.78 -44.36 9.77
C VAL B 44 9.19 -43.35 10.75
N ALA B 45 9.81 -43.23 11.91
CA ALA B 45 9.34 -42.29 12.93
C ALA B 45 9.93 -40.90 12.73
N ALA B 46 9.13 -39.88 13.01
CA ALA B 46 9.57 -38.50 12.89
C ALA B 46 10.88 -38.21 13.64
N GLY B 47 11.05 -38.81 14.81
CA GLY B 47 12.25 -38.59 15.59
C GLY B 47 13.50 -39.12 14.91
N GLU B 48 13.35 -39.79 13.78
CA GLU B 48 14.47 -40.33 13.04
C GLU B 48 14.93 -39.40 11.93
N VAL B 49 14.14 -38.38 11.64
CA VAL B 49 14.47 -37.48 10.55
C VAL B 49 15.60 -36.54 10.94
N ASN B 50 16.61 -36.46 10.08
CA ASN B 50 17.76 -35.61 10.34
C ASN B 50 17.49 -34.22 9.83
N GLU B 51 16.97 -34.14 8.61
CA GLU B 51 16.75 -32.85 7.98
C GLU B 51 15.56 -32.89 7.01
N VAL B 52 14.83 -31.77 6.96
CA VAL B 52 13.76 -31.56 6.00
C VAL B 52 14.16 -30.42 5.04
N ILE B 53 14.04 -30.67 3.72
CA ILE B 53 14.49 -29.70 2.71
C ILE B 53 13.36 -29.43 1.73
N LEU B 54 12.91 -28.18 1.67
CA LEU B 54 11.72 -27.86 0.89
C LEU B 54 11.89 -26.73 -0.09
N GLY B 55 11.65 -27.03 -1.36
CA GLY B 55 11.54 -26.00 -2.38
C GLY B 55 10.32 -25.13 -2.12
N GLN B 56 10.52 -23.83 -2.20
CA GLN B 56 9.45 -22.85 -2.04
C GLN B 56 9.91 -21.59 -2.74
N VAL B 57 9.06 -21.07 -3.60
CA VAL B 57 9.41 -19.94 -4.43
C VAL B 57 8.80 -18.65 -3.88
N LEU B 58 7.69 -18.78 -3.16
CA LEU B 58 6.96 -17.57 -2.73
C LEU B 58 6.64 -17.60 -1.25
N PRO B 59 7.65 -17.36 -0.40
CA PRO B 59 7.46 -17.46 1.04
C PRO B 59 7.04 -16.14 1.69
N ALA B 60 7.03 -15.04 0.94
CA ALA B 60 6.74 -13.73 1.53
C ALA B 60 5.58 -13.79 2.51
N GLY B 61 5.79 -13.25 3.71
CA GLY B 61 4.74 -13.12 4.70
C GLY B 61 4.47 -14.36 5.54
N GLU B 62 5.03 -15.51 5.17
CA GLU B 62 4.76 -16.74 5.90
C GLU B 62 5.47 -16.86 7.26
N GLY B 63 6.46 -16.00 7.48
CA GLY B 63 7.23 -16.06 8.72
C GLY B 63 8.59 -16.72 8.49
N GLN B 64 9.35 -16.90 9.56
CA GLN B 64 10.71 -17.44 9.48
C GLN B 64 10.72 -18.88 8.98
N ASN B 65 11.48 -19.13 7.93
CA ASN B 65 11.79 -20.49 7.49
C ASN B 65 10.60 -21.44 7.53
N PRO B 66 9.66 -21.27 6.58
CA PRO B 66 8.48 -22.15 6.46
C PRO B 66 8.85 -23.63 6.48
N ALA B 67 9.95 -24.01 5.83
CA ALA B 67 10.41 -25.41 5.88
C ALA B 67 10.46 -25.94 7.31
N ARG B 68 11.07 -25.15 8.21
CA ARG B 68 11.16 -25.49 9.63
C ARG B 68 9.79 -25.48 10.31
N GLN B 69 8.91 -24.58 9.89
CA GLN B 69 7.53 -24.59 10.37
C GLN B 69 6.78 -25.89 9.98
N ALA B 70 6.90 -26.31 8.72
CA ALA B 70 6.28 -27.57 8.30
C ALA B 70 6.85 -28.73 9.11
N ALA B 71 8.16 -28.77 9.22
CA ALA B 71 8.80 -29.86 9.94
C ALA B 71 8.32 -29.92 11.39
N MET B 72 8.28 -28.77 12.05
CA MET B 72 7.92 -28.75 13.47
C MET B 72 6.46 -29.12 13.67
N LYS B 73 5.61 -28.69 12.74
CA LYS B 73 4.20 -29.02 12.85
C LYS B 73 3.98 -30.50 12.58
N ALA B 74 4.91 -31.09 11.87
CA ALA B 74 4.84 -32.50 11.51
C ALA B 74 5.24 -33.39 12.67
N GLY B 75 5.81 -32.79 13.71
CA GLY B 75 6.29 -33.57 14.83
C GLY B 75 7.75 -33.96 14.68
N VAL B 76 8.38 -33.56 13.58
CA VAL B 76 9.83 -33.67 13.47
C VAL B 76 10.42 -32.92 14.66
N PRO B 77 11.36 -33.54 15.38
CA PRO B 77 11.88 -32.97 16.63
C PRO B 77 12.83 -31.79 16.44
N GLN B 78 12.89 -30.93 17.46
CA GLN B 78 13.65 -29.69 17.41
C GLN B 78 15.14 -29.91 17.14
N GLU B 79 15.63 -31.11 17.44
CA GLU B 79 17.04 -31.45 17.23
C GLU B 79 17.40 -31.51 15.77
N ALA B 80 16.41 -31.78 14.93
CA ALA B 80 16.62 -31.86 13.49
C ALA B 80 16.79 -30.48 12.87
N THR B 81 17.10 -30.44 11.58
CA THR B 81 17.19 -29.15 10.88
C THR B 81 16.30 -29.08 9.64
N ALA B 82 16.05 -27.86 9.20
CA ALA B 82 15.18 -27.66 8.05
C ALA B 82 15.59 -26.39 7.33
N TRP B 83 15.42 -26.37 6.02
CA TRP B 83 15.68 -25.19 5.21
C TRP B 83 14.93 -25.19 3.89
N GLY B 84 14.67 -24.00 3.35
CA GLY B 84 14.06 -23.87 2.04
C GLY B 84 15.06 -23.52 0.93
N MET B 85 14.65 -23.72 -0.32
CA MET B 85 15.51 -23.36 -1.43
C MET B 85 14.69 -22.97 -2.65
N ASN B 86 15.32 -22.25 -3.57
CA ASN B 86 14.60 -21.69 -4.68
C ASN B 86 15.40 -21.76 -5.96
N GLN B 87 14.97 -22.67 -6.81
CA GLN B 87 15.42 -22.75 -8.20
C GLN B 87 14.13 -22.81 -9.02
N LEU B 88 13.20 -21.92 -8.68
CA LEU B 88 11.96 -21.74 -9.42
C LEU B 88 11.18 -23.04 -9.66
N CYS B 89 10.79 -23.27 -10.90
CA CYS B 89 9.99 -24.45 -11.25
C CYS B 89 10.70 -25.77 -10.94
N GLY B 90 12.03 -25.75 -10.87
CA GLY B 90 12.76 -26.96 -10.58
C GLY B 90 12.90 -27.26 -9.10
N SER B 91 12.49 -26.32 -8.27
CA SER B 91 12.74 -26.40 -6.83
C SER B 91 12.41 -27.76 -6.19
N GLY B 92 11.22 -28.29 -6.48
CA GLY B 92 10.76 -29.52 -5.85
C GLY B 92 11.62 -30.74 -6.17
N LEU B 93 12.14 -30.79 -7.39
CA LEU B 93 13.06 -31.86 -7.78
C LEU B 93 14.48 -31.62 -7.26
N ARG B 94 15.03 -30.44 -7.47
CA ARG B 94 16.36 -30.12 -6.97
C ARG B 94 16.50 -30.47 -5.48
N ALA B 95 15.47 -30.16 -4.69
CA ALA B 95 15.48 -30.44 -3.24
C ALA B 95 15.74 -31.91 -2.93
N VAL B 96 15.20 -32.79 -3.76
CA VAL B 96 15.43 -34.22 -3.65
C VAL B 96 16.88 -34.57 -3.96
N ALA B 97 17.45 -33.95 -4.98
CA ALA B 97 18.86 -34.16 -5.33
C ALA B 97 19.75 -33.70 -4.20
N LEU B 98 19.42 -32.55 -3.64
CA LEU B 98 20.16 -32.01 -2.52
C LEU B 98 20.06 -32.92 -1.31
N GLY B 99 18.86 -33.40 -1.02
CA GLY B 99 18.66 -34.39 0.02
C GLY B 99 19.55 -35.59 -0.24
N MET B 100 19.55 -36.05 -1.47
CA MET B 100 20.32 -37.24 -1.79
C MET B 100 21.80 -36.99 -1.53
N GLN B 101 22.23 -35.73 -1.67
CA GLN B 101 23.63 -35.40 -1.44
C GLN B 101 24.04 -35.38 0.04
N GLN B 102 23.14 -34.98 0.93
CA GLN B 102 23.46 -34.99 2.36
C GLN B 102 23.84 -36.40 2.79
N ILE B 103 23.08 -37.36 2.28
CA ILE B 103 23.28 -38.76 2.59
C ILE B 103 24.56 -39.31 1.97
N ALA B 104 24.80 -38.98 0.70
CA ALA B 104 25.92 -39.53 -0.06
C ALA B 104 27.28 -39.15 0.54
N THR B 105 27.35 -37.94 1.06
CA THR B 105 28.58 -37.43 1.65
C THR B 105 28.68 -37.79 3.13
N GLY B 106 27.80 -38.68 3.59
CA GLY B 106 27.81 -39.12 4.98
C GLY B 106 27.36 -38.10 6.02
N ASP B 107 26.72 -37.02 5.59
CA ASP B 107 26.32 -35.97 6.53
C ASP B 107 24.95 -36.20 7.18
N ALA B 108 24.14 -37.08 6.60
CA ALA B 108 22.85 -37.41 7.20
C ALA B 108 22.41 -38.81 6.76
N SER B 109 21.53 -39.42 7.56
CA SER B 109 20.99 -40.75 7.28
C SER B 109 19.58 -40.71 6.67
N ILE B 110 18.76 -39.80 7.15
CA ILE B 110 17.37 -39.79 6.74
C ILE B 110 16.88 -38.39 6.42
N ILE B 111 16.38 -38.21 5.20
CA ILE B 111 16.02 -36.89 4.73
C ILE B 111 14.61 -36.90 4.20
N VAL B 112 13.84 -35.88 4.54
CA VAL B 112 12.58 -35.59 3.85
C VAL B 112 12.82 -34.42 2.89
N ALA B 113 12.55 -34.66 1.60
CA ALA B 113 12.83 -33.69 0.56
C ALA B 113 11.66 -33.54 -0.40
N GLY B 114 11.43 -32.32 -0.85
CA GLY B 114 10.33 -32.03 -1.75
C GLY B 114 10.15 -30.55 -1.91
N GLY B 115 8.90 -30.10 -1.96
CA GLY B 115 8.62 -28.67 -2.07
C GLY B 115 7.18 -28.37 -1.74
N MET B 116 6.84 -27.09 -1.67
CA MET B 116 5.51 -26.72 -1.26
C MET B 116 5.21 -25.33 -1.76
N GLU B 117 3.94 -25.02 -2.01
CA GLU B 117 3.60 -23.73 -2.58
C GLU B 117 2.14 -23.39 -2.39
N SER B 118 1.88 -22.22 -1.83
CA SER B 118 0.55 -21.65 -1.87
C SER B 118 0.65 -20.39 -2.70
N MET B 119 0.30 -20.49 -3.97
CA MET B 119 0.25 -19.32 -4.83
C MET B 119 -0.91 -18.43 -4.41
N SER B 120 -1.96 -19.04 -3.88
CA SER B 120 -3.14 -18.32 -3.42
C SER B 120 -2.77 -17.36 -2.29
N MET B 121 -1.88 -17.80 -1.39
CA MET B 121 -1.53 -17.01 -0.23
C MET B 121 -0.42 -15.97 -0.46
N ALA B 122 0.22 -15.99 -1.64
CA ALA B 122 1.21 -14.96 -1.97
C ALA B 122 0.60 -13.57 -1.88
N PRO B 123 1.31 -12.62 -1.22
CA PRO B 123 0.81 -11.26 -0.98
C PRO B 123 1.21 -10.24 -2.04
N HIS B 124 0.55 -9.10 -1.99
CA HIS B 124 0.99 -7.92 -2.71
C HIS B 124 1.97 -7.22 -1.79
N CYS B 125 2.85 -6.40 -2.33
CA CYS B 125 3.88 -5.79 -1.48
C CYS B 125 4.41 -4.50 -2.10
N ALA B 126 5.20 -3.78 -1.31
CA ALA B 126 5.81 -2.54 -1.76
C ALA B 126 6.96 -2.11 -0.85
N HIS B 127 8.02 -1.59 -1.44
CA HIS B 127 9.12 -1.05 -0.66
C HIS B 127 8.82 0.37 -0.22
N LEU B 128 8.69 0.58 1.08
CA LEU B 128 8.25 1.88 1.58
C LEU B 128 9.11 2.46 2.70
N ARG B 129 10.33 1.96 2.85
CA ARG B 129 11.21 2.40 3.94
C ARG B 129 11.72 3.82 3.75
N GLY B 130 12.01 4.19 2.50
CA GLY B 130 12.52 5.52 2.22
C GLY B 130 11.40 6.50 1.96
N GLY B 131 10.17 6.02 2.18
CA GLY B 131 8.99 6.78 1.83
C GLY B 131 8.81 6.83 0.33
N VAL B 132 7.86 7.64 -0.10
CA VAL B 132 7.61 7.89 -1.51
C VAL B 132 7.28 9.37 -1.66
N LYS B 133 8.30 10.18 -1.90
CA LYS B 133 8.16 11.63 -1.94
C LYS B 133 6.81 12.05 -2.50
N MET B 134 6.59 11.74 -3.78
CA MET B 134 5.34 12.10 -4.44
C MET B 134 5.15 11.33 -5.74
N GLY B 135 3.89 11.03 -6.05
CA GLY B 135 3.55 10.30 -7.26
C GLY B 135 3.12 8.90 -6.93
N ASP B 136 2.47 8.24 -7.88
CA ASP B 136 1.95 6.91 -7.68
C ASP B 136 3.04 5.89 -7.45
N PHE B 137 2.64 4.76 -6.87
CA PHE B 137 3.52 3.59 -6.76
C PHE B 137 2.69 2.32 -6.82
N LYS B 138 3.25 1.28 -7.42
CA LYS B 138 2.54 0.02 -7.58
C LYS B 138 2.64 -0.83 -6.32
N MET B 139 1.52 -1.42 -5.91
CA MET B 139 1.57 -2.55 -4.99
C MET B 139 1.74 -3.79 -5.85
N ILE B 140 2.93 -4.38 -5.77
CA ILE B 140 3.33 -5.49 -6.64
C ILE B 140 2.79 -6.85 -6.16
N ASP B 141 2.34 -7.66 -7.10
CA ASP B 141 1.85 -8.99 -6.81
C ASP B 141 3.03 -9.97 -6.74
N THR B 142 3.41 -10.41 -5.54
CA THR B 142 4.62 -11.22 -5.39
C THR B 142 4.59 -12.49 -6.23
N MET B 143 3.39 -13.01 -6.46
CA MET B 143 3.24 -14.20 -7.28
C MET B 143 3.72 -13.95 -8.71
N ILE B 144 3.25 -12.85 -9.30
CA ILE B 144 3.59 -12.52 -10.68
C ILE B 144 5.06 -12.10 -10.78
N LYS B 145 5.48 -11.23 -9.86
CA LYS B 145 6.83 -10.69 -9.88
C LYS B 145 7.90 -11.73 -9.62
N ASP B 146 7.74 -12.48 -8.55
CA ASP B 146 8.80 -13.36 -8.09
C ASP B 146 8.65 -14.76 -8.67
N GLY B 147 7.50 -15.02 -9.28
CA GLY B 147 7.21 -16.34 -9.79
C GLY B 147 7.14 -16.49 -11.31
N LEU B 148 6.52 -15.53 -11.98
CA LEU B 148 6.08 -15.73 -13.36
C LEU B 148 6.68 -14.76 -14.39
N THR B 149 7.38 -13.73 -13.90
CA THR B 149 7.99 -12.74 -14.80
C THR B 149 9.49 -13.02 -14.95
N ASP B 150 10.00 -12.98 -16.18
CA ASP B 150 11.44 -13.08 -16.37
C ASP B 150 12.13 -11.81 -15.89
N ALA B 151 13.28 -11.99 -15.23
CA ALA B 151 13.95 -10.89 -14.56
C ALA B 151 14.84 -10.09 -15.50
N PHE B 152 15.11 -10.64 -16.67
CA PHE B 152 16.04 -10.01 -17.58
C PHE B 152 15.35 -9.30 -18.72
N TYR B 153 14.26 -9.88 -19.22
CA TYR B 153 13.55 -9.29 -20.35
C TYR B 153 12.19 -8.70 -19.93
N GLY B 154 11.77 -8.99 -18.71
CA GLY B 154 10.62 -8.32 -18.13
C GLY B 154 9.24 -8.86 -18.48
N TYR B 155 9.18 -9.83 -19.38
CA TYR B 155 7.89 -10.41 -19.75
C TYR B 155 7.57 -11.73 -19.02
N HIS B 156 6.30 -12.11 -19.09
CA HIS B 156 5.76 -13.33 -18.47
C HIS B 156 6.37 -14.59 -19.08
N MET B 157 6.29 -15.69 -18.36
CA MET B 157 6.81 -16.98 -18.85
C MET B 157 6.13 -17.40 -20.14
N GLY B 158 4.84 -17.09 -20.26
CA GLY B 158 4.05 -17.38 -21.45
C GLY B 158 4.58 -16.72 -22.72
N THR B 159 5.38 -15.68 -22.56
CA THR B 159 6.03 -15.05 -23.71
C THR B 159 7.24 -15.87 -24.16
N THR B 160 8.00 -16.40 -23.20
CA THR B 160 9.10 -17.29 -23.56
C THR B 160 8.54 -18.50 -24.29
N ALA B 161 7.25 -18.77 -24.07
CA ALA B 161 6.58 -19.89 -24.70
C ALA B 161 6.30 -19.56 -26.16
N GLU B 162 5.82 -18.35 -26.40
CA GLU B 162 5.72 -17.86 -27.76
C GLU B 162 7.04 -17.99 -28.49
N ASN B 163 8.10 -17.43 -27.90
CA ASN B 163 9.46 -17.54 -28.45
C ASN B 163 9.73 -18.94 -28.97
N VAL B 164 9.36 -19.96 -28.18
CA VAL B 164 9.62 -21.34 -28.55
C VAL B 164 8.71 -21.80 -29.68
N ALA B 165 7.45 -21.39 -29.63
CA ALA B 165 6.48 -21.72 -30.67
C ALA B 165 6.95 -21.21 -32.03
N LYS B 166 7.52 -20.01 -32.08
CA LYS B 166 8.04 -19.45 -33.33
C LYS B 166 9.29 -20.21 -33.76
N GLN B 167 10.18 -20.47 -32.81
CA GLN B 167 11.42 -21.18 -33.05
C GLN B 167 11.18 -22.57 -33.65
N TRP B 168 10.19 -23.31 -33.13
CA TRP B 168 9.90 -24.66 -33.59
C TRP B 168 8.72 -24.71 -34.56
N GLN B 169 8.14 -23.54 -34.84
CA GLN B 169 7.06 -23.42 -35.83
C GLN B 169 5.84 -24.22 -35.39
N LEU B 170 5.49 -24.12 -34.12
CA LEU B 170 4.41 -24.90 -33.54
C LEU B 170 3.06 -24.22 -33.65
N SER B 171 2.13 -24.86 -34.37
CA SER B 171 0.84 -24.24 -34.63
C SER B 171 -0.04 -24.14 -33.38
N ARG B 172 -0.95 -23.18 -33.41
CA ARG B 172 -1.98 -23.06 -32.40
C ARG B 172 -2.67 -24.41 -32.25
N ASP B 173 -3.00 -25.02 -33.38
CA ASP B 173 -3.71 -26.30 -33.41
C ASP B 173 -2.96 -27.44 -32.74
N GLU B 174 -1.66 -27.55 -33.02
CA GLU B 174 -0.87 -28.62 -32.41
C GLU B 174 -0.84 -28.50 -30.89
N GLN B 175 -0.72 -27.26 -30.40
CA GLN B 175 -0.68 -26.97 -28.97
C GLN B 175 -2.01 -27.25 -28.25
N ASP B 176 -3.11 -26.92 -28.92
CA ASP B 176 -4.44 -27.16 -28.34
C ASP B 176 -4.77 -28.65 -28.29
N ALA B 177 -4.36 -29.38 -29.31
CA ALA B 177 -4.51 -30.82 -29.30
C ALA B 177 -3.76 -31.38 -28.09
N PHE B 178 -2.52 -30.94 -27.90
CA PHE B 178 -1.72 -31.37 -26.75
C PHE B 178 -2.43 -31.03 -25.46
N ALA B 179 -3.06 -29.86 -25.44
CA ALA B 179 -3.79 -29.35 -24.29
C ALA B 179 -4.96 -30.25 -23.91
N VAL B 180 -5.83 -30.54 -24.87
CA VAL B 180 -6.92 -31.47 -24.67
C VAL B 180 -6.44 -32.89 -24.27
N ALA B 181 -5.38 -33.37 -24.92
CA ALA B 181 -4.88 -34.71 -24.62
C ALA B 181 -4.47 -34.80 -23.15
N SER B 182 -3.79 -33.76 -22.67
CA SER B 182 -3.33 -33.78 -21.28
C SER B 182 -4.50 -33.87 -20.31
N GLN B 183 -5.50 -33.02 -20.54
CA GLN B 183 -6.72 -32.98 -19.73
C GLN B 183 -7.40 -34.35 -19.73
N ASN B 184 -7.61 -34.90 -20.92
CA ASN B 184 -8.30 -36.18 -21.06
C ASN B 184 -7.55 -37.33 -20.39
N LYS B 185 -6.23 -37.37 -20.53
CA LYS B 185 -5.43 -38.40 -19.87
C LYS B 185 -5.54 -38.24 -18.35
N ALA B 186 -5.62 -37.01 -17.88
CA ALA B 186 -5.61 -36.80 -16.44
C ALA B 186 -6.96 -37.20 -15.87
N GLU B 187 -8.04 -36.82 -16.55
CA GLU B 187 -9.39 -37.19 -16.12
C GLU B 187 -9.58 -38.69 -16.12
N ALA B 188 -9.13 -39.37 -17.17
CA ALA B 188 -9.17 -40.83 -17.20
C ALA B 188 -8.37 -41.41 -16.02
N ALA B 189 -7.17 -40.91 -15.81
CA ALA B 189 -6.35 -41.41 -14.71
C ALA B 189 -7.03 -41.14 -13.37
N GLN B 190 -7.68 -39.99 -13.24
CA GLN B 190 -8.38 -39.65 -12.00
C GLN B 190 -9.54 -40.60 -11.70
N LYS B 191 -10.39 -40.84 -12.70
CA LYS B 191 -11.56 -41.70 -12.52
C LYS B 191 -11.16 -43.14 -12.21
N ASP B 192 -10.06 -43.57 -12.82
CA ASP B 192 -9.56 -44.93 -12.67
C ASP B 192 -8.94 -45.12 -11.31
N GLY B 193 -8.73 -44.01 -10.61
CA GLY B 193 -8.13 -44.03 -9.29
C GLY B 193 -6.61 -44.06 -9.31
N ARG B 194 -6.00 -43.71 -10.43
CA ARG B 194 -4.54 -43.77 -10.54
C ARG B 194 -3.79 -42.76 -9.65
N PHE B 195 -4.51 -41.78 -9.09
CA PHE B 195 -3.87 -40.80 -8.20
C PHE B 195 -4.02 -41.11 -6.71
N LYS B 196 -4.83 -42.12 -6.37
CA LYS B 196 -5.14 -42.41 -4.98
CA LYS B 196 -5.13 -42.41 -4.98
C LYS B 196 -3.89 -42.76 -4.15
N ASP B 197 -3.01 -43.58 -4.72
CA ASP B 197 -1.78 -44.01 -4.02
C ASP B 197 -0.93 -42.82 -3.60
N GLU B 198 -0.61 -41.96 -4.57
CA GLU B 198 0.36 -40.90 -4.34
C GLU B 198 -0.21 -39.79 -3.47
N ILE B 199 -1.50 -39.51 -3.64
CA ILE B 199 -2.14 -38.44 -2.88
C ILE B 199 -2.49 -38.84 -1.44
N VAL B 200 -2.10 -37.98 -0.51
CA VAL B 200 -2.57 -38.06 0.87
C VAL B 200 -3.65 -36.99 1.11
N PRO B 201 -4.76 -37.38 1.75
CA PRO B 201 -5.83 -36.39 1.95
C PRO B 201 -5.38 -35.26 2.85
N PHE B 202 -5.83 -34.04 2.55
CA PHE B 202 -5.56 -32.92 3.42
C PHE B 202 -6.86 -32.44 4.06
N ILE B 203 -6.83 -32.19 5.37
CA ILE B 203 -8.01 -31.69 6.06
C ILE B 203 -7.92 -30.18 6.16
N VAL B 204 -8.84 -29.50 5.47
CA VAL B 204 -8.98 -28.07 5.62
C VAL B 204 -9.85 -27.76 6.81
N LYS B 205 -9.23 -27.30 7.89
CA LYS B 205 -9.96 -27.02 9.12
C LYS B 205 -10.94 -25.88 8.94
N GLY B 206 -12.13 -26.05 9.50
CA GLY B 206 -13.16 -25.03 9.46
C GLY B 206 -13.85 -24.86 10.79
N ARG B 207 -14.77 -23.91 10.85
CA ARG B 207 -15.54 -23.65 12.07
C ARG B 207 -16.97 -24.12 11.84
N LYS B 208 -17.40 -24.06 10.59
CA LYS B 208 -18.71 -24.55 10.20
C LYS B 208 -18.57 -25.88 9.47
N GLY B 209 -17.39 -26.48 9.55
CA GLY B 209 -17.16 -27.81 9.02
C GLY B 209 -15.82 -28.01 8.34
N ASP B 210 -15.05 -28.99 8.84
CA ASP B 210 -13.82 -29.42 8.20
C ASP B 210 -14.12 -30.01 6.82
N ILE B 211 -13.20 -29.83 5.89
CA ILE B 211 -13.35 -30.39 4.55
C ILE B 211 -12.12 -31.22 4.18
N THR B 212 -12.34 -32.44 3.72
CA THR B 212 -11.25 -33.31 3.32
C THR B 212 -11.04 -33.24 1.82
N VAL B 213 -9.90 -32.71 1.41
CA VAL B 213 -9.57 -32.58 0.01
C VAL B 213 -8.64 -33.72 -0.40
N ASP B 214 -9.09 -34.56 -1.32
CA ASP B 214 -8.28 -35.68 -1.82
C ASP B 214 -8.36 -35.88 -3.33
N ALA B 215 -8.92 -34.91 -4.04
CA ALA B 215 -9.00 -34.98 -5.49
C ALA B 215 -8.41 -33.72 -6.14
N ASP B 216 -7.56 -33.92 -7.14
CA ASP B 216 -6.96 -32.83 -7.90
C ASP B 216 -8.04 -32.00 -8.59
N GLU B 217 -8.34 -30.82 -8.06
CA GLU B 217 -9.48 -30.04 -8.56
C GLU B 217 -9.25 -29.20 -9.83
N TYR B 218 -8.02 -29.16 -10.33
CA TYR B 218 -7.75 -28.31 -11.49
C TYR B 218 -8.05 -29.04 -12.79
N ILE B 219 -8.23 -30.36 -12.70
CA ILE B 219 -8.52 -31.17 -13.88
C ILE B 219 -9.93 -30.87 -14.41
N ARG B 220 -10.01 -30.46 -15.67
CA ARG B 220 -11.29 -30.18 -16.31
C ARG B 220 -11.93 -31.48 -16.77
N HIS B 221 -13.23 -31.63 -16.51
CA HIS B 221 -13.93 -32.84 -16.95
C HIS B 221 -14.61 -32.64 -18.29
N GLY B 222 -14.39 -33.58 -19.21
CA GLY B 222 -14.98 -33.53 -20.54
C GLY B 222 -14.53 -32.34 -21.38
N ALA B 223 -13.29 -31.92 -21.19
CA ALA B 223 -12.73 -30.79 -21.93
C ALA B 223 -12.83 -31.00 -23.44
N THR B 224 -13.23 -29.96 -24.16
CA THR B 224 -13.39 -30.02 -25.60
C THR B 224 -12.28 -29.26 -26.34
N LEU B 225 -11.98 -29.67 -27.57
CA LEU B 225 -11.07 -28.91 -28.41
C LEU B 225 -11.67 -27.52 -28.71
N ASP B 226 -12.99 -27.46 -28.85
CA ASP B 226 -13.69 -26.21 -29.12
C ASP B 226 -13.54 -25.19 -27.98
N SER B 227 -13.60 -25.66 -26.74
CA SER B 227 -13.41 -24.75 -25.63
C SER B 227 -11.99 -24.18 -25.71
N MET B 228 -11.06 -24.97 -26.23
CA MET B 228 -9.67 -24.58 -26.32
C MET B 228 -9.46 -23.59 -27.48
N ALA B 229 -10.05 -23.91 -28.64
CA ALA B 229 -9.87 -23.10 -29.84
C ALA B 229 -10.51 -21.70 -29.76
N LYS B 230 -11.50 -21.56 -28.89
CA LYS B 230 -12.23 -20.29 -28.79
C LYS B 230 -11.52 -19.24 -27.97
N LEU B 231 -10.49 -19.64 -27.22
CA LEU B 231 -9.74 -18.71 -26.37
C LEU B 231 -8.82 -17.81 -27.20
N ARG B 232 -8.51 -16.62 -26.67
CA ARG B 232 -7.60 -15.70 -27.34
C ARG B 232 -6.20 -15.85 -26.78
N PRO B 233 -5.18 -15.58 -27.62
CA PRO B 233 -3.81 -15.51 -27.08
C PRO B 233 -3.80 -14.62 -25.84
N ALA B 234 -2.96 -14.96 -24.87
CA ALA B 234 -2.97 -14.27 -23.59
C ALA B 234 -1.68 -13.50 -23.34
N PHE B 235 -0.71 -13.65 -24.24
CA PHE B 235 0.61 -13.06 -24.04
C PHE B 235 1.07 -12.24 -25.25
N ASP B 236 0.59 -12.61 -26.43
CA ASP B 236 0.88 -11.91 -27.67
C ASP B 236 -0.41 -11.76 -28.49
N LYS B 237 -0.76 -10.53 -28.85
CA LYS B 237 -2.06 -10.28 -29.47
C LYS B 237 -2.30 -11.16 -30.72
N GLU B 238 -1.28 -11.31 -31.56
CA GLU B 238 -1.36 -12.29 -32.62
C GLU B 238 -0.52 -13.51 -32.26
N GLY B 239 -0.76 -14.04 -31.07
CA GLY B 239 -0.01 -15.16 -30.54
C GLY B 239 -0.75 -16.49 -30.57
N THR B 240 -0.21 -17.46 -29.84
CA THR B 240 -0.68 -18.83 -29.93
C THR B 240 -0.88 -19.47 -28.55
N VAL B 241 -0.23 -18.92 -27.54
CA VAL B 241 -0.35 -19.45 -26.19
C VAL B 241 -1.55 -18.85 -25.49
N THR B 242 -2.38 -19.71 -24.92
CA THR B 242 -3.60 -19.29 -24.24
C THR B 242 -3.62 -19.80 -22.81
N ALA B 243 -4.59 -19.35 -22.04
CA ALA B 243 -4.77 -19.84 -20.69
C ALA B 243 -5.07 -21.34 -20.73
N GLY B 244 -5.69 -21.77 -21.82
CA GLY B 244 -6.09 -23.15 -21.98
C GLY B 244 -4.97 -24.10 -22.35
N ASN B 245 -3.94 -23.59 -23.02
CA ASN B 245 -2.82 -24.45 -23.37
C ASN B 245 -1.58 -24.18 -22.52
N ALA B 246 -1.78 -23.42 -21.45
CA ALA B 246 -0.72 -23.17 -20.49
C ALA B 246 -1.04 -23.87 -19.18
N SER B 247 -0.07 -23.93 -18.27
CA SER B 247 -0.36 -24.45 -16.95
C SER B 247 -1.13 -23.40 -16.17
N GLY B 248 -1.46 -23.74 -14.92
CA GLY B 248 -2.22 -22.81 -14.10
C GLY B 248 -1.46 -22.35 -12.87
N LEU B 249 -2.12 -21.53 -12.08
CA LEU B 249 -1.61 -21.10 -10.80
C LEU B 249 -2.29 -21.97 -9.75
N ASN B 250 -1.50 -22.66 -8.94
CA ASN B 250 -2.07 -23.66 -8.02
C ASN B 250 -1.39 -23.75 -6.65
N ASP B 251 -2.03 -24.48 -5.74
CA ASP B 251 -1.50 -24.72 -4.40
C ASP B 251 -1.27 -26.22 -4.19
N GLY B 252 -0.26 -26.58 -3.42
CA GLY B 252 0.10 -27.98 -3.29
C GLY B 252 1.42 -28.25 -2.63
N ALA B 253 1.59 -29.46 -2.11
CA ALA B 253 2.87 -29.91 -1.59
C ALA B 253 3.13 -31.35 -1.99
N ALA B 254 4.39 -31.76 -1.94
CA ALA B 254 4.79 -33.11 -2.34
C ALA B 254 6.18 -33.39 -1.80
N ALA B 255 6.42 -34.64 -1.40
CA ALA B 255 7.68 -34.96 -0.77
C ALA B 255 8.12 -36.39 -0.93
N ALA B 256 9.31 -36.68 -0.44
CA ALA B 256 9.92 -37.98 -0.54
C ALA B 256 10.88 -38.17 0.63
N LEU B 257 10.98 -39.41 1.11
CA LEU B 257 11.86 -39.73 2.23
C LEU B 257 13.07 -40.54 1.75
N LEU B 258 14.26 -39.98 1.92
CA LEU B 258 15.45 -40.60 1.36
C LEU B 258 16.25 -41.26 2.45
N MET B 259 16.96 -42.33 2.08
CA MET B 259 17.88 -43.02 2.98
C MET B 259 18.75 -43.88 2.09
N SER B 260 19.85 -44.40 2.62
CA SER B 260 20.70 -45.27 1.82
C SER B 260 19.96 -46.55 1.47
N GLU B 261 20.36 -47.17 0.36
CA GLU B 261 19.75 -48.44 -0.02
C GLU B 261 19.97 -49.46 1.09
N ALA B 262 21.19 -49.51 1.61
CA ALA B 262 21.50 -50.44 2.70
C ALA B 262 20.69 -50.14 3.95
N GLU B 263 20.38 -48.87 4.20
CA GLU B 263 19.58 -48.53 5.37
C GLU B 263 18.14 -49.01 5.14
N ALA B 264 17.68 -48.87 3.90
CA ALA B 264 16.40 -49.42 3.49
C ALA B 264 16.29 -50.93 3.74
N SER B 265 17.27 -51.67 3.22
CA SER B 265 17.30 -53.11 3.40
C SER B 265 17.26 -53.47 4.90
N ARG B 266 18.11 -52.83 5.70
CA ARG B 266 18.13 -53.08 7.14
C ARG B 266 16.75 -52.97 7.78
N ARG B 267 15.96 -52.00 7.31
CA ARG B 267 14.63 -51.76 7.86
C ARG B 267 13.54 -52.64 7.24
N GLY B 268 13.87 -53.33 6.15
CA GLY B 268 12.90 -54.17 5.46
C GLY B 268 11.95 -53.39 4.56
N ILE B 269 12.28 -52.13 4.29
CA ILE B 269 11.46 -51.34 3.38
C ILE B 269 11.74 -51.69 1.91
N GLN B 270 10.68 -51.80 1.13
CA GLN B 270 10.78 -52.01 -0.31
C GLN B 270 10.64 -50.65 -0.97
N PRO B 271 11.76 -50.05 -1.39
CA PRO B 271 11.79 -48.67 -1.86
C PRO B 271 11.06 -48.47 -3.19
N LEU B 272 10.56 -47.26 -3.39
CA LEU B 272 9.90 -46.86 -4.63
C LEU B 272 10.91 -46.74 -5.79
N GLY B 273 12.18 -46.57 -5.45
CA GLY B 273 13.18 -46.49 -6.47
C GLY B 273 14.55 -46.09 -5.98
N ARG B 274 15.55 -46.31 -6.83
CA ARG B 274 16.92 -45.88 -6.59
C ARG B 274 17.22 -44.67 -7.46
N ILE B 275 17.81 -43.64 -6.87
CA ILE B 275 18.19 -42.46 -7.63
C ILE B 275 19.53 -42.71 -8.33
N VAL B 276 19.54 -42.83 -9.65
CA VAL B 276 20.78 -43.17 -10.34
C VAL B 276 21.57 -41.95 -10.82
N SER B 277 20.89 -40.84 -11.10
CA SER B 277 21.60 -39.62 -11.45
C SER B 277 20.62 -38.46 -11.52
N TRP B 278 21.16 -37.25 -11.58
CA TRP B 278 20.38 -36.06 -11.86
C TRP B 278 21.31 -35.10 -12.57
N ALA B 279 20.75 -34.04 -13.13
CA ALA B 279 21.54 -32.98 -13.75
C ALA B 279 20.74 -31.68 -13.80
N THR B 280 21.45 -30.57 -13.78
CA THR B 280 20.85 -29.27 -14.02
C THR B 280 21.75 -28.53 -15.01
N VAL B 281 21.14 -27.83 -15.97
CA VAL B 281 21.89 -27.06 -16.96
C VAL B 281 21.12 -25.78 -17.28
N GLY B 282 21.84 -24.73 -17.69
CA GLY B 282 21.19 -23.47 -18.04
C GLY B 282 20.98 -23.32 -19.54
N VAL B 283 20.02 -22.47 -19.90
CA VAL B 283 19.74 -22.16 -21.30
C VAL B 283 19.51 -20.66 -21.38
N ASP B 284 19.05 -20.17 -22.52
CA ASP B 284 18.73 -18.75 -22.70
C ASP B 284 17.39 -18.49 -22.05
N PRO B 285 17.34 -17.53 -21.13
CA PRO B 285 16.08 -17.13 -20.47
C PRO B 285 14.94 -16.97 -21.47
N LYS B 286 15.24 -16.38 -22.61
CA LYS B 286 14.25 -16.15 -23.66
C LYS B 286 13.53 -17.41 -24.09
N VAL B 287 14.17 -18.57 -23.92
CA VAL B 287 13.59 -19.84 -24.31
C VAL B 287 13.78 -20.89 -23.21
N MET B 288 13.48 -20.49 -21.98
CA MET B 288 13.66 -21.34 -20.80
C MET B 288 12.97 -22.70 -20.99
N GLY B 289 11.91 -22.69 -21.78
CA GLY B 289 11.12 -23.90 -21.98
C GLY B 289 11.95 -25.07 -22.45
N THR B 290 13.12 -24.77 -23.03
CA THR B 290 13.97 -25.81 -23.60
C THR B 290 14.95 -26.40 -22.58
N GLY B 291 14.94 -25.89 -21.36
CA GLY B 291 15.82 -26.39 -20.30
C GLY B 291 15.93 -27.91 -20.19
N PRO B 292 14.78 -28.62 -20.23
CA PRO B 292 14.80 -30.09 -20.10
C PRO B 292 15.68 -30.83 -21.12
N ILE B 293 15.93 -30.25 -22.29
CA ILE B 293 16.67 -30.97 -23.34
C ILE B 293 18.10 -31.29 -22.87
N PRO B 294 18.92 -30.25 -22.66
CA PRO B 294 20.29 -30.49 -22.16
C PRO B 294 20.33 -31.18 -20.80
N ALA B 295 19.38 -30.88 -19.92
CA ALA B 295 19.35 -31.53 -18.59
C ALA B 295 19.06 -33.02 -18.68
N SER B 296 18.04 -33.40 -19.46
CA SER B 296 17.72 -34.82 -19.59
C SER B 296 18.90 -35.56 -20.21
N ARG B 297 19.53 -34.94 -21.21
CA ARG B 297 20.66 -35.53 -21.89
C ARG B 297 21.85 -35.69 -20.95
N LYS B 298 22.09 -34.70 -20.11
CA LYS B 298 23.16 -34.82 -19.12
C LYS B 298 22.82 -35.88 -18.07
N ALA B 299 21.58 -35.89 -17.59
CA ALA B 299 21.19 -36.90 -16.61
C ALA B 299 21.38 -38.31 -17.15
N LEU B 300 20.95 -38.51 -18.39
CA LEU B 300 20.99 -39.81 -19.03
C LEU B 300 22.43 -40.27 -19.20
N GLU B 301 23.28 -39.38 -19.68
CA GLU B 301 24.71 -39.67 -19.83
C GLU B 301 25.36 -40.00 -18.48
N ARG B 302 25.03 -39.23 -17.45
CA ARG B 302 25.56 -39.52 -16.13
C ARG B 302 25.10 -40.89 -15.62
N ALA B 303 23.91 -41.31 -16.04
CA ALA B 303 23.38 -42.62 -15.66
C ALA B 303 23.94 -43.71 -16.56
N GLY B 304 24.41 -43.31 -17.74
CA GLY B 304 24.87 -44.23 -18.76
C GLY B 304 23.72 -44.88 -19.52
N TRP B 305 22.60 -44.16 -19.61
CA TRP B 305 21.43 -44.70 -20.33
C TRP B 305 21.24 -44.02 -21.67
N LYS B 306 20.58 -44.71 -22.59
CA LYS B 306 20.15 -44.07 -23.82
C LYS B 306 18.71 -43.62 -23.64
N ILE B 307 18.27 -42.70 -24.48
CA ILE B 307 16.89 -42.24 -24.45
C ILE B 307 15.95 -43.44 -24.62
N GLY B 308 16.39 -44.42 -25.41
CA GLY B 308 15.63 -45.63 -25.65
C GLY B 308 15.43 -46.54 -24.44
N ASP B 309 16.24 -46.37 -23.40
CA ASP B 309 16.18 -47.25 -22.24
C ASP B 309 15.05 -46.90 -21.29
N LEU B 310 14.50 -45.70 -21.43
CA LEU B 310 13.44 -45.22 -20.56
C LEU B 310 12.12 -45.95 -20.84
N ASP B 311 11.46 -46.40 -19.77
CA ASP B 311 10.15 -47.05 -19.85
C ASP B 311 9.05 -46.06 -19.59
N LEU B 312 9.38 -44.98 -18.88
CA LEU B 312 8.39 -43.99 -18.50
C LEU B 312 9.03 -42.62 -18.26
N VAL B 313 8.35 -41.54 -18.67
CA VAL B 313 8.87 -40.18 -18.50
C VAL B 313 7.83 -39.23 -17.94
N GLU B 314 8.29 -38.34 -17.06
CA GLU B 314 7.44 -37.26 -16.57
C GLU B 314 8.13 -35.95 -16.92
N ALA B 315 7.62 -35.28 -17.94
CA ALA B 315 8.16 -34.01 -18.38
C ALA B 315 7.14 -32.89 -18.17
N HIS B 316 7.48 -31.99 -17.26
CA HIS B 316 6.63 -30.90 -16.81
C HIS B 316 6.00 -30.05 -17.93
N GLU B 317 4.67 -29.94 -17.93
CA GLU B 317 3.92 -29.17 -18.93
C GLU B 317 3.71 -27.71 -18.54
N ALA B 318 4.77 -26.92 -18.57
CA ALA B 318 4.65 -25.50 -18.30
C ALA B 318 3.72 -24.87 -19.33
N PHE B 319 3.98 -25.16 -20.61
CA PHE B 319 3.13 -24.71 -21.73
C PHE B 319 3.11 -25.79 -22.81
N ALA B 320 2.00 -25.89 -23.54
CA ALA B 320 1.92 -26.88 -24.63
C ALA B 320 3.07 -26.69 -25.62
N ALA B 321 3.36 -25.44 -25.94
CA ALA B 321 4.45 -25.11 -26.86
C ALA B 321 5.80 -25.74 -26.48
N GLN B 322 6.29 -25.47 -25.27
CA GLN B 322 7.60 -26.00 -24.90
C GLN B 322 7.58 -27.53 -24.71
N ALA B 323 6.54 -28.05 -24.08
CA ALA B 323 6.37 -29.50 -23.97
C ALA B 323 6.53 -30.22 -25.32
N CYS B 324 5.87 -29.71 -26.36
CA CYS B 324 5.99 -30.31 -27.68
C CYS B 324 7.42 -30.25 -28.21
N ALA B 325 8.07 -29.10 -28.05
CA ALA B 325 9.42 -28.91 -28.55
C ALA B 325 10.41 -29.86 -27.86
N VAL B 326 10.24 -30.08 -26.56
CA VAL B 326 11.11 -31.01 -25.85
C VAL B 326 10.91 -32.42 -26.39
N ASN B 327 9.65 -32.83 -26.54
CA ASN B 327 9.37 -34.16 -27.07
C ASN B 327 9.99 -34.42 -28.44
N LYS B 328 9.82 -33.48 -29.36
CA LYS B 328 10.43 -33.59 -30.68
C LYS B 328 11.96 -33.63 -30.57
N ASP B 329 12.52 -32.71 -29.82
CA ASP B 329 13.97 -32.63 -29.66
C ASP B 329 14.57 -33.93 -29.09
N LEU B 330 14.02 -34.40 -27.97
CA LEU B 330 14.54 -35.61 -27.33
C LEU B 330 14.19 -36.88 -28.10
N GLY B 331 12.98 -36.92 -28.64
CA GLY B 331 12.58 -37.97 -29.57
C GLY B 331 12.00 -39.21 -28.94
N TRP B 332 11.81 -39.19 -27.62
CA TRP B 332 11.24 -40.35 -26.95
C TRP B 332 9.77 -40.53 -27.32
N ASP B 333 9.36 -41.79 -27.42
CA ASP B 333 7.98 -42.14 -27.65
C ASP B 333 7.10 -41.31 -26.73
N PRO B 334 6.19 -40.50 -27.32
CA PRO B 334 5.31 -39.65 -26.50
C PRO B 334 4.31 -40.47 -25.71
N SER B 335 4.11 -41.74 -26.08
CA SER B 335 3.10 -42.57 -25.42
C SER B 335 3.53 -43.02 -24.02
N ILE B 336 4.79 -42.77 -23.68
CA ILE B 336 5.31 -43.07 -22.34
C ILE B 336 5.56 -41.78 -21.58
N VAL B 337 5.10 -40.65 -22.11
CA VAL B 337 5.34 -39.38 -21.46
C VAL B 337 4.06 -38.78 -20.92
N ASN B 338 4.05 -38.48 -19.62
CA ASN B 338 2.88 -37.92 -18.95
C ASN B 338 1.67 -38.81 -19.18
N VAL B 339 1.92 -40.09 -19.04
CA VAL B 339 0.93 -41.15 -19.19
C VAL B 339 -0.37 -40.91 -18.41
N ASN B 340 -0.29 -40.10 -17.35
CA ASN B 340 -1.48 -39.75 -16.56
C ASN B 340 -1.86 -38.26 -16.62
N GLY B 341 -1.44 -37.57 -17.67
CA GLY B 341 -1.70 -36.15 -17.77
C GLY B 341 -0.54 -35.38 -17.18
N GLY B 342 -0.53 -34.07 -17.38
CA GLY B 342 0.53 -33.21 -16.88
C GLY B 342 0.00 -31.89 -16.36
N ALA B 343 0.89 -30.92 -16.17
CA ALA B 343 0.55 -29.67 -15.49
C ALA B 343 -0.60 -28.88 -16.12
N ILE B 344 -0.79 -28.98 -17.43
CA ILE B 344 -1.90 -28.28 -18.07
C ILE B 344 -3.23 -28.65 -17.41
N ALA B 345 -3.33 -29.90 -16.93
CA ALA B 345 -4.56 -30.39 -16.32
C ALA B 345 -4.45 -30.39 -14.80
N ILE B 346 -3.31 -30.85 -14.30
CA ILE B 346 -3.11 -31.03 -12.88
C ILE B 346 -2.80 -29.73 -12.14
N GLY B 347 -2.13 -28.79 -12.80
CA GLY B 347 -1.79 -27.53 -12.17
C GLY B 347 -0.30 -27.39 -11.90
N HIS B 348 0.14 -26.20 -11.54
CA HIS B 348 1.58 -25.93 -11.39
C HIS B 348 1.92 -25.12 -10.16
N PRO B 349 1.90 -25.76 -8.98
CA PRO B 349 2.35 -25.07 -7.77
C PRO B 349 3.86 -24.95 -7.85
N ILE B 350 4.38 -23.78 -8.20
CA ILE B 350 5.79 -23.66 -8.61
C ILE B 350 6.76 -24.50 -7.78
N GLY B 351 6.90 -24.18 -6.49
CA GLY B 351 7.89 -24.85 -5.65
C GLY B 351 7.70 -26.35 -5.44
N ALA B 352 6.47 -26.79 -5.59
CA ALA B 352 6.12 -28.18 -5.34
C ALA B 352 6.20 -29.05 -6.60
N SER B 353 5.96 -28.45 -7.76
CA SER B 353 5.84 -29.23 -9.00
C SER B 353 6.88 -30.32 -9.26
N GLY B 354 8.15 -30.03 -9.00
CA GLY B 354 9.20 -31.02 -9.26
C GLY B 354 9.08 -32.31 -8.46
N ALA B 355 8.69 -32.21 -7.19
CA ALA B 355 8.38 -33.36 -6.36
C ALA B 355 7.01 -33.93 -6.74
N ARG B 356 6.10 -33.03 -7.11
CA ARG B 356 4.77 -33.43 -7.57
C ARG B 356 4.88 -34.44 -8.71
N ILE B 357 5.73 -34.16 -9.69
CA ILE B 357 5.84 -35.06 -10.84
C ILE B 357 6.74 -36.25 -10.52
N LEU B 358 7.60 -36.11 -9.52
CA LEU B 358 8.36 -37.26 -9.04
C LEU B 358 7.39 -38.28 -8.48
N ASN B 359 6.41 -37.79 -7.72
CA ASN B 359 5.38 -38.66 -7.14
C ASN B 359 4.68 -39.46 -8.23
N THR B 360 4.13 -38.73 -9.21
CA THR B 360 3.42 -39.38 -10.32
C THR B 360 4.29 -40.40 -11.06
N LEU B 361 5.55 -40.05 -11.31
CA LEU B 361 6.49 -40.96 -11.95
C LEU B 361 6.64 -42.25 -11.16
N LEU B 362 6.81 -42.11 -9.85
CA LEU B 362 7.15 -43.24 -8.98
C LEU B 362 6.02 -44.24 -8.83
N PHE B 363 4.81 -43.75 -8.58
CA PHE B 363 3.71 -44.67 -8.32
C PHE B 363 3.22 -45.32 -9.62
N GLU B 364 3.34 -44.59 -10.73
CA GLU B 364 3.04 -45.17 -12.03
C GLU B 364 4.11 -46.20 -12.43
N MET B 365 5.35 -45.97 -12.05
CA MET B 365 6.41 -46.95 -12.30
C MET B 365 6.13 -48.27 -11.58
N LYS B 366 5.86 -48.19 -10.28
CA LYS B 366 5.55 -49.39 -9.50
C LYS B 366 4.29 -50.09 -10.01
N ARG B 367 3.24 -49.30 -10.19
CA ARG B 367 1.97 -49.78 -10.76
C ARG B 367 2.19 -50.66 -11.98
N ARG B 368 2.96 -50.17 -12.96
CA ARG B 368 3.13 -50.92 -14.20
C ARG B 368 4.42 -51.75 -14.28
N GLY B 369 5.28 -51.64 -13.29
CA GLY B 369 6.50 -52.44 -13.29
C GLY B 369 7.59 -51.91 -14.21
N ALA B 370 7.55 -50.61 -14.52
CA ALA B 370 8.58 -49.99 -15.34
C ALA B 370 9.93 -49.93 -14.62
N ARG B 371 11.00 -50.28 -15.31
CA ARG B 371 12.31 -50.37 -14.67
C ARG B 371 13.01 -49.02 -14.56
N LYS B 372 12.97 -48.24 -15.63
CA LYS B 372 13.75 -47.00 -15.71
C LYS B 372 12.92 -45.76 -16.01
N GLY B 373 12.98 -44.77 -15.13
CA GLY B 373 12.22 -43.55 -15.31
C GLY B 373 13.04 -42.26 -15.30
N LEU B 374 12.42 -41.18 -15.74
CA LEU B 374 13.06 -39.87 -15.75
C LEU B 374 12.01 -38.79 -15.52
N ALA B 375 12.33 -37.87 -14.62
CA ALA B 375 11.50 -36.72 -14.34
C ALA B 375 12.26 -35.47 -14.73
N THR B 376 11.57 -34.46 -15.29
CA THR B 376 12.26 -33.27 -15.78
C THR B 376 11.37 -32.02 -15.88
N LEU B 377 11.97 -30.87 -15.58
CA LEU B 377 11.24 -29.62 -15.62
C LEU B 377 12.09 -28.54 -16.24
N CYS B 378 11.41 -27.61 -16.90
CA CYS B 378 12.03 -26.37 -17.37
C CYS B 378 11.90 -25.37 -16.25
N ILE B 379 12.77 -24.37 -16.26
CA ILE B 379 12.87 -23.42 -15.15
C ILE B 379 12.98 -22.00 -15.69
N GLY B 380 12.17 -21.10 -15.14
CA GLY B 380 12.24 -19.69 -15.49
C GLY B 380 13.62 -19.09 -15.20
N GLY B 381 14.05 -18.16 -16.02
CA GLY B 381 15.41 -17.68 -15.93
C GLY B 381 16.33 -18.52 -16.80
N GLY B 382 15.79 -19.61 -17.36
CA GLY B 382 16.51 -20.41 -18.33
C GLY B 382 17.36 -21.52 -17.74
N MET B 383 16.72 -22.55 -17.21
CA MET B 383 17.44 -23.69 -16.65
C MET B 383 16.58 -24.90 -16.82
N GLY B 384 17.22 -26.06 -16.78
CA GLY B 384 16.51 -27.32 -16.72
C GLY B 384 17.04 -28.16 -15.58
N VAL B 385 16.19 -29.06 -15.07
CA VAL B 385 16.62 -30.08 -14.13
C VAL B 385 15.98 -31.43 -14.49
N ALA B 386 16.74 -32.50 -14.31
CA ALA B 386 16.25 -33.84 -14.62
C ALA B 386 16.80 -34.82 -13.60
N MET B 387 16.04 -35.87 -13.31
CA MET B 387 16.53 -36.94 -12.44
C MET B 387 16.20 -38.32 -13.02
N CYS B 388 17.15 -39.24 -12.94
CA CYS B 388 16.91 -40.62 -13.37
C CYS B 388 16.59 -41.56 -12.19
N ILE B 389 15.60 -42.43 -12.38
CA ILE B 389 15.15 -43.36 -11.33
C ILE B 389 15.09 -44.78 -11.89
N GLU B 390 15.50 -45.74 -11.07
CA GLU B 390 15.43 -47.15 -11.45
C GLU B 390 14.83 -47.99 -10.33
N SER B 391 14.00 -48.97 -10.69
CA SER B 391 13.33 -49.80 -9.70
C SER B 391 14.22 -50.88 -9.12
N LEU B 392 14.04 -51.14 -7.82
CA LEU B 392 14.66 -52.28 -7.18
C LEU B 392 13.65 -53.42 -7.12
N SER C 4 -20.74 47.51 5.00
CA SER C 4 -21.62 46.41 5.39
C SER C 4 -20.85 45.30 6.11
N ILE C 5 -20.09 44.52 5.35
CA ILE C 5 -19.29 43.45 5.94
C ILE C 5 -17.79 43.76 5.95
N VAL C 6 -17.20 43.83 7.13
CA VAL C 6 -15.76 44.08 7.26
C VAL C 6 -14.96 42.82 7.61
N ILE C 7 -13.67 42.85 7.30
CA ILE C 7 -12.74 41.85 7.80
C ILE C 7 -12.09 42.44 9.04
N ALA C 8 -12.56 42.02 10.21
CA ALA C 8 -12.14 42.60 11.48
C ALA C 8 -10.66 42.34 11.79
N SER C 9 -10.13 41.24 11.28
CA SER C 9 -8.81 40.77 11.66
C SER C 9 -8.35 39.61 10.78
N ALA C 10 -7.03 39.39 10.74
CA ALA C 10 -6.47 38.34 9.88
C ALA C 10 -5.35 37.60 10.58
N ALA C 11 -4.86 36.55 9.93
CA ALA C 11 -3.73 35.77 10.41
C ALA C 11 -3.42 34.58 9.50
N ARG C 12 -2.18 34.12 9.56
CA ARG C 12 -1.78 32.94 8.83
C ARG C 12 -0.52 32.37 9.46
N THR C 13 -0.31 31.07 9.33
CA THR C 13 0.98 30.50 9.67
C THR C 13 1.94 31.00 8.60
N ALA C 14 3.21 30.64 8.72
CA ALA C 14 4.12 30.84 7.61
C ALA C 14 3.88 29.68 6.66
N VAL C 15 4.18 29.86 5.39
CA VAL C 15 4.06 28.77 4.44
C VAL C 15 5.27 27.85 4.55
N GLY C 16 5.01 26.55 4.71
CA GLY C 16 6.07 25.57 4.88
C GLY C 16 6.37 24.81 3.61
N SER C 17 7.64 24.43 3.44
CA SER C 17 8.07 23.67 2.28
C SER C 17 7.53 22.25 2.32
N PHE C 18 7.36 21.64 1.16
CA PHE C 18 6.88 20.28 1.06
C PHE C 18 7.75 19.35 1.92
N ASN C 19 7.11 18.60 2.81
CA ASN C 19 7.81 17.70 3.71
C ASN C 19 8.88 18.41 4.54
N GLY C 20 8.60 19.66 4.90
CA GLY C 20 9.54 20.46 5.66
C GLY C 20 9.09 20.69 7.09
N ALA C 21 8.92 21.96 7.45
CA ALA C 21 8.59 22.34 8.82
C ALA C 21 7.33 21.65 9.34
N PHE C 22 6.37 21.42 8.45
CA PHE C 22 5.09 20.86 8.86
C PHE C 22 4.85 19.48 8.24
N ALA C 23 5.92 18.82 7.84
CA ALA C 23 5.86 17.49 7.26
C ALA C 23 4.84 16.57 7.96
N ASN C 24 4.73 16.68 9.28
CA ASN C 24 3.80 15.85 10.04
C ASN C 24 2.65 16.61 10.72
N THR C 25 2.48 17.89 10.41
CA THR C 25 1.41 18.66 11.04
C THR C 25 0.10 18.53 10.29
N PRO C 26 -0.95 18.05 10.97
CA PRO C 26 -2.31 17.99 10.40
C PRO C 26 -2.84 19.40 10.12
N ALA C 27 -3.58 19.55 9.02
CA ALA C 27 -4.09 20.85 8.61
C ALA C 27 -4.93 21.52 9.70
N HIS C 28 -5.85 20.76 10.29
CA HIS C 28 -6.79 21.32 11.27
C HIS C 28 -6.04 21.95 12.44
N GLU C 29 -4.78 21.55 12.61
CA GLU C 29 -3.95 22.04 13.69
C GLU C 29 -3.32 23.38 13.34
N LEU C 30 -3.07 23.61 12.05
CA LEU C 30 -2.59 24.90 11.59
C LEU C 30 -3.77 25.85 11.51
N GLY C 31 -4.93 25.29 11.16
CA GLY C 31 -6.16 26.04 11.12
C GLY C 31 -6.58 26.43 12.51
N ALA C 32 -6.30 25.57 13.48
CA ALA C 32 -6.62 25.83 14.87
C ALA C 32 -5.87 27.05 15.37
N THR C 33 -4.54 27.02 15.23
CA THR C 33 -3.69 28.13 15.66
C THR C 33 -4.10 29.41 14.97
N VAL C 34 -4.35 29.29 13.67
CA VAL C 34 -4.73 30.42 12.85
C VAL C 34 -6.08 30.98 13.28
N ILE C 35 -6.97 30.09 13.73
CA ILE C 35 -8.27 30.51 14.24
C ILE C 35 -8.13 31.34 15.50
N SER C 36 -7.35 30.85 16.46
CA SER C 36 -7.13 31.60 17.70
C SER C 36 -6.52 32.97 17.43
N ALA C 37 -5.54 32.99 16.53
CA ALA C 37 -4.89 34.24 16.17
C ALA C 37 -5.90 35.34 15.82
N VAL C 38 -6.86 35.03 14.95
CA VAL C 38 -7.84 36.03 14.56
C VAL C 38 -8.84 36.34 15.67
N LEU C 39 -9.00 35.40 16.60
CA LEU C 39 -9.85 35.62 17.76
C LEU C 39 -9.22 36.64 18.68
N GLU C 40 -7.94 36.44 18.98
CA GLU C 40 -7.21 37.26 19.94
C GLU C 40 -6.77 38.60 19.35
N ARG C 41 -6.44 38.59 18.07
CA ARG C 41 -6.04 39.81 17.37
C ARG C 41 -7.19 40.81 17.29
N ALA C 42 -8.41 40.30 17.39
CA ALA C 42 -9.59 41.15 17.30
C ALA C 42 -10.25 41.32 18.67
N GLY C 43 -9.69 40.66 19.67
CA GLY C 43 -10.27 40.65 21.00
C GLY C 43 -11.70 40.13 21.02
N VAL C 44 -11.97 39.08 20.26
CA VAL C 44 -13.25 38.42 20.30
C VAL C 44 -13.08 37.03 20.91
N ALA C 45 -14.10 36.58 21.63
CA ALA C 45 -14.05 35.30 22.30
C ALA C 45 -14.62 34.16 21.45
N ALA C 46 -13.99 33.00 21.51
CA ALA C 46 -14.43 31.84 20.74
C ALA C 46 -15.90 31.50 21.00
N GLY C 47 -16.38 31.86 22.18
CA GLY C 47 -17.77 31.63 22.54
C GLY C 47 -18.72 32.54 21.77
N GLU C 48 -18.15 33.31 20.83
CA GLU C 48 -18.92 34.26 20.06
C GLU C 48 -18.98 33.91 18.56
N VAL C 49 -18.15 32.97 18.15
CA VAL C 49 -18.10 32.55 16.73
C VAL C 49 -19.22 31.59 16.35
N ASN C 50 -20.17 32.09 15.56
CA ASN C 50 -21.26 31.25 15.04
C ASN C 50 -20.75 30.01 14.29
N GLU C 51 -19.80 30.20 13.38
CA GLU C 51 -19.42 29.13 12.46
C GLU C 51 -18.04 29.34 11.85
N VAL C 52 -17.42 28.25 11.43
CA VAL C 52 -16.11 28.28 10.80
C VAL C 52 -16.20 27.69 9.41
N ILE C 53 -15.76 28.44 8.40
CA ILE C 53 -15.73 27.94 7.03
C ILE C 53 -14.27 27.82 6.58
N LEU C 54 -13.85 26.61 6.24
CA LEU C 54 -12.44 26.36 5.90
C LEU C 54 -12.23 25.62 4.58
N GLY C 55 -11.50 26.24 3.67
CA GLY C 55 -11.15 25.61 2.41
C GLY C 55 -10.15 24.50 2.62
N GLN C 56 -10.42 23.33 2.03
CA GLN C 56 -9.49 22.22 2.06
C GLN C 56 -9.71 21.29 0.89
N VAL C 57 -8.62 20.95 0.20
CA VAL C 57 -8.67 20.16 -1.02
C VAL C 57 -8.23 18.70 -0.81
N LEU C 58 -7.40 18.46 0.20
CA LEU C 58 -6.85 17.11 0.44
C LEU C 58 -7.19 16.62 1.84
N PRO C 59 -8.43 16.18 2.06
CA PRO C 59 -8.92 15.87 3.41
C PRO C 59 -8.65 14.43 3.80
N ALA C 60 -8.28 13.60 2.82
CA ALA C 60 -8.18 12.16 3.00
C ALA C 60 -7.38 11.73 4.24
N GLY C 61 -8.01 10.93 5.08
CA GLY C 61 -7.37 10.36 6.25
C GLY C 61 -7.42 11.21 7.51
N GLU C 62 -7.91 12.44 7.38
CA GLU C 62 -7.87 13.37 8.52
C GLU C 62 -9.03 13.16 9.49
N GLY C 63 -10.02 12.37 9.08
CA GLY C 63 -11.14 12.05 9.94
C GLY C 63 -12.31 13.00 9.73
N GLN C 64 -13.45 12.70 10.33
CA GLN C 64 -14.66 13.50 10.17
C GLN C 64 -14.42 15.01 10.16
N ASN C 65 -14.91 15.64 9.09
CA ASN C 65 -14.98 17.09 8.98
C ASN C 65 -13.88 17.87 9.69
N PRO C 66 -12.68 17.88 9.10
CA PRO C 66 -11.53 18.61 9.66
C PRO C 66 -11.86 20.04 10.10
N ALA C 67 -12.60 20.78 9.29
CA ALA C 67 -12.98 22.13 9.67
C ALA C 67 -13.47 22.16 11.13
N ARG C 68 -14.18 21.11 11.54
CA ARG C 68 -14.75 21.04 12.88
C ARG C 68 -13.71 20.74 13.96
N GLN C 69 -12.73 19.89 13.63
CA GLN C 69 -11.68 19.55 14.59
C GLN C 69 -10.86 20.79 14.86
N ALA C 70 -10.67 21.60 13.82
CA ALA C 70 -9.89 22.83 13.92
C ALA C 70 -10.60 23.86 14.78
N ALA C 71 -11.92 23.92 14.67
CA ALA C 71 -12.71 24.84 15.49
C ALA C 71 -12.72 24.37 16.95
N MET C 72 -12.93 23.07 17.14
CA MET C 72 -12.98 22.48 18.47
C MET C 72 -11.63 22.62 19.19
N LYS C 73 -10.56 22.20 18.54
CA LYS C 73 -9.23 22.40 19.10
C LYS C 73 -8.93 23.87 19.34
N ALA C 74 -9.48 24.74 18.49
CA ALA C 74 -9.22 26.17 18.59
C ALA C 74 -9.80 26.78 19.87
N GLY C 75 -10.84 26.14 20.42
CA GLY C 75 -11.50 26.66 21.60
C GLY C 75 -12.93 27.07 21.32
N VAL C 76 -13.34 27.02 20.06
CA VAL C 76 -14.73 27.34 19.71
C VAL C 76 -15.70 26.32 20.31
N PRO C 77 -16.68 26.79 21.08
CA PRO C 77 -17.69 25.97 21.75
C PRO C 77 -18.48 25.07 20.78
N GLN C 78 -18.95 23.93 21.27
CA GLN C 78 -19.57 22.92 20.42
C GLN C 78 -20.94 23.34 19.88
N GLU C 79 -21.60 24.26 20.55
CA GLU C 79 -22.92 24.71 20.11
C GLU C 79 -22.84 25.47 18.79
N ALA C 80 -21.63 25.79 18.36
CA ALA C 80 -21.41 26.41 17.06
C ALA C 80 -21.43 25.38 15.94
N THR C 81 -21.07 25.79 14.73
CA THR C 81 -21.00 24.87 13.61
C THR C 81 -19.76 25.15 12.74
N ALA C 82 -19.31 24.13 12.02
CA ALA C 82 -18.11 24.25 11.19
C ALA C 82 -18.18 23.37 9.94
N TRP C 83 -17.58 23.82 8.85
CA TRP C 83 -17.58 23.00 7.63
C TRP C 83 -16.44 23.30 6.68
N GLY C 84 -16.10 22.30 5.86
CA GLY C 84 -15.07 22.42 4.85
C GLY C 84 -15.64 22.59 3.46
N MET C 85 -14.82 23.12 2.56
CA MET C 85 -15.25 23.34 1.19
C MET C 85 -14.05 23.33 0.23
N ASN C 86 -14.33 23.18 -1.06
CA ASN C 86 -13.30 22.96 -2.06
C ASN C 86 -13.65 23.53 -3.42
N GLN C 87 -13.10 24.70 -3.73
CA GLN C 87 -13.06 25.22 -5.09
C GLN C 87 -11.59 25.26 -5.49
N LEU C 88 -10.89 24.16 -5.17
CA LEU C 88 -9.46 24.00 -5.44
C LEU C 88 -8.62 25.19 -4.96
N CYS C 89 -7.78 25.71 -5.84
CA CYS C 89 -6.85 26.78 -5.46
C CYS C 89 -7.56 28.02 -4.91
N GLY C 90 -8.76 28.29 -5.41
CA GLY C 90 -9.50 29.46 -4.98
C GLY C 90 -10.27 29.23 -3.69
N SER C 91 -10.15 28.01 -3.15
CA SER C 91 -10.90 27.62 -1.96
C SER C 91 -10.78 28.56 -0.77
N GLY C 92 -9.56 28.93 -0.41
CA GLY C 92 -9.32 29.74 0.79
C GLY C 92 -9.91 31.15 0.75
N LEU C 93 -10.18 31.65 -0.46
CA LEU C 93 -10.75 32.99 -0.59
C LEU C 93 -12.25 32.90 -0.86
N ARG C 94 -12.68 31.80 -1.48
CA ARG C 94 -14.10 31.57 -1.69
C ARG C 94 -14.76 31.41 -0.34
N ALA C 95 -14.05 30.76 0.58
CA ALA C 95 -14.54 30.60 1.95
C ALA C 95 -14.78 31.98 2.58
N VAL C 96 -13.85 32.90 2.38
CA VAL C 96 -14.01 34.25 2.89
C VAL C 96 -15.30 34.88 2.34
N ALA C 97 -15.60 34.64 1.06
CA ALA C 97 -16.80 35.21 0.46
C ALA C 97 -18.05 34.46 0.94
N LEU C 98 -17.90 33.17 1.19
CA LEU C 98 -19.00 32.34 1.68
C LEU C 98 -19.40 32.78 3.09
N GLY C 99 -18.39 33.14 3.89
CA GLY C 99 -18.63 33.59 5.25
C GLY C 99 -19.28 34.95 5.20
N MET C 100 -18.89 35.72 4.18
CA MET C 100 -19.44 37.05 4.00
C MET C 100 -20.92 36.96 3.68
N GLN C 101 -21.34 35.84 3.11
CA GLN C 101 -22.73 35.67 2.71
C GLN C 101 -23.64 35.21 3.85
N GLN C 102 -23.09 34.42 4.77
CA GLN C 102 -23.82 34.02 5.98
C GLN C 102 -24.30 35.24 6.77
N ILE C 103 -23.50 36.31 6.75
CA ILE C 103 -23.78 37.51 7.54
C ILE C 103 -24.74 38.46 6.82
N ALA C 104 -24.53 38.62 5.52
CA ALA C 104 -25.41 39.46 4.71
C ALA C 104 -26.85 38.94 4.65
N THR C 105 -27.02 37.63 4.83
CA THR C 105 -28.35 37.02 4.88
C THR C 105 -28.87 36.90 6.31
N GLY C 106 -28.13 37.47 7.26
CA GLY C 106 -28.55 37.50 8.65
C GLY C 106 -28.67 36.14 9.29
N ASP C 107 -27.98 35.16 8.74
CA ASP C 107 -27.97 33.84 9.35
C ASP C 107 -26.86 33.74 10.38
N ALA C 108 -26.14 34.84 10.63
CA ALA C 108 -25.01 34.82 11.56
C ALA C 108 -24.45 36.21 11.90
N SER C 109 -23.84 36.31 13.08
CA SER C 109 -23.14 37.52 13.52
C SER C 109 -21.68 37.48 13.10
N ILE C 110 -21.01 36.39 13.46
CA ILE C 110 -19.57 36.34 13.40
C ILE C 110 -19.09 35.02 12.82
N ILE C 111 -18.40 35.11 11.70
CA ILE C 111 -17.84 33.93 11.05
C ILE C 111 -16.31 33.98 11.05
N VAL C 112 -15.67 32.82 11.20
CA VAL C 112 -14.24 32.72 10.93
C VAL C 112 -14.05 31.96 9.61
N ALA C 113 -13.40 32.61 8.65
CA ALA C 113 -13.26 32.05 7.31
C ALA C 113 -11.83 32.09 6.77
N GLY C 114 -11.47 31.05 6.03
CA GLY C 114 -10.18 30.96 5.39
C GLY C 114 -9.98 29.54 4.88
N GLY C 115 -8.72 29.10 4.80
CA GLY C 115 -8.43 27.74 4.39
C GLY C 115 -7.20 27.17 5.08
N MET C 116 -6.90 25.91 4.75
CA MET C 116 -5.76 25.23 5.34
C MET C 116 -5.39 24.03 4.50
N GLU C 117 -4.10 23.84 4.26
CA GLU C 117 -3.67 22.67 3.54
C GLU C 117 -2.42 22.08 4.15
N SER C 118 -2.37 20.75 4.14
CA SER C 118 -1.15 20.02 4.41
C SER C 118 -0.91 19.05 3.27
N MET C 119 -0.14 19.49 2.28
CA MET C 119 0.15 18.64 1.13
C MET C 119 1.13 17.53 1.50
N SER C 120 1.83 17.73 2.61
CA SER C 120 2.77 16.72 3.11
C SER C 120 2.02 15.51 3.65
N MET C 121 0.91 15.77 4.32
CA MET C 121 0.18 14.70 5.02
C MET C 121 -0.82 13.97 4.12
N ALA C 122 -0.95 14.41 2.87
CA ALA C 122 -1.84 13.75 1.93
C ALA C 122 -1.35 12.34 1.66
N PRO C 123 -2.20 11.34 1.97
CA PRO C 123 -1.86 9.92 1.81
C PRO C 123 -1.94 9.42 0.37
N HIS C 124 -1.43 8.21 0.16
CA HIS C 124 -1.69 7.45 -1.06
C HIS C 124 -2.88 6.56 -0.79
N CYS C 125 -3.70 6.35 -1.80
CA CYS C 125 -4.92 5.57 -1.64
C CYS C 125 -5.10 4.51 -2.73
N ALA C 126 -6.01 3.58 -2.46
CA ALA C 126 -6.38 2.54 -3.41
C ALA C 126 -7.71 1.90 -3.01
N HIS C 127 -8.60 1.72 -3.98
CA HIS C 127 -9.89 1.09 -3.77
C HIS C 127 -9.72 -0.42 -3.77
N LEU C 128 -9.95 -1.06 -2.62
CA LEU C 128 -9.61 -2.48 -2.47
C LEU C 128 -10.75 -3.40 -2.00
N ARG C 129 -11.94 -2.85 -1.85
CA ARG C 129 -13.08 -3.63 -1.38
C ARG C 129 -13.32 -4.88 -2.24
N GLY C 130 -13.24 -4.72 -3.55
CA GLY C 130 -13.50 -5.81 -4.46
C GLY C 130 -12.52 -6.96 -4.34
N GLY C 131 -11.45 -6.74 -3.58
CA GLY C 131 -10.35 -7.69 -3.52
C GLY C 131 -9.50 -7.51 -4.76
N VAL C 132 -8.42 -8.28 -4.87
CA VAL C 132 -7.54 -8.17 -6.02
C VAL C 132 -6.99 -9.54 -6.38
N LYS C 133 -7.73 -10.27 -7.20
CA LYS C 133 -7.41 -11.66 -7.50
C LYS C 133 -5.95 -11.83 -7.95
N MET C 134 -5.48 -10.94 -8.83
CA MET C 134 -4.17 -11.13 -9.45
C MET C 134 -3.66 -9.88 -10.15
N GLY C 135 -2.37 -9.62 -10.05
CA GLY C 135 -1.76 -8.49 -10.72
C GLY C 135 -1.48 -7.32 -9.81
N ASP C 136 -0.62 -6.41 -10.28
CA ASP C 136 -0.34 -5.19 -9.54
C ASP C 136 -1.59 -4.32 -9.51
N PHE C 137 -1.63 -3.41 -8.54
CA PHE C 137 -2.56 -2.30 -8.56
C PHE C 137 -1.83 -1.01 -8.14
N LYS C 138 -2.41 0.12 -8.49
CA LYS C 138 -1.73 1.38 -8.27
C LYS C 138 -2.12 1.99 -6.94
N MET C 139 -1.12 2.44 -6.19
CA MET C 139 -1.37 3.26 -5.01
C MET C 139 -1.31 4.72 -5.42
N ILE C 140 -2.44 5.40 -5.29
CA ILE C 140 -2.59 6.74 -5.85
C ILE C 140 -2.27 7.86 -4.87
N ASP C 141 -1.38 8.74 -5.32
CA ASP C 141 -0.99 9.91 -4.55
C ASP C 141 -2.09 10.98 -4.63
N THR C 142 -2.83 11.16 -3.54
CA THR C 142 -3.99 12.05 -3.55
C THR C 142 -3.66 13.52 -3.80
N MET C 143 -2.43 13.93 -3.47
CA MET C 143 -1.99 15.29 -3.72
C MET C 143 -1.93 15.56 -5.22
N ILE C 144 -1.33 14.62 -5.95
CA ILE C 144 -1.20 14.76 -7.38
C ILE C 144 -2.54 14.58 -8.10
N LYS C 145 -3.28 13.54 -7.70
CA LYS C 145 -4.53 13.17 -8.37
C LYS C 145 -5.70 14.11 -8.09
N ASP C 146 -5.90 14.45 -6.82
CA ASP C 146 -7.02 15.31 -6.41
C ASP C 146 -6.69 16.81 -6.40
N GLY C 147 -5.41 17.15 -6.53
CA GLY C 147 -5.02 18.54 -6.43
C GLY C 147 -4.28 19.12 -7.62
N LEU C 148 -3.48 18.31 -8.29
CA LEU C 148 -2.54 18.82 -9.28
C LEU C 148 -2.80 18.32 -10.71
N THR C 149 -3.79 17.46 -10.88
CA THR C 149 -4.01 16.82 -12.17
C THR C 149 -5.39 17.16 -12.72
N ASP C 150 -5.41 17.63 -13.96
CA ASP C 150 -6.67 17.99 -14.60
C ASP C 150 -7.53 16.75 -14.82
N ALA C 151 -8.75 16.78 -14.32
CA ALA C 151 -9.64 15.63 -14.39
C ALA C 151 -10.28 15.52 -15.77
N PHE C 152 -10.03 16.49 -16.63
CA PHE C 152 -10.64 16.51 -17.95
C PHE C 152 -9.62 16.20 -19.03
N TYR C 153 -8.40 16.71 -18.87
CA TYR C 153 -7.37 16.54 -19.89
C TYR C 153 -6.25 15.62 -19.43
N GLY C 154 -6.35 15.17 -18.18
CA GLY C 154 -5.51 14.10 -17.69
C GLY C 154 -4.08 14.46 -17.39
N TYR C 155 -3.70 15.72 -17.61
CA TYR C 155 -2.32 16.13 -17.35
C TYR C 155 -2.18 17.13 -16.20
N HIS C 156 -0.93 17.31 -15.78
CA HIS C 156 -0.58 18.19 -14.66
C HIS C 156 -0.90 19.65 -14.98
N MET C 157 -1.14 20.45 -13.93
CA MET C 157 -1.41 21.87 -14.10
C MET C 157 -0.26 22.59 -14.80
N GLY C 158 0.93 21.99 -14.77
CA GLY C 158 2.08 22.56 -15.44
C GLY C 158 1.90 22.56 -16.95
N THR C 159 1.08 21.65 -17.44
CA THR C 159 0.77 21.59 -18.86
C THR C 159 -0.25 22.67 -19.25
N THR C 160 -1.20 22.98 -18.37
CA THR C 160 -2.15 24.05 -18.64
C THR C 160 -1.38 25.37 -18.75
N ALA C 161 -0.23 25.41 -18.07
CA ALA C 161 0.61 26.60 -18.07
C ALA C 161 1.44 26.70 -19.34
N GLU C 162 1.78 25.56 -19.94
CA GLU C 162 2.47 25.54 -21.21
C GLU C 162 1.54 25.99 -22.33
N ASN C 163 0.25 25.64 -22.22
CA ASN C 163 -0.76 26.08 -23.17
C ASN C 163 -0.90 27.60 -23.21
N VAL C 164 -1.15 28.19 -22.03
CA VAL C 164 -1.24 29.64 -21.90
C VAL C 164 0.02 30.32 -22.46
N ALA C 165 1.17 29.78 -22.09
CA ALA C 165 2.45 30.29 -22.57
C ALA C 165 2.44 30.43 -24.09
N LYS C 166 2.02 29.36 -24.78
CA LYS C 166 1.94 29.36 -26.24
C LYS C 166 0.96 30.42 -26.74
N GLN C 167 -0.18 30.53 -26.06
CA GLN C 167 -1.22 31.50 -26.42
C GLN C 167 -0.65 32.91 -26.54
N TRP C 168 0.03 33.35 -25.49
CA TRP C 168 0.59 34.69 -25.40
C TRP C 168 2.05 34.77 -25.85
N GLN C 169 2.58 33.65 -26.32
CA GLN C 169 3.97 33.60 -26.81
C GLN C 169 4.95 34.13 -25.77
N LEU C 170 4.87 33.62 -24.55
CA LEU C 170 5.78 34.01 -23.49
C LEU C 170 7.07 33.21 -23.53
N SER C 171 8.18 33.88 -23.81
CA SER C 171 9.47 33.21 -23.91
C SER C 171 9.94 32.71 -22.54
N ARG C 172 10.87 31.77 -22.57
CA ARG C 172 11.46 31.24 -21.35
C ARG C 172 12.12 32.36 -20.54
N ASP C 173 12.87 33.22 -21.23
CA ASP C 173 13.54 34.35 -20.59
C ASP C 173 12.59 35.20 -19.75
N GLU C 174 11.50 35.65 -20.35
CA GLU C 174 10.53 36.50 -19.66
C GLU C 174 9.99 35.83 -18.40
N GLN C 175 9.61 34.56 -18.52
CA GLN C 175 9.10 33.80 -17.40
C GLN C 175 10.11 33.73 -16.27
N ASP C 176 11.36 33.42 -16.63
CA ASP C 176 12.44 33.37 -15.66
C ASP C 176 12.68 34.74 -15.01
N ALA C 177 12.57 35.80 -15.78
CA ALA C 177 12.67 37.14 -15.21
C ALA C 177 11.60 37.34 -14.14
N PHE C 178 10.35 37.04 -14.49
CA PHE C 178 9.25 37.11 -13.54
C PHE C 178 9.52 36.28 -12.30
N ALA C 179 9.94 35.03 -12.51
CA ALA C 179 10.25 34.11 -11.43
C ALA C 179 11.29 34.68 -10.46
N VAL C 180 12.35 35.27 -11.01
CA VAL C 180 13.43 35.80 -10.19
C VAL C 180 13.00 37.06 -9.45
N ALA C 181 12.18 37.87 -10.11
CA ALA C 181 11.61 39.06 -9.48
C ALA C 181 10.78 38.63 -8.27
N SER C 182 9.90 37.66 -8.47
CA SER C 182 9.10 37.15 -7.37
C SER C 182 9.98 36.81 -6.17
N GLN C 183 10.97 35.94 -6.39
CA GLN C 183 11.87 35.52 -5.33
C GLN C 183 12.60 36.69 -4.70
N ASN C 184 12.97 37.67 -5.52
CA ASN C 184 13.66 38.85 -5.02
C ASN C 184 12.76 39.77 -4.18
N LYS C 185 11.51 39.94 -4.62
CA LYS C 185 10.58 40.77 -3.88
C LYS C 185 10.21 40.15 -2.53
N ALA C 186 10.11 38.83 -2.49
CA ALA C 186 9.77 38.13 -1.26
C ALA C 186 10.93 38.14 -0.28
N GLU C 187 12.14 37.96 -0.80
CA GLU C 187 13.36 38.05 0.00
C GLU C 187 13.51 39.47 0.53
N ALA C 188 12.95 40.43 -0.20
CA ALA C 188 12.96 41.82 0.22
C ALA C 188 11.99 42.02 1.39
N ALA C 189 10.78 41.50 1.22
CA ALA C 189 9.74 41.62 2.24
C ALA C 189 10.05 40.83 3.50
N GLN C 190 10.66 39.66 3.36
CA GLN C 190 10.96 38.83 4.52
C GLN C 190 11.97 39.51 5.43
N LYS C 191 13.05 40.01 4.85
CA LYS C 191 14.15 40.58 5.62
C LYS C 191 13.87 42.00 6.12
N ASP C 192 12.72 42.54 5.72
CA ASP C 192 12.32 43.87 6.16
C ASP C 192 11.28 43.81 7.26
N GLY C 193 10.60 42.67 7.41
CA GLY C 193 9.63 42.49 8.46
C GLY C 193 8.18 42.65 8.04
N ARG C 194 7.94 42.76 6.73
CA ARG C 194 6.59 42.99 6.22
C ARG C 194 5.69 41.75 6.30
N PHE C 195 6.25 40.62 6.73
CA PHE C 195 5.47 39.41 6.94
C PHE C 195 5.26 39.09 8.42
N LYS C 196 5.96 39.81 9.29
CA LYS C 196 5.83 39.56 10.73
C LYS C 196 4.39 39.74 11.19
N ASP C 197 3.80 40.89 10.87
CA ASP C 197 2.42 41.19 11.27
C ASP C 197 1.42 40.08 10.91
N GLU C 198 1.32 39.75 9.62
CA GLU C 198 0.32 38.80 9.15
C GLU C 198 0.59 37.38 9.64
N ILE C 199 1.84 37.10 9.99
CA ILE C 199 2.23 35.76 10.41
C ILE C 199 2.07 35.57 11.92
N VAL C 200 1.37 34.51 12.31
CA VAL C 200 1.35 34.08 13.69
C VAL C 200 2.25 32.85 13.82
N PRO C 201 3.21 32.89 14.76
CA PRO C 201 4.11 31.73 14.89
C PRO C 201 3.33 30.46 15.16
N PHE C 202 3.86 29.33 14.72
CA PHE C 202 3.26 28.04 15.02
C PHE C 202 4.28 27.21 15.77
N ILE C 203 3.86 26.59 16.86
CA ILE C 203 4.77 25.73 17.61
C ILE C 203 4.57 24.30 17.16
N VAL C 204 5.61 23.71 16.56
CA VAL C 204 5.56 22.29 16.23
C VAL C 204 5.97 21.44 17.43
N LYS C 205 4.98 21.06 18.23
CA LYS C 205 5.20 20.14 19.34
C LYS C 205 6.08 18.99 18.89
N GLY C 206 7.01 18.57 19.73
CA GLY C 206 7.93 17.52 19.35
C GLY C 206 8.49 16.69 20.48
N ARG C 207 9.15 15.60 20.10
CA ARG C 207 9.80 14.71 21.05
C ARG C 207 11.24 15.13 21.27
N LYS C 208 11.86 15.65 20.22
CA LYS C 208 13.25 16.10 20.28
C LYS C 208 13.35 17.57 20.67
N GLY C 209 12.32 18.07 21.36
CA GLY C 209 12.28 19.46 21.79
C GLY C 209 11.43 20.33 20.89
N ASP C 210 10.58 21.15 21.49
CA ASP C 210 9.67 22.04 20.75
C ASP C 210 10.39 22.82 19.64
N ILE C 211 9.59 23.44 18.78
CA ILE C 211 10.11 24.20 17.65
C ILE C 211 9.13 25.27 17.21
N THR C 212 9.52 26.54 17.31
CA THR C 212 8.70 27.64 16.85
C THR C 212 8.99 27.97 15.38
N VAL C 213 7.99 27.85 14.53
CA VAL C 213 8.11 28.21 13.12
C VAL C 213 7.35 29.50 12.83
N ASP C 214 8.07 30.50 12.33
CA ASP C 214 7.46 31.80 12.06
C ASP C 214 8.07 32.50 10.84
N ALA C 215 8.71 31.73 9.98
CA ALA C 215 9.27 32.27 8.75
C ALA C 215 8.94 31.38 7.54
N ASP C 216 8.58 32.03 6.44
CA ASP C 216 8.33 31.34 5.17
C ASP C 216 9.59 30.66 4.68
N GLU C 217 9.63 29.33 4.69
CA GLU C 217 10.86 28.62 4.41
C GLU C 217 11.08 28.33 2.93
N TYR C 218 10.08 28.59 2.10
CA TYR C 218 10.17 28.25 0.69
C TYR C 218 10.91 29.32 -0.11
N ILE C 219 10.89 30.54 0.40
CA ILE C 219 11.56 31.65 -0.25
C ILE C 219 13.03 31.32 -0.46
N ARG C 220 13.53 31.54 -1.67
CA ARG C 220 14.94 31.29 -1.94
C ARG C 220 15.71 32.60 -1.99
N HIS C 221 16.87 32.61 -1.33
CA HIS C 221 17.73 33.78 -1.24
C HIS C 221 18.78 33.81 -2.36
N GLY C 222 19.15 35.02 -2.76
CA GLY C 222 20.16 35.20 -3.80
C GLY C 222 19.77 34.58 -5.14
N ALA C 223 18.46 34.48 -5.38
CA ALA C 223 17.98 33.92 -6.64
C ALA C 223 18.34 34.84 -7.80
N THR C 224 19.28 34.39 -8.64
CA THR C 224 19.69 35.17 -9.80
C THR C 224 19.01 34.68 -11.07
N LEU C 225 18.96 35.55 -12.07
CA LEU C 225 18.46 35.18 -13.38
C LEU C 225 19.23 33.95 -13.86
N ASP C 226 20.55 33.98 -13.70
CA ASP C 226 21.41 32.89 -14.12
C ASP C 226 21.03 31.53 -13.54
N SER C 227 20.83 31.47 -12.23
CA SER C 227 20.48 30.21 -11.58
C SER C 227 19.15 29.70 -12.11
N MET C 228 18.30 30.62 -12.54
CA MET C 228 16.98 30.29 -13.04
C MET C 228 17.04 29.75 -14.47
N ALA C 229 18.11 30.11 -15.18
CA ALA C 229 18.23 29.76 -16.59
C ALA C 229 18.92 28.42 -16.84
N LYS C 230 19.52 27.87 -15.79
CA LYS C 230 20.20 26.57 -15.91
C LYS C 230 19.21 25.42 -15.69
N LEU C 231 17.95 25.76 -15.45
CA LEU C 231 16.94 24.77 -15.12
C LEU C 231 16.33 24.11 -16.36
N ARG C 232 16.01 22.82 -16.22
CA ARG C 232 15.36 22.07 -17.28
C ARG C 232 13.84 22.21 -17.20
N PRO C 233 13.15 22.09 -18.34
CA PRO C 233 11.69 22.10 -18.33
C PRO C 233 11.16 20.93 -17.50
N ALA C 234 10.06 21.16 -16.79
CA ALA C 234 9.53 20.17 -15.85
C ALA C 234 8.30 19.42 -16.35
N PHE C 235 7.77 19.82 -17.50
CA PHE C 235 6.60 19.18 -18.06
C PHE C 235 6.78 18.87 -19.55
N ASP C 236 7.15 19.88 -20.32
CA ASP C 236 7.40 19.72 -21.75
C ASP C 236 8.91 19.75 -22.00
N LYS C 237 9.41 18.73 -22.70
CA LYS C 237 10.85 18.60 -22.93
C LYS C 237 11.41 19.65 -23.89
N GLU C 238 10.53 20.28 -24.66
CA GLU C 238 10.90 21.42 -25.49
C GLU C 238 10.15 22.65 -25.01
N GLY C 239 9.64 22.56 -23.77
CA GLY C 239 8.82 23.61 -23.20
C GLY C 239 9.60 24.67 -22.45
N THR C 240 8.87 25.47 -21.68
CA THR C 240 9.45 26.64 -21.01
C THR C 240 9.20 26.64 -19.50
N VAL C 241 8.26 25.81 -19.04
CA VAL C 241 7.88 25.79 -17.63
C VAL C 241 8.82 24.92 -16.80
N THR C 242 9.34 25.49 -15.74
CA THR C 242 10.33 24.80 -14.91
C THR C 242 9.91 24.78 -13.46
N ALA C 243 10.73 24.11 -12.64
CA ALA C 243 10.53 24.10 -11.19
C ALA C 243 10.78 25.49 -10.63
N GLY C 244 11.63 26.24 -11.32
CA GLY C 244 12.03 27.56 -10.88
C GLY C 244 10.98 28.64 -11.13
N ASN C 245 10.33 28.59 -12.29
CA ASN C 245 9.32 29.60 -12.63
C ASN C 245 7.88 29.14 -12.40
N ALA C 246 7.72 28.23 -11.44
CA ALA C 246 6.39 27.74 -11.08
C ALA C 246 6.26 27.61 -9.56
N SER C 247 5.04 27.74 -9.06
CA SER C 247 4.80 27.64 -7.63
C SER C 247 5.31 26.31 -7.08
N GLY C 248 5.25 26.14 -5.77
CA GLY C 248 5.71 24.91 -5.14
C GLY C 248 4.59 24.12 -4.49
N LEU C 249 4.95 23.01 -3.85
CA LEU C 249 4.00 22.21 -3.08
C LEU C 249 4.23 22.49 -1.60
N ASN C 250 3.22 23.01 -0.92
CA ASN C 250 3.46 23.53 0.43
C ASN C 250 2.37 23.28 1.49
N ASP C 251 2.74 23.58 2.73
CA ASP C 251 1.86 23.42 3.89
C ASP C 251 1.64 24.75 4.58
N GLY C 252 0.43 24.98 5.08
CA GLY C 252 0.11 26.20 5.77
C GLY C 252 -1.39 26.43 5.88
N ALA C 253 -1.77 27.54 6.51
CA ALA C 253 -3.18 27.87 6.65
C ALA C 253 -3.35 29.37 6.77
N ALA C 254 -4.58 29.83 6.64
CA ALA C 254 -4.87 31.26 6.64
C ALA C 254 -6.37 31.55 6.79
N ALA C 255 -6.72 32.36 7.78
CA ALA C 255 -8.13 32.68 8.01
C ALA C 255 -8.36 34.16 8.24
N ALA C 256 -9.57 34.52 8.64
CA ALA C 256 -9.89 35.91 8.94
C ALA C 256 -11.26 35.98 9.60
N LEU C 257 -11.46 37.00 10.44
CA LEU C 257 -12.70 37.16 11.18
C LEU C 257 -13.63 38.14 10.47
N LEU C 258 -14.91 37.77 10.38
CA LEU C 258 -15.87 38.56 9.63
C LEU C 258 -17.05 38.95 10.52
N MET C 259 -17.48 40.20 10.37
CA MET C 259 -18.63 40.72 11.08
C MET C 259 -19.11 41.99 10.37
N SER C 260 -20.36 42.38 10.60
CA SER C 260 -20.86 43.64 10.07
C SER C 260 -19.96 44.79 10.52
N GLU C 261 -19.96 45.86 9.73
CA GLU C 261 -19.19 47.06 10.05
C GLU C 261 -19.63 47.66 11.38
N ALA C 262 -20.94 47.64 11.64
CA ALA C 262 -21.49 48.15 12.91
C ALA C 262 -21.00 47.34 14.11
N GLU C 263 -21.00 46.02 13.96
CA GLU C 263 -20.46 45.13 14.98
C GLU C 263 -19.05 45.56 15.34
N ALA C 264 -18.22 45.72 14.31
CA ALA C 264 -16.84 46.19 14.48
C ALA C 264 -16.76 47.45 15.33
N SER C 265 -17.63 48.42 15.05
CA SER C 265 -17.64 49.68 15.77
C SER C 265 -18.08 49.50 17.23
N ARG C 266 -19.06 48.62 17.46
CA ARG C 266 -19.54 48.31 18.81
C ARG C 266 -18.39 47.90 19.71
N ARG C 267 -17.47 47.12 19.17
CA ARG C 267 -16.41 46.49 19.96
C ARG C 267 -15.11 47.27 19.92
N GLY C 268 -15.14 48.46 19.32
CA GLY C 268 -13.95 49.29 19.22
C GLY C 268 -12.86 48.66 18.37
N ILE C 269 -13.26 47.97 17.31
CA ILE C 269 -12.28 47.30 16.47
C ILE C 269 -12.00 48.07 15.19
N GLN C 270 -10.73 48.11 14.78
CA GLN C 270 -10.30 48.82 13.58
C GLN C 270 -10.01 47.84 12.46
N PRO C 271 -11.03 47.52 11.65
CA PRO C 271 -10.95 46.44 10.67
C PRO C 271 -9.80 46.63 9.69
N LEU C 272 -9.43 45.56 9.00
CA LEU C 272 -8.36 45.61 7.99
C LEU C 272 -8.91 46.11 6.67
N GLY C 273 -10.20 45.93 6.46
CA GLY C 273 -10.83 46.36 5.23
C GLY C 273 -12.28 45.94 5.15
N ARG C 274 -12.99 46.54 4.22
CA ARG C 274 -14.37 46.18 3.94
C ARG C 274 -14.41 45.39 2.65
N ILE C 275 -15.20 44.31 2.64
CA ILE C 275 -15.35 43.52 1.43
C ILE C 275 -16.45 44.15 0.59
N VAL C 276 -16.07 44.73 -0.55
CA VAL C 276 -17.03 45.46 -1.38
C VAL C 276 -17.64 44.58 -2.46
N SER C 277 -16.82 43.69 -3.02
CA SER C 277 -17.31 42.74 -4.02
C SER C 277 -16.39 41.52 -4.18
N TRP C 278 -16.97 40.46 -4.74
CA TRP C 278 -16.22 39.27 -5.13
C TRP C 278 -16.86 38.74 -6.40
N ALA C 279 -16.24 37.73 -7.01
CA ALA C 279 -16.76 37.17 -8.25
C ALA C 279 -15.97 35.95 -8.68
N THR C 280 -16.68 35.00 -9.30
CA THR C 280 -16.07 33.76 -9.77
C THR C 280 -16.61 33.38 -11.14
N VAL C 281 -15.71 33.06 -12.06
CA VAL C 281 -16.11 32.73 -13.42
C VAL C 281 -15.30 31.53 -13.92
N GLY C 282 -15.89 30.74 -14.80
CA GLY C 282 -15.22 29.56 -15.33
C GLY C 282 -14.65 29.79 -16.72
N VAL C 283 -13.54 29.13 -17.01
CA VAL C 283 -12.93 29.16 -18.33
C VAL C 283 -12.53 27.74 -18.71
N ASP C 284 -11.95 27.58 -19.90
CA ASP C 284 -11.55 26.24 -20.37
C ASP C 284 -10.42 25.65 -19.50
N PRO C 285 -10.64 24.45 -18.94
CA PRO C 285 -9.62 23.78 -18.13
C PRO C 285 -8.22 23.79 -18.77
N LYS C 286 -8.14 23.61 -20.09
CA LYS C 286 -6.85 23.59 -20.77
C LYS C 286 -6.04 24.86 -20.53
N VAL C 287 -6.73 25.96 -20.26
CA VAL C 287 -6.06 27.23 -20.02
C VAL C 287 -6.54 27.88 -18.73
N MET C 288 -6.58 27.08 -17.68
CA MET C 288 -7.07 27.53 -16.38
C MET C 288 -6.36 28.80 -15.91
N GLY C 289 -5.13 28.99 -16.36
CA GLY C 289 -4.33 30.13 -15.97
C GLY C 289 -4.97 31.48 -16.30
N THR C 290 -5.91 31.45 -17.25
CA THR C 290 -6.57 32.67 -17.72
C THR C 290 -7.74 33.04 -16.83
N GLY C 291 -8.10 32.14 -15.93
CA GLY C 291 -9.18 32.36 -14.99
C GLY C 291 -9.31 33.77 -14.46
N PRO C 292 -8.22 34.32 -13.88
CA PRO C 292 -8.32 35.59 -13.16
C PRO C 292 -8.88 36.74 -13.99
N ILE C 293 -8.51 36.80 -15.28
CA ILE C 293 -8.90 37.93 -16.13
C ILE C 293 -10.42 38.18 -16.12
N PRO C 294 -11.22 37.14 -16.45
CA PRO C 294 -12.69 37.26 -16.36
C PRO C 294 -13.17 37.43 -14.93
N ALA C 295 -12.51 36.76 -13.99
CA ALA C 295 -12.85 36.87 -12.58
C ALA C 295 -12.59 38.27 -12.03
N SER C 296 -11.40 38.82 -12.31
CA SER C 296 -11.02 40.15 -11.83
C SER C 296 -11.90 41.27 -12.40
N ARG C 297 -12.24 41.17 -13.68
CA ARG C 297 -13.06 42.18 -14.32
C ARG C 297 -14.50 42.11 -13.84
N LYS C 298 -14.97 40.90 -13.57
CA LYS C 298 -16.31 40.72 -13.04
C LYS C 298 -16.41 41.39 -11.68
N ALA C 299 -15.42 41.11 -10.83
CA ALA C 299 -15.36 41.70 -9.49
C ALA C 299 -15.36 43.22 -9.54
N LEU C 300 -14.46 43.80 -10.33
CA LEU C 300 -14.36 45.24 -10.46
C LEU C 300 -15.69 45.83 -10.92
N GLU C 301 -16.37 45.12 -11.81
CA GLU C 301 -17.69 45.54 -12.28
C GLU C 301 -18.68 45.63 -11.13
N ARG C 302 -18.77 44.56 -10.33
CA ARG C 302 -19.67 44.56 -9.17
C ARG C 302 -19.29 45.62 -8.16
N ALA C 303 -18.08 46.13 -8.26
CA ALA C 303 -17.60 47.15 -7.33
C ALA C 303 -17.83 48.52 -7.93
N GLY C 304 -17.94 48.58 -9.26
CA GLY C 304 -18.06 49.84 -9.96
C GLY C 304 -16.71 50.53 -10.10
N TRP C 305 -15.65 49.78 -9.85
CA TRP C 305 -14.30 50.33 -9.91
C TRP C 305 -13.72 50.15 -11.31
N LYS C 306 -12.68 50.93 -11.60
CA LYS C 306 -11.89 50.75 -12.81
C LYS C 306 -10.54 50.15 -12.45
N ILE C 307 -9.96 49.36 -13.36
CA ILE C 307 -8.67 48.73 -13.10
C ILE C 307 -7.58 49.75 -12.79
N GLY C 308 -7.91 51.04 -12.95
CA GLY C 308 -6.97 52.11 -12.64
C GLY C 308 -7.17 52.65 -11.24
N ASP C 309 -8.28 52.26 -10.61
CA ASP C 309 -8.60 52.68 -9.25
C ASP C 309 -7.86 51.84 -8.21
N LEU C 310 -7.38 50.66 -8.62
CA LEU C 310 -6.64 49.81 -7.70
C LEU C 310 -5.31 50.42 -7.24
N ASP C 311 -5.09 50.40 -5.93
CA ASP C 311 -3.81 50.83 -5.36
C ASP C 311 -2.86 49.64 -5.32
N LEU C 312 -3.42 48.46 -5.12
CA LEU C 312 -2.62 47.28 -4.86
C LEU C 312 -3.33 46.04 -5.36
N VAL C 313 -2.54 45.04 -5.76
CA VAL C 313 -3.10 43.80 -6.26
C VAL C 313 -2.30 42.62 -5.74
N GLU C 314 -2.99 41.58 -5.28
CA GLU C 314 -2.36 40.29 -5.04
C GLU C 314 -2.91 39.29 -6.05
N ALA C 315 -2.04 38.84 -6.95
CA ALA C 315 -2.45 37.94 -8.02
C ALA C 315 -1.71 36.62 -7.91
N HIS C 316 -2.46 35.55 -7.67
CA HIS C 316 -1.87 34.24 -7.40
C HIS C 316 -0.85 33.83 -8.47
N GLU C 317 0.32 33.37 -8.03
CA GLU C 317 1.38 32.95 -8.95
C GLU C 317 1.44 31.42 -9.13
N ALA C 318 0.43 30.86 -9.80
CA ALA C 318 0.45 29.45 -10.10
C ALA C 318 1.69 29.14 -10.94
N PHE C 319 1.88 29.92 -12.00
CA PHE C 319 3.03 29.80 -12.89
C PHE C 319 3.35 31.16 -13.47
N ALA C 320 4.65 31.45 -13.61
CA ALA C 320 5.08 32.70 -14.22
C ALA C 320 4.35 32.85 -15.56
N ALA C 321 4.28 31.75 -16.31
CA ALA C 321 3.57 31.74 -17.58
C ALA C 321 2.21 32.44 -17.50
N GLN C 322 1.33 31.90 -16.68
CA GLN C 322 -0.03 32.44 -16.55
C GLN C 322 -0.04 33.78 -15.80
N ALA C 323 0.93 33.96 -14.91
CA ALA C 323 1.04 35.20 -14.15
C ALA C 323 1.31 36.39 -15.07
N CYS C 324 2.28 36.24 -15.97
CA CYS C 324 2.64 37.30 -16.90
C CYS C 324 1.51 37.62 -17.87
N ALA C 325 0.82 36.58 -18.35
CA ALA C 325 -0.25 36.75 -19.33
C ALA C 325 -1.47 37.44 -18.73
N VAL C 326 -1.64 37.29 -17.42
CA VAL C 326 -2.75 37.95 -16.72
C VAL C 326 -2.45 39.44 -16.54
N ASN C 327 -1.19 39.74 -16.22
CA ASN C 327 -0.74 41.12 -16.10
C ASN C 327 -0.79 41.85 -17.44
N LYS C 328 -0.31 41.19 -18.49
CA LYS C 328 -0.25 41.80 -19.81
C LYS C 328 -1.64 42.27 -20.25
N ASP C 329 -2.64 41.40 -20.09
CA ASP C 329 -3.99 41.70 -20.52
C ASP C 329 -4.71 42.76 -19.69
N LEU C 330 -4.59 42.67 -18.37
CA LEU C 330 -5.29 43.58 -17.48
C LEU C 330 -4.57 44.92 -17.42
N GLY C 331 -3.27 44.89 -17.64
CA GLY C 331 -2.47 46.09 -17.76
C GLY C 331 -2.34 46.95 -16.52
N TRP C 332 -2.57 46.39 -15.35
CA TRP C 332 -2.33 47.13 -14.12
C TRP C 332 -0.82 47.29 -13.88
N ASP C 333 -0.44 48.42 -13.29
CA ASP C 333 0.96 48.68 -12.98
C ASP C 333 1.58 47.49 -12.27
N PRO C 334 2.59 46.87 -12.90
CA PRO C 334 3.25 45.69 -12.31
C PRO C 334 4.12 46.04 -11.10
N SER C 335 4.03 47.28 -10.63
CA SER C 335 4.74 47.67 -9.41
C SER C 335 3.78 47.82 -8.23
N ILE C 336 2.54 47.37 -8.42
CA ILE C 336 1.58 47.30 -7.33
C ILE C 336 1.00 45.89 -7.26
N VAL C 337 1.64 44.99 -7.99
CA VAL C 337 1.23 43.59 -8.03
C VAL C 337 2.23 42.76 -7.27
N ASN C 338 1.75 41.99 -6.31
CA ASN C 338 2.61 41.09 -5.55
C ASN C 338 3.84 41.81 -5.03
N VAL C 339 3.63 42.99 -4.47
CA VAL C 339 4.70 43.83 -3.95
C VAL C 339 5.75 43.04 -3.18
N ASN C 340 5.28 42.12 -2.33
CA ASN C 340 6.17 41.36 -1.48
C ASN C 340 6.44 39.95 -2.03
N GLY C 341 6.38 39.83 -3.35
CA GLY C 341 6.58 38.55 -4.01
C GLY C 341 5.33 37.69 -3.96
N GLY C 342 5.37 36.54 -4.63
CA GLY C 342 4.21 35.68 -4.71
C GLY C 342 4.47 34.21 -4.44
N ALA C 343 3.59 33.37 -4.98
CA ALA C 343 3.60 31.94 -4.73
C ALA C 343 4.85 31.24 -5.25
N ILE C 344 5.37 31.70 -6.38
CA ILE C 344 6.58 31.11 -6.94
C ILE C 344 7.67 31.08 -5.88
N ALA C 345 7.64 32.07 -4.99
CA ALA C 345 8.61 32.17 -3.90
C ALA C 345 8.01 31.73 -2.55
N ILE C 346 6.78 32.16 -2.29
CA ILE C 346 6.13 31.94 -1.00
C ILE C 346 5.52 30.54 -0.88
N GLY C 347 5.25 29.90 -2.01
CA GLY C 347 4.69 28.57 -1.99
C GLY C 347 3.18 28.61 -2.10
N HIS C 348 2.57 27.45 -2.24
CA HIS C 348 1.16 27.37 -2.57
C HIS C 348 0.51 26.16 -1.88
N PRO C 349 0.18 26.30 -0.59
CA PRO C 349 -0.59 25.24 0.07
C PRO C 349 -2.01 25.36 -0.44
N ILE C 350 -2.33 24.61 -1.49
CA ILE C 350 -3.56 24.79 -2.26
C ILE C 350 -4.72 25.43 -1.48
N GLY C 351 -5.40 24.64 -0.67
CA GLY C 351 -6.64 25.05 -0.04
C GLY C 351 -6.57 26.32 0.80
N ALA C 352 -5.36 26.73 1.17
CA ALA C 352 -5.19 27.90 2.03
C ALA C 352 -4.78 29.14 1.24
N SER C 353 -4.26 28.91 0.03
CA SER C 353 -3.63 29.96 -0.78
C SER C 353 -4.45 31.24 -1.03
N GLY C 354 -5.73 31.09 -1.32
CA GLY C 354 -6.59 32.23 -1.57
C GLY C 354 -6.77 33.11 -0.34
N ALA C 355 -6.76 32.49 0.83
CA ALA C 355 -6.86 33.22 2.09
C ALA C 355 -5.50 33.75 2.53
N ARG C 356 -4.45 33.19 1.96
CA ARG C 356 -3.08 33.55 2.31
C ARG C 356 -2.69 34.86 1.65
N ILE C 357 -2.97 35.00 0.35
CA ILE C 357 -2.66 36.24 -0.34
C ILE C 357 -3.59 37.37 0.11
N LEU C 358 -4.76 36.99 0.62
CA LEU C 358 -5.66 37.94 1.24
C LEU C 358 -4.97 38.53 2.46
N ASN C 359 -4.28 37.69 3.22
CA ASN C 359 -3.53 38.16 4.38
C ASN C 359 -2.45 39.14 3.96
N THR C 360 -1.67 38.77 2.95
CA THR C 360 -0.62 39.65 2.45
C THR C 360 -1.22 40.96 1.94
N LEU C 361 -2.27 40.86 1.15
CA LEU C 361 -2.93 42.03 0.58
C LEU C 361 -3.42 43.01 1.65
N LEU C 362 -4.02 42.48 2.72
CA LEU C 362 -4.63 43.32 3.76
C LEU C 362 -3.59 44.04 4.62
N PHE C 363 -2.59 43.29 5.09
CA PHE C 363 -1.58 43.88 5.96
C PHE C 363 -0.67 44.84 5.21
N GLU C 364 -0.46 44.58 3.92
CA GLU C 364 0.35 45.44 3.08
C GLU C 364 -0.41 46.72 2.68
N MET C 365 -1.74 46.68 2.81
CA MET C 365 -2.54 47.87 2.62
C MET C 365 -2.47 48.77 3.86
N LYS C 366 -2.46 48.16 5.05
CA LYS C 366 -2.40 48.94 6.28
C LYS C 366 -1.08 49.71 6.47
N ARG C 367 0.03 49.13 6.01
CA ARG C 367 1.32 49.75 6.27
C ARG C 367 1.69 50.83 5.26
N ARG C 368 1.11 50.76 4.06
CA ARG C 368 1.38 51.77 3.04
C ARG C 368 0.22 52.74 2.83
N GLY C 369 -0.92 52.47 3.46
CA GLY C 369 -2.06 53.37 3.40
C GLY C 369 -2.87 53.31 2.13
N ALA C 370 -2.74 52.24 1.37
CA ALA C 370 -3.53 52.06 0.15
C ALA C 370 -5.02 51.97 0.52
N ARG C 371 -5.89 52.44 -0.38
CA ARG C 371 -7.33 52.42 -0.10
C ARG C 371 -8.06 51.29 -0.82
N LYS C 372 -7.53 50.88 -1.97
CA LYS C 372 -8.19 49.89 -2.81
C LYS C 372 -7.28 48.72 -3.18
N GLY C 373 -7.75 47.51 -2.89
CA GLY C 373 -6.98 46.31 -3.17
C GLY C 373 -7.80 45.20 -3.80
N LEU C 374 -7.12 44.35 -4.56
CA LEU C 374 -7.78 43.21 -5.19
C LEU C 374 -6.94 41.95 -5.00
N ALA C 375 -7.62 40.84 -4.80
CA ALA C 375 -6.99 39.51 -4.70
C ALA C 375 -7.67 38.55 -5.68
N THR C 376 -6.87 37.84 -6.46
CA THR C 376 -7.44 36.96 -7.47
C THR C 376 -6.57 35.72 -7.66
N LEU C 377 -7.19 34.61 -8.01
CA LEU C 377 -6.46 33.38 -8.32
C LEU C 377 -7.08 32.57 -9.45
N CYS C 378 -6.24 31.97 -10.28
CA CYS C 378 -6.71 30.98 -11.25
C CYS C 378 -7.03 29.70 -10.49
N ILE C 379 -7.84 28.84 -11.08
CA ILE C 379 -8.34 27.65 -10.42
C ILE C 379 -8.28 26.43 -11.33
N GLY C 380 -7.80 25.32 -10.79
CA GLY C 380 -7.69 24.09 -11.55
C GLY C 380 -9.05 23.56 -11.97
N GLY C 381 -9.15 23.10 -13.21
CA GLY C 381 -10.42 22.69 -13.76
C GLY C 381 -11.04 23.84 -14.53
N GLY C 382 -10.31 24.94 -14.61
CA GLY C 382 -10.74 26.10 -15.37
C GLY C 382 -11.73 26.98 -14.65
N MET C 383 -11.27 27.66 -13.61
CA MET C 383 -12.08 28.69 -12.95
C MET C 383 -11.22 29.88 -12.52
N GLY C 384 -11.90 30.91 -12.03
CA GLY C 384 -11.24 32.06 -11.46
C GLY C 384 -12.06 32.63 -10.31
N VAL C 385 -11.40 33.39 -9.44
CA VAL C 385 -12.12 34.04 -8.35
C VAL C 385 -11.36 35.30 -7.92
N ALA C 386 -12.10 36.34 -7.53
CA ALA C 386 -11.49 37.59 -7.14
C ALA C 386 -12.32 38.30 -6.06
N MET C 387 -11.69 39.23 -5.35
CA MET C 387 -12.36 39.98 -4.30
C MET C 387 -11.82 41.41 -4.20
N CYS C 388 -12.68 42.36 -3.87
CA CYS C 388 -12.27 43.73 -3.70
C CYS C 388 -12.37 44.16 -2.24
N ILE C 389 -11.26 44.69 -1.71
CA ILE C 389 -11.22 45.16 -0.34
C ILE C 389 -10.99 46.66 -0.33
N GLU C 390 -11.71 47.35 0.56
CA GLU C 390 -11.58 48.80 0.70
C GLU C 390 -11.16 49.13 2.11
N SER C 391 -10.06 49.87 2.23
CA SER C 391 -9.62 50.37 3.52
C SER C 391 -10.71 51.22 4.16
N LEU C 392 -10.96 51.01 5.44
CA LEU C 392 -11.83 51.89 6.19
C LEU C 392 -11.08 53.17 6.50
N SER D 4 -39.42 34.51 -2.40
CA SER D 4 -38.10 34.99 -2.80
C SER D 4 -37.30 33.90 -3.53
N ILE D 5 -37.04 32.79 -2.85
CA ILE D 5 -36.22 31.71 -3.41
C ILE D 5 -36.99 30.40 -3.49
N VAL D 6 -37.16 29.88 -4.70
CA VAL D 6 -37.91 28.63 -4.89
C VAL D 6 -37.09 27.48 -5.46
N ILE D 7 -37.58 26.26 -5.24
CA ILE D 7 -37.01 25.05 -5.82
C ILE D 7 -37.74 24.72 -7.11
N ALA D 8 -37.20 25.18 -8.23
CA ALA D 8 -37.85 24.97 -9.52
C ALA D 8 -38.27 23.51 -9.67
N SER D 9 -37.38 22.62 -9.25
CA SER D 9 -37.60 21.18 -9.37
C SER D 9 -36.56 20.39 -8.56
N ALA D 10 -36.60 19.07 -8.68
CA ALA D 10 -35.66 18.23 -7.96
C ALA D 10 -35.60 16.81 -8.55
N ALA D 11 -34.53 16.10 -8.25
CA ALA D 11 -34.37 14.73 -8.69
C ALA D 11 -33.29 14.03 -7.87
N ARG D 12 -33.50 12.74 -7.59
CA ARG D 12 -32.48 11.92 -6.94
C ARG D 12 -32.32 10.60 -7.69
N THR D 13 -31.14 9.99 -7.58
CA THR D 13 -30.98 8.64 -8.12
C THR D 13 -31.60 7.69 -7.12
N ALA D 14 -31.73 6.42 -7.50
CA ALA D 14 -32.10 5.39 -6.54
C ALA D 14 -30.88 5.14 -5.66
N VAL D 15 -31.11 4.68 -4.44
CA VAL D 15 -30.01 4.47 -3.51
C VAL D 15 -29.51 3.04 -3.58
N GLY D 16 -28.22 2.89 -3.86
CA GLY D 16 -27.64 1.56 -3.97
C GLY D 16 -27.30 1.00 -2.61
N SER D 17 -27.10 -0.31 -2.56
CA SER D 17 -26.55 -0.97 -1.39
C SER D 17 -25.03 -0.85 -1.47
N PHE D 18 -24.39 -0.81 -0.31
CA PHE D 18 -22.95 -0.81 -0.25
C PHE D 18 -22.43 -1.95 -1.12
N ASN D 19 -21.43 -1.68 -1.95
CA ASN D 19 -20.88 -2.69 -2.85
C ASN D 19 -21.94 -3.34 -3.71
N GLY D 20 -23.04 -2.63 -3.94
CA GLY D 20 -24.15 -3.16 -4.68
C GLY D 20 -24.24 -2.65 -6.11
N ALA D 21 -25.38 -2.07 -6.45
CA ALA D 21 -25.67 -1.68 -7.82
C ALA D 21 -24.76 -0.58 -8.40
N PHE D 22 -24.30 0.35 -7.55
CA PHE D 22 -23.36 1.37 -7.99
C PHE D 22 -21.95 1.08 -7.48
N ALA D 23 -21.68 -0.21 -7.26
CA ALA D 23 -20.43 -0.70 -6.67
C ALA D 23 -19.20 0.02 -7.21
N ASN D 24 -19.14 0.20 -8.52
CA ASN D 24 -17.99 0.85 -9.13
C ASN D 24 -18.33 2.13 -9.89
N THR D 25 -19.33 2.87 -9.41
CA THR D 25 -19.72 4.11 -10.07
C THR D 25 -19.22 5.32 -9.28
N PRO D 26 -18.34 6.12 -9.90
CA PRO D 26 -17.81 7.32 -9.24
C PRO D 26 -18.90 8.33 -8.93
N ALA D 27 -18.80 8.96 -7.76
CA ALA D 27 -19.80 9.90 -7.26
C ALA D 27 -20.34 10.87 -8.31
N HIS D 28 -19.45 11.59 -8.98
CA HIS D 28 -19.81 12.60 -9.96
C HIS D 28 -20.62 12.04 -11.13
N GLU D 29 -20.47 10.74 -11.39
CA GLU D 29 -21.28 10.08 -12.40
C GLU D 29 -22.75 10.14 -12.02
N LEU D 30 -23.04 9.76 -10.78
CA LEU D 30 -24.41 9.80 -10.27
C LEU D 30 -24.88 11.25 -10.17
N GLY D 31 -23.94 12.15 -9.89
CA GLY D 31 -24.24 13.56 -9.83
C GLY D 31 -24.60 14.13 -11.19
N ALA D 32 -23.88 13.69 -12.23
CA ALA D 32 -24.08 14.21 -13.58
C ALA D 32 -25.50 13.92 -14.07
N THR D 33 -25.92 12.68 -13.87
CA THR D 33 -27.29 12.27 -14.17
C THR D 33 -28.29 13.17 -13.46
N VAL D 34 -28.05 13.41 -12.18
CA VAL D 34 -29.00 14.14 -11.35
C VAL D 34 -29.06 15.62 -11.76
N ILE D 35 -27.91 16.18 -12.12
CA ILE D 35 -27.85 17.55 -12.60
C ILE D 35 -28.63 17.69 -13.89
N SER D 36 -28.40 16.77 -14.82
CA SER D 36 -29.19 16.72 -16.04
C SER D 36 -30.66 16.69 -15.66
N ALA D 37 -30.97 15.82 -14.70
CA ALA D 37 -32.35 15.50 -14.31
C ALA D 37 -33.17 16.73 -13.92
N VAL D 38 -32.61 17.58 -13.08
CA VAL D 38 -33.30 18.78 -12.65
C VAL D 38 -33.49 19.76 -13.82
N LEU D 39 -32.53 19.77 -14.74
CA LEU D 39 -32.58 20.66 -15.90
C LEU D 39 -33.64 20.21 -16.89
N GLU D 40 -33.72 18.90 -17.11
CA GLU D 40 -34.72 18.35 -18.02
C GLU D 40 -36.11 18.60 -17.46
N ARG D 41 -36.29 18.28 -16.18
CA ARG D 41 -37.59 18.39 -15.52
C ARG D 41 -38.11 19.84 -15.40
N ALA D 42 -37.21 20.80 -15.54
CA ALA D 42 -37.61 22.21 -15.49
C ALA D 42 -37.62 22.84 -16.88
N GLY D 43 -37.09 22.12 -17.87
CA GLY D 43 -36.97 22.63 -19.21
C GLY D 43 -35.98 23.78 -19.34
N VAL D 44 -34.86 23.68 -18.63
CA VAL D 44 -33.89 24.77 -18.56
C VAL D 44 -32.48 24.39 -19.03
N ALA D 45 -32.00 25.06 -20.06
CA ALA D 45 -30.70 24.77 -20.67
C ALA D 45 -29.54 24.80 -19.67
N ALA D 46 -28.54 23.96 -19.92
CA ALA D 46 -27.37 23.85 -19.05
C ALA D 46 -26.57 25.15 -19.03
N GLY D 47 -26.50 25.81 -20.18
CA GLY D 47 -25.75 27.04 -20.30
C GLY D 47 -26.16 28.07 -19.26
N GLU D 48 -27.43 28.04 -18.87
CA GLU D 48 -27.99 29.04 -17.98
C GLU D 48 -27.61 28.86 -16.51
N VAL D 49 -27.10 27.67 -16.17
CA VAL D 49 -26.62 27.39 -14.83
C VAL D 49 -25.36 28.20 -14.50
N ASN D 50 -25.43 29.00 -13.45
CA ASN D 50 -24.25 29.71 -12.98
C ASN D 50 -23.27 28.78 -12.23
N GLU D 51 -23.79 28.09 -11.21
CA GLU D 51 -22.94 27.28 -10.35
C GLU D 51 -23.59 25.95 -9.92
N VAL D 52 -22.77 24.91 -9.80
CA VAL D 52 -23.21 23.64 -9.22
C VAL D 52 -22.56 23.44 -7.86
N ILE D 53 -23.40 23.17 -6.86
CA ILE D 53 -22.94 22.98 -5.48
C ILE D 53 -23.32 21.59 -4.98
N LEU D 54 -22.34 20.80 -4.60
CA LEU D 54 -22.62 19.44 -4.15
C LEU D 54 -21.90 19.14 -2.85
N GLY D 55 -22.61 18.55 -1.90
CA GLY D 55 -21.96 17.98 -0.73
C GLY D 55 -21.27 16.70 -1.14
N GLN D 56 -20.09 16.45 -0.57
CA GLN D 56 -19.41 15.17 -0.75
C GLN D 56 -18.39 14.96 0.36
N VAL D 57 -18.52 13.83 1.04
CA VAL D 57 -17.67 13.52 2.19
C VAL D 57 -16.50 12.61 1.82
N LEU D 58 -16.68 11.78 0.78
CA LEU D 58 -15.65 10.81 0.40
C LEU D 58 -15.10 11.02 -1.01
N PRO D 59 -14.25 12.05 -1.19
CA PRO D 59 -13.72 12.43 -2.51
C PRO D 59 -12.33 11.86 -2.81
N ALA D 60 -11.73 11.14 -1.87
CA ALA D 60 -10.39 10.62 -2.07
C ALA D 60 -10.30 9.83 -3.38
N GLY D 61 -9.31 10.19 -4.19
CA GLY D 61 -9.00 9.49 -5.43
C GLY D 61 -9.88 9.82 -6.63
N GLU D 62 -10.95 10.56 -6.41
CA GLU D 62 -11.89 10.83 -7.49
C GLU D 62 -11.45 11.96 -8.42
N GLY D 63 -10.30 12.56 -8.12
CA GLY D 63 -9.74 13.61 -8.95
C GLY D 63 -10.23 15.01 -8.61
N GLN D 64 -9.57 16.02 -9.18
CA GLN D 64 -9.89 17.42 -8.91
C GLN D 64 -11.39 17.72 -8.84
N ASN D 65 -11.79 18.44 -7.79
CA ASN D 65 -13.12 19.01 -7.69
C ASN D 65 -14.17 18.18 -8.41
N PRO D 66 -14.60 17.07 -7.79
CA PRO D 66 -15.59 16.14 -8.35
C PRO D 66 -16.89 16.86 -8.69
N ALA D 67 -17.23 17.91 -7.94
CA ALA D 67 -18.42 18.70 -8.21
C ALA D 67 -18.34 19.32 -9.60
N ARG D 68 -17.15 19.78 -9.96
CA ARG D 68 -16.92 20.33 -11.30
C ARG D 68 -17.03 19.23 -12.35
N GLN D 69 -16.65 18.01 -11.98
CA GLN D 69 -16.75 16.88 -12.89
C GLN D 69 -18.20 16.49 -13.17
N ALA D 70 -19.04 16.55 -12.14
CA ALA D 70 -20.47 16.25 -12.31
C ALA D 70 -21.13 17.26 -13.25
N ALA D 71 -20.69 18.51 -13.19
CA ALA D 71 -21.27 19.56 -14.00
C ALA D 71 -20.86 19.42 -15.47
N MET D 72 -19.60 19.07 -15.70
CA MET D 72 -19.09 18.98 -17.07
C MET D 72 -19.68 17.81 -17.86
N LYS D 73 -19.83 16.67 -17.18
CA LYS D 73 -20.45 15.51 -17.80
C LYS D 73 -21.96 15.71 -18.00
N ALA D 74 -22.55 16.54 -17.16
CA ALA D 74 -23.97 16.85 -17.27
C ALA D 74 -24.22 17.83 -18.41
N GLY D 75 -23.18 18.54 -18.81
CA GLY D 75 -23.31 19.46 -19.92
C GLY D 75 -23.33 20.94 -19.56
N VAL D 76 -23.15 21.27 -18.28
CA VAL D 76 -23.00 22.66 -17.90
C VAL D 76 -21.72 23.17 -18.56
N PRO D 77 -21.81 24.30 -19.28
CA PRO D 77 -20.65 24.87 -19.98
C PRO D 77 -19.48 25.19 -19.06
N GLN D 78 -18.28 25.25 -19.63
CA GLN D 78 -17.07 25.59 -18.87
C GLN D 78 -17.18 26.95 -18.19
N GLU D 79 -17.98 27.85 -18.78
CA GLU D 79 -18.17 29.19 -18.25
C GLU D 79 -18.69 29.19 -16.81
N ALA D 80 -19.55 28.24 -16.49
CA ALA D 80 -20.10 28.13 -15.14
C ALA D 80 -19.05 27.67 -14.13
N THR D 81 -19.45 27.56 -12.88
CA THR D 81 -18.52 27.19 -11.81
C THR D 81 -19.10 26.07 -10.95
N ALA D 82 -18.20 25.30 -10.33
CA ALA D 82 -18.61 24.21 -9.46
C ALA D 82 -17.68 24.07 -8.25
N TRP D 83 -18.24 23.63 -7.12
CA TRP D 83 -17.43 23.38 -5.94
C TRP D 83 -18.12 22.44 -4.96
N GLY D 84 -17.32 21.70 -4.20
CA GLY D 84 -17.85 20.79 -3.21
C GLY D 84 -17.76 21.36 -1.80
N MET D 85 -18.43 20.72 -0.86
CA MET D 85 -18.30 21.10 0.55
C MET D 85 -18.67 19.93 1.46
N ASN D 86 -18.36 20.09 2.73
CA ASN D 86 -18.44 18.99 3.68
C ASN D 86 -18.89 19.43 5.07
N GLN D 87 -20.20 19.31 5.32
CA GLN D 87 -20.72 19.41 6.67
C GLN D 87 -21.32 18.04 7.02
N LEU D 88 -20.57 17.01 6.67
CA LEU D 88 -20.98 15.62 6.90
C LEU D 88 -22.39 15.26 6.47
N CYS D 89 -23.15 14.69 7.39
CA CYS D 89 -24.46 14.10 7.06
C CYS D 89 -25.44 15.17 6.59
N GLY D 90 -25.11 16.42 6.89
CA GLY D 90 -25.97 17.54 6.52
C GLY D 90 -25.54 18.13 5.20
N SER D 91 -24.41 17.67 4.67
CA SER D 91 -23.81 18.25 3.46
C SER D 91 -24.84 18.50 2.36
N GLY D 92 -25.70 17.51 2.13
CA GLY D 92 -26.66 17.56 1.04
C GLY D 92 -27.71 18.63 1.20
N LEU D 93 -28.14 18.83 2.44
CA LEU D 93 -29.13 19.85 2.74
C LEU D 93 -28.46 21.22 2.86
N ARG D 94 -27.17 21.24 3.20
CA ARG D 94 -26.46 22.51 3.36
C ARG D 94 -26.14 23.19 2.04
N ALA D 95 -25.83 22.41 1.03
CA ALA D 95 -25.59 22.96 -0.30
C ALA D 95 -26.81 23.69 -0.84
N VAL D 96 -27.99 23.19 -0.51
CA VAL D 96 -29.24 23.81 -0.96
C VAL D 96 -29.42 25.22 -0.41
N ALA D 97 -29.21 25.38 0.89
CA ALA D 97 -29.34 26.68 1.51
C ALA D 97 -28.27 27.63 0.99
N LEU D 98 -27.04 27.12 0.90
CA LEU D 98 -25.93 27.87 0.35
C LEU D 98 -26.26 28.31 -1.08
N GLY D 99 -27.00 27.47 -1.79
CA GLY D 99 -27.42 27.76 -3.15
C GLY D 99 -28.46 28.84 -3.11
N MET D 100 -29.26 28.82 -2.05
CA MET D 100 -30.26 29.85 -1.80
C MET D 100 -29.57 31.19 -1.56
N GLN D 101 -28.46 31.17 -0.82
CA GLN D 101 -27.74 32.39 -0.48
C GLN D 101 -27.03 33.03 -1.67
N GLN D 102 -26.56 32.22 -2.61
CA GLN D 102 -25.93 32.74 -3.82
C GLN D 102 -26.90 33.67 -4.53
N ILE D 103 -28.15 33.24 -4.59
CA ILE D 103 -29.17 33.96 -5.31
C ILE D 103 -29.66 35.12 -4.44
N ALA D 104 -29.83 34.83 -3.15
CA ALA D 104 -30.31 35.82 -2.21
C ALA D 104 -29.42 37.06 -2.17
N THR D 105 -28.10 36.86 -2.22
CA THR D 105 -27.17 37.99 -2.20
C THR D 105 -26.88 38.50 -3.60
N GLY D 106 -27.72 38.08 -4.55
CA GLY D 106 -27.65 38.57 -5.92
C GLY D 106 -26.39 38.28 -6.72
N ASP D 107 -25.55 37.38 -6.21
CA ASP D 107 -24.31 37.01 -6.91
C ASP D 107 -24.58 36.01 -8.04
N ALA D 108 -25.75 35.39 -8.02
CA ALA D 108 -26.07 34.34 -8.98
C ALA D 108 -27.57 34.32 -9.21
N SER D 109 -27.99 33.83 -10.38
CA SER D 109 -29.40 33.76 -10.71
C SER D 109 -29.93 32.34 -10.63
N ILE D 110 -29.10 31.38 -11.04
CA ILE D 110 -29.57 30.00 -11.13
C ILE D 110 -28.55 28.97 -10.65
N ILE D 111 -28.98 28.18 -9.67
CA ILE D 111 -28.10 27.23 -8.99
C ILE D 111 -28.61 25.79 -9.03
N VAL D 112 -27.71 24.85 -9.26
CA VAL D 112 -28.02 23.45 -9.04
C VAL D 112 -27.28 23.00 -7.81
N ALA D 113 -28.02 22.66 -6.75
CA ALA D 113 -27.40 22.24 -5.51
C ALA D 113 -27.90 20.87 -5.08
N GLY D 114 -27.12 20.19 -4.26
CA GLY D 114 -27.49 18.88 -3.76
C GLY D 114 -26.30 18.13 -3.19
N GLY D 115 -26.37 16.80 -3.23
CA GLY D 115 -25.31 15.98 -2.68
C GLY D 115 -25.05 14.72 -3.48
N MET D 116 -23.82 14.23 -3.41
CA MET D 116 -23.50 12.95 -3.99
C MET D 116 -22.63 12.16 -3.01
N GLU D 117 -22.54 10.85 -3.21
CA GLU D 117 -21.66 10.01 -2.40
C GLU D 117 -21.49 8.60 -2.96
N SER D 118 -20.24 8.23 -3.21
CA SER D 118 -19.95 6.84 -3.53
C SER D 118 -19.19 6.21 -2.39
N MET D 119 -19.93 5.76 -1.37
CA MET D 119 -19.30 5.06 -0.26
C MET D 119 -18.61 3.79 -0.76
N SER D 120 -19.10 3.23 -1.86
CA SER D 120 -18.53 2.02 -2.45
C SER D 120 -17.14 2.23 -3.05
N MET D 121 -16.95 3.39 -3.69
CA MET D 121 -15.68 3.70 -4.36
C MET D 121 -14.62 4.24 -3.40
N ALA D 122 -15.04 4.63 -2.21
CA ALA D 122 -14.13 5.15 -1.20
C ALA D 122 -12.96 4.20 -0.97
N PRO D 123 -11.72 4.72 -1.07
CA PRO D 123 -10.49 3.92 -1.05
C PRO D 123 -9.91 3.66 0.35
N HIS D 124 -8.83 2.88 0.38
CA HIS D 124 -8.01 2.70 1.58
C HIS D 124 -6.73 3.52 1.41
N CYS D 125 -6.22 4.06 2.51
CA CYS D 125 -5.08 4.98 2.42
C CYS D 125 -4.14 4.90 3.60
N ALA D 126 -3.02 5.59 3.47
CA ALA D 126 -2.03 5.70 4.52
C ALA D 126 -1.07 6.82 4.11
N HIS D 127 -0.54 7.54 5.08
CA HIS D 127 0.50 8.53 4.81
C HIS D 127 1.85 7.82 4.72
N LEU D 128 2.57 8.05 3.64
CA LEU D 128 3.77 7.26 3.33
C LEU D 128 4.91 8.09 2.75
N ARG D 129 4.89 9.39 2.98
CA ARG D 129 5.95 10.26 2.46
C ARG D 129 7.19 10.29 3.33
N GLY D 130 6.99 10.26 4.65
CA GLY D 130 8.11 10.26 5.58
C GLY D 130 8.75 8.90 5.65
N GLY D 131 8.24 7.97 4.86
CA GLY D 131 8.69 6.59 4.90
C GLY D 131 8.16 5.84 6.11
N VAL D 132 8.37 4.54 6.10
CA VAL D 132 8.02 3.70 7.24
C VAL D 132 9.24 2.85 7.51
N LYS D 133 10.18 3.39 8.30
CA LYS D 133 11.47 2.72 8.47
C LYS D 133 11.35 1.23 8.78
N MET D 134 10.50 0.89 9.75
CA MET D 134 10.48 -0.47 10.28
C MET D 134 9.18 -0.76 11.03
N GLY D 135 8.59 -1.93 10.77
CA GLY D 135 7.39 -2.37 11.47
C GLY D 135 6.10 -2.28 10.67
N ASP D 136 5.11 -3.04 11.09
CA ASP D 136 3.78 -3.01 10.47
C ASP D 136 3.14 -1.63 10.54
N PHE D 137 2.19 -1.38 9.64
CA PHE D 137 1.32 -0.20 9.75
C PHE D 137 -0.08 -0.51 9.24
N LYS D 138 -0.97 0.45 9.39
CA LYS D 138 -2.36 0.25 8.98
C LYS D 138 -2.70 0.96 7.68
N MET D 139 -3.35 0.24 6.77
CA MET D 139 -3.98 0.85 5.63
C MET D 139 -5.40 1.23 6.06
N ILE D 140 -5.71 2.53 5.99
CA ILE D 140 -6.98 3.06 6.48
C ILE D 140 -8.13 2.92 5.51
N ASP D 141 -9.32 2.62 6.04
CA ASP D 141 -10.54 2.63 5.27
C ASP D 141 -11.16 4.04 5.32
N THR D 142 -10.98 4.82 4.25
CA THR D 142 -11.48 6.20 4.25
C THR D 142 -12.95 6.30 4.66
N MET D 143 -13.75 5.33 4.25
CA MET D 143 -15.18 5.37 4.56
C MET D 143 -15.42 5.45 6.06
N ILE D 144 -14.75 4.57 6.81
CA ILE D 144 -14.92 4.54 8.25
C ILE D 144 -14.18 5.70 8.92
N LYS D 145 -13.00 6.03 8.39
CA LYS D 145 -12.13 7.04 8.98
C LYS D 145 -12.69 8.46 8.86
N ASP D 146 -13.15 8.81 7.67
CA ASP D 146 -13.62 10.16 7.40
C ASP D 146 -15.14 10.26 7.42
N GLY D 147 -15.81 9.13 7.53
CA GLY D 147 -17.26 9.13 7.41
C GLY D 147 -18.03 8.60 8.60
N LEU D 148 -17.45 7.68 9.35
CA LEU D 148 -18.21 6.95 10.37
C LEU D 148 -17.72 7.18 11.79
N THR D 149 -16.44 7.52 11.93
CA THR D 149 -15.80 7.60 13.23
C THR D 149 -15.73 9.02 13.76
N ASP D 150 -16.01 9.19 15.05
CA ASP D 150 -15.98 10.51 15.67
C ASP D 150 -14.54 10.93 15.90
N ALA D 151 -14.16 12.10 15.37
CA ALA D 151 -12.77 12.53 15.40
C ALA D 151 -12.33 13.02 16.77
N PHE D 152 -13.26 13.07 17.71
CA PHE D 152 -12.95 13.54 19.05
C PHE D 152 -12.85 12.41 20.09
N TYR D 153 -13.78 11.46 20.04
CA TYR D 153 -13.81 10.40 21.05
C TYR D 153 -13.44 9.03 20.51
N GLY D 154 -13.01 8.99 19.25
CA GLY D 154 -12.43 7.80 18.65
C GLY D 154 -13.35 6.62 18.38
N TYR D 155 -14.65 6.85 18.46
CA TYR D 155 -15.59 5.75 18.26
C TYR D 155 -16.68 6.01 17.22
N HIS D 156 -17.41 4.94 16.91
CA HIS D 156 -18.35 4.90 15.80
C HIS D 156 -19.64 5.66 16.09
N MET D 157 -20.29 6.17 15.04
CA MET D 157 -21.58 6.84 15.19
C MET D 157 -22.56 6.01 16.03
N GLY D 158 -22.51 4.69 15.86
CA GLY D 158 -23.39 3.79 16.58
C GLY D 158 -23.23 3.91 18.09
N THR D 159 -22.03 4.28 18.52
CA THR D 159 -21.75 4.46 19.95
C THR D 159 -22.33 5.77 20.46
N THR D 160 -22.45 6.77 19.58
CA THR D 160 -23.12 8.02 19.95
C THR D 160 -24.64 7.83 19.95
N ALA D 161 -25.13 6.90 19.14
CA ALA D 161 -26.54 6.58 19.11
C ALA D 161 -26.90 5.83 20.39
N GLU D 162 -25.95 5.04 20.88
CA GLU D 162 -26.09 4.35 22.16
C GLU D 162 -26.18 5.32 23.32
N ASN D 163 -25.29 6.30 23.35
CA ASN D 163 -25.31 7.33 24.38
C ASN D 163 -26.70 7.93 24.50
N VAL D 164 -27.29 8.29 23.37
CA VAL D 164 -28.63 8.85 23.33
C VAL D 164 -29.66 7.86 23.89
N ALA D 165 -29.43 6.58 23.62
CA ALA D 165 -30.31 5.53 24.12
C ALA D 165 -30.31 5.49 25.65
N LYS D 166 -29.13 5.39 26.24
CA LYS D 166 -29.00 5.37 27.70
C LYS D 166 -29.66 6.61 28.29
N GLN D 167 -29.38 7.75 27.68
CA GLN D 167 -29.88 9.04 28.14
C GLN D 167 -31.41 9.11 28.14
N TRP D 168 -32.01 9.01 26.96
CA TRP D 168 -33.46 9.10 26.82
C TRP D 168 -34.16 7.80 27.19
N GLN D 169 -33.45 6.96 27.95
CA GLN D 169 -33.97 5.65 28.36
C GLN D 169 -34.76 4.91 27.29
N LEU D 170 -34.31 5.00 26.05
CA LEU D 170 -34.91 4.23 24.98
C LEU D 170 -34.49 2.77 25.13
N SER D 171 -35.41 1.86 24.85
CA SER D 171 -35.16 0.44 25.06
C SER D 171 -34.92 -0.29 23.74
N ARG D 172 -34.73 -1.61 23.83
CA ARG D 172 -34.53 -2.44 22.65
C ARG D 172 -35.78 -2.47 21.76
N ASP D 173 -36.93 -2.65 22.39
CA ASP D 173 -38.19 -2.77 21.66
C ASP D 173 -38.55 -1.48 20.94
N GLU D 174 -38.64 -0.38 21.69
CA GLU D 174 -39.01 0.90 21.08
C GLU D 174 -38.24 1.11 19.79
N GLN D 175 -36.95 0.80 19.82
CA GLN D 175 -36.10 0.94 18.65
C GLN D 175 -36.49 -0.05 17.55
N ASP D 176 -36.60 -1.32 17.90
CA ASP D 176 -36.93 -2.36 16.92
C ASP D 176 -38.31 -2.13 16.30
N ALA D 177 -39.21 -1.55 17.08
CA ALA D 177 -40.53 -1.21 16.57
C ALA D 177 -40.39 -0.10 15.54
N PHE D 178 -39.53 0.87 15.83
CA PHE D 178 -39.32 2.00 14.94
C PHE D 178 -38.68 1.58 13.61
N ALA D 179 -37.79 0.59 13.66
CA ALA D 179 -37.07 0.13 12.48
C ALA D 179 -37.97 -0.62 11.50
N VAL D 180 -38.81 -1.50 12.02
CA VAL D 180 -39.73 -2.29 11.20
C VAL D 180 -40.82 -1.41 10.62
N ALA D 181 -41.33 -0.48 11.42
CA ALA D 181 -42.32 0.48 10.94
C ALA D 181 -41.75 1.29 9.78
N SER D 182 -40.44 1.55 9.85
CA SER D 182 -39.74 2.28 8.79
C SER D 182 -39.54 1.39 7.56
N GLN D 183 -39.27 0.11 7.80
CA GLN D 183 -39.07 -0.85 6.72
C GLN D 183 -40.39 -1.22 6.08
N ASN D 184 -41.48 -1.03 6.81
CA ASN D 184 -42.81 -1.30 6.29
C ASN D 184 -43.33 -0.14 5.45
N LYS D 185 -43.15 1.08 5.95
CA LYS D 185 -43.61 2.26 5.25
C LYS D 185 -42.90 2.41 3.90
N ALA D 186 -41.59 2.17 3.89
CA ALA D 186 -40.79 2.25 2.67
C ALA D 186 -41.26 1.25 1.62
N GLU D 187 -41.20 -0.04 1.96
CA GLU D 187 -41.66 -1.07 1.03
C GLU D 187 -43.01 -0.70 0.43
N ALA D 188 -43.90 -0.18 1.27
CA ALA D 188 -45.22 0.25 0.83
C ALA D 188 -45.11 1.35 -0.23
N ALA D 189 -44.53 2.48 0.15
CA ALA D 189 -44.35 3.60 -0.76
C ALA D 189 -43.77 3.16 -2.10
N GLN D 190 -42.79 2.26 -2.04
CA GLN D 190 -42.15 1.75 -3.24
C GLN D 190 -43.16 1.00 -4.12
N LYS D 191 -43.88 0.06 -3.51
CA LYS D 191 -44.94 -0.67 -4.21
C LYS D 191 -45.99 0.28 -4.75
N ASP D 192 -46.35 1.27 -3.95
CA ASP D 192 -47.39 2.23 -4.33
C ASP D 192 -46.99 3.08 -5.53
N GLY D 193 -45.71 3.03 -5.88
CA GLY D 193 -45.19 3.83 -6.97
C GLY D 193 -44.87 5.25 -6.51
N ARG D 194 -44.84 5.44 -5.19
CA ARG D 194 -44.69 6.78 -4.60
C ARG D 194 -43.30 7.41 -4.78
N PHE D 195 -42.33 6.64 -5.23
CA PHE D 195 -40.97 7.16 -5.42
C PHE D 195 -40.68 7.43 -6.89
N LYS D 196 -41.55 6.96 -7.77
CA LYS D 196 -41.29 6.99 -9.20
C LYS D 196 -40.95 8.37 -9.74
N ASP D 197 -41.58 9.40 -9.19
CA ASP D 197 -41.42 10.76 -9.73
C ASP D 197 -40.09 11.40 -9.36
N GLU D 198 -39.65 11.22 -8.12
CA GLU D 198 -38.40 11.83 -7.67
C GLU D 198 -37.15 11.13 -8.23
N ILE D 199 -37.17 9.80 -8.22
CA ILE D 199 -36.06 9.02 -8.75
C ILE D 199 -35.87 9.24 -10.24
N VAL D 200 -34.62 9.42 -10.66
CA VAL D 200 -34.28 9.44 -12.08
C VAL D 200 -33.34 8.28 -12.35
N PRO D 201 -33.75 7.37 -13.23
CA PRO D 201 -33.03 6.13 -13.54
C PRO D 201 -31.58 6.39 -13.94
N PHE D 202 -30.67 5.64 -13.33
CA PHE D 202 -29.27 5.69 -13.75
C PHE D 202 -28.87 4.40 -14.46
N ILE D 203 -28.24 4.55 -15.62
CA ILE D 203 -27.74 3.39 -16.35
C ILE D 203 -26.34 3.04 -15.89
N VAL D 204 -26.17 1.84 -15.34
CA VAL D 204 -24.84 1.34 -15.02
C VAL D 204 -24.18 0.79 -16.27
N LYS D 205 -23.45 1.65 -16.97
CA LYS D 205 -22.78 1.26 -18.20
C LYS D 205 -21.80 0.13 -17.94
N GLY D 206 -22.19 -1.09 -18.31
CA GLY D 206 -21.37 -2.25 -18.05
C GLY D 206 -20.88 -2.97 -19.30
N ARG D 207 -20.02 -3.96 -19.10
CA ARG D 207 -19.53 -4.79 -20.19
C ARG D 207 -20.40 -6.03 -20.35
N LYS D 208 -20.94 -6.50 -19.24
CA LYS D 208 -21.84 -7.65 -19.23
C LYS D 208 -23.18 -7.26 -19.84
N GLY D 209 -23.48 -5.97 -19.84
CA GLY D 209 -24.74 -5.45 -20.36
C GLY D 209 -25.20 -4.23 -19.59
N ASP D 210 -25.67 -3.22 -20.32
CA ASP D 210 -26.12 -1.97 -19.69
C ASP D 210 -27.30 -2.21 -18.78
N ILE D 211 -27.13 -1.92 -17.50
CA ILE D 211 -28.19 -2.12 -16.51
C ILE D 211 -28.79 -0.80 -16.05
N THR D 212 -30.11 -0.74 -15.99
CA THR D 212 -30.77 0.45 -15.51
C THR D 212 -31.20 0.26 -14.07
N VAL D 213 -30.81 1.21 -13.23
CA VAL D 213 -31.15 1.18 -11.81
C VAL D 213 -32.24 2.22 -11.57
N ASP D 214 -33.47 1.78 -11.36
CA ASP D 214 -34.58 2.72 -11.21
C ASP D 214 -35.28 2.66 -9.85
N ALA D 215 -34.83 1.75 -9.00
CA ALA D 215 -35.40 1.61 -7.67
C ALA D 215 -34.30 1.48 -6.61
N ASP D 216 -34.59 1.90 -5.38
CA ASP D 216 -33.67 1.74 -4.26
C ASP D 216 -33.59 0.25 -3.94
N GLU D 217 -32.41 -0.21 -3.55
CA GLU D 217 -32.19 -1.64 -3.38
C GLU D 217 -31.95 -2.03 -1.92
N TYR D 218 -31.86 -1.04 -1.06
CA TYR D 218 -31.62 -1.29 0.37
C TYR D 218 -32.93 -1.63 1.08
N ILE D 219 -34.05 -1.26 0.46
CA ILE D 219 -35.36 -1.55 1.02
C ILE D 219 -35.52 -3.06 1.17
N ARG D 220 -35.67 -3.51 2.41
CA ARG D 220 -35.85 -4.93 2.69
C ARG D 220 -37.33 -5.27 2.91
N HIS D 221 -37.88 -6.05 1.99
CA HIS D 221 -39.30 -6.41 2.03
C HIS D 221 -39.58 -7.38 3.17
N GLY D 222 -40.81 -7.31 3.70
CA GLY D 222 -41.28 -8.25 4.70
C GLY D 222 -40.59 -8.17 6.05
N ALA D 223 -40.13 -6.97 6.40
CA ALA D 223 -39.51 -6.77 7.70
C ALA D 223 -40.50 -7.02 8.84
N THR D 224 -40.12 -7.90 9.76
CA THR D 224 -40.95 -8.17 10.92
C THR D 224 -40.17 -7.87 12.19
N LEU D 225 -40.90 -7.57 13.26
CA LEU D 225 -40.28 -7.34 14.54
C LEU D 225 -39.57 -8.61 14.97
N ASP D 226 -40.18 -9.75 14.62
CA ASP D 226 -39.64 -11.06 14.95
C ASP D 226 -38.22 -11.22 14.43
N SER D 227 -38.00 -10.81 13.17
CA SER D 227 -36.69 -10.93 12.55
C SER D 227 -35.74 -9.82 13.02
N MET D 228 -36.33 -8.69 13.40
CA MET D 228 -35.55 -7.57 13.90
C MET D 228 -35.03 -7.89 15.30
N ALA D 229 -35.67 -8.86 15.95
CA ALA D 229 -35.34 -9.21 17.33
C ALA D 229 -34.27 -10.29 17.43
N LYS D 230 -34.05 -11.03 16.35
CA LYS D 230 -33.06 -12.10 16.35
C LYS D 230 -31.64 -11.57 16.12
N LEU D 231 -31.48 -10.24 16.22
CA LEU D 231 -30.21 -9.60 15.91
C LEU D 231 -29.36 -9.31 17.16
N ARG D 232 -28.05 -9.39 16.98
CA ARG D 232 -27.08 -9.11 18.03
C ARG D 232 -26.67 -7.65 18.00
N PRO D 233 -26.23 -7.10 19.15
CA PRO D 233 -25.69 -5.74 19.23
C PRO D 233 -24.26 -5.65 18.71
N ALA D 234 -23.99 -4.69 17.84
CA ALA D 234 -22.67 -4.58 17.20
C ALA D 234 -21.91 -3.32 17.60
N PHE D 235 -22.41 -2.60 18.60
CA PHE D 235 -21.72 -1.42 19.11
C PHE D 235 -21.42 -1.59 20.59
N ASP D 236 -22.32 -2.26 21.29
CA ASP D 236 -22.15 -2.55 22.69
C ASP D 236 -22.64 -3.97 22.93
N LYS D 237 -21.73 -4.87 23.31
CA LYS D 237 -22.10 -6.26 23.56
C LYS D 237 -23.41 -6.35 24.34
N GLU D 238 -23.52 -5.56 25.41
CA GLU D 238 -24.71 -5.54 26.23
C GLU D 238 -25.57 -4.31 25.96
N GLY D 239 -25.45 -3.76 24.76
CA GLY D 239 -26.15 -2.54 24.40
C GLY D 239 -27.54 -2.76 23.85
N THR D 240 -27.88 -2.06 22.78
CA THR D 240 -29.21 -2.15 22.19
C THR D 240 -29.27 -1.68 20.74
N VAL D 241 -28.20 -1.06 20.25
CA VAL D 241 -28.16 -0.60 18.87
C VAL D 241 -27.70 -1.71 17.93
N THR D 242 -28.56 -2.07 16.98
CA THR D 242 -28.27 -3.16 16.06
C THR D 242 -28.24 -2.70 14.61
N ALA D 243 -27.60 -3.49 13.76
CA ALA D 243 -27.59 -3.23 12.33
C ALA D 243 -29.02 -3.21 11.80
N GLY D 244 -29.93 -3.83 12.55
CA GLY D 244 -31.33 -3.85 12.16
C GLY D 244 -32.04 -2.53 12.37
N ASN D 245 -31.60 -1.77 13.36
CA ASN D 245 -32.22 -0.50 13.70
C ASN D 245 -31.29 0.69 13.49
N ALA D 246 -30.53 0.64 12.39
CA ALA D 246 -29.65 1.73 12.00
C ALA D 246 -29.54 1.79 10.49
N SER D 247 -29.21 2.96 9.96
CA SER D 247 -29.01 3.10 8.53
C SER D 247 -27.80 2.28 8.13
N GLY D 248 -27.49 2.23 6.84
CA GLY D 248 -26.34 1.48 6.38
C GLY D 248 -25.37 2.33 5.60
N LEU D 249 -24.36 1.66 5.04
CA LEU D 249 -23.44 2.27 4.08
C LEU D 249 -24.11 2.24 2.71
N ASN D 250 -24.08 3.36 2.00
CA ASN D 250 -24.84 3.47 0.77
C ASN D 250 -24.23 4.39 -0.28
N ASP D 251 -24.61 4.19 -1.54
CA ASP D 251 -24.23 5.08 -2.62
C ASP D 251 -25.45 5.87 -3.08
N GLY D 252 -25.23 7.07 -3.62
CA GLY D 252 -26.34 7.88 -4.07
C GLY D 252 -26.05 9.34 -4.33
N ALA D 253 -27.01 10.00 -5.00
CA ALA D 253 -26.87 11.38 -5.44
C ALA D 253 -28.25 12.02 -5.53
N ALA D 254 -28.32 13.32 -5.27
CA ALA D 254 -29.60 14.02 -5.24
C ALA D 254 -29.36 15.50 -5.46
N ALA D 255 -30.39 16.21 -5.93
CA ALA D 255 -30.22 17.62 -6.29
C ALA D 255 -31.51 18.41 -6.44
N ALA D 256 -31.36 19.73 -6.58
CA ALA D 256 -32.49 20.62 -6.82
C ALA D 256 -32.04 21.87 -7.56
N LEU D 257 -32.86 22.33 -8.50
CA LEU D 257 -32.57 23.54 -9.26
C LEU D 257 -33.15 24.74 -8.51
N LEU D 258 -32.33 25.77 -8.30
CA LEU D 258 -32.76 26.94 -7.56
C LEU D 258 -32.80 28.21 -8.42
N MET D 259 -33.73 29.10 -8.11
CA MET D 259 -33.87 30.38 -8.80
C MET D 259 -34.91 31.24 -8.09
N SER D 260 -34.85 32.55 -8.30
CA SER D 260 -35.81 33.44 -7.66
C SER D 260 -37.24 33.04 -8.04
N GLU D 261 -38.21 33.41 -7.21
CA GLU D 261 -39.59 33.05 -7.48
C GLU D 261 -40.13 33.76 -8.74
N ALA D 262 -39.68 34.99 -8.96
CA ALA D 262 -40.07 35.71 -10.15
C ALA D 262 -39.47 35.04 -11.38
N GLU D 263 -38.27 34.49 -11.23
CA GLU D 263 -37.60 33.81 -12.34
C GLU D 263 -38.38 32.62 -12.84
N ALA D 264 -38.75 31.72 -11.93
CA ALA D 264 -39.62 30.60 -12.29
C ALA D 264 -40.84 31.14 -13.02
N SER D 265 -41.40 32.22 -12.48
CA SER D 265 -42.58 32.85 -13.06
C SER D 265 -42.35 33.23 -14.53
N ARG D 266 -41.34 34.05 -14.79
CA ARG D 266 -41.08 34.50 -16.15
C ARG D 266 -40.77 33.31 -17.04
N ARG D 267 -40.26 32.24 -16.42
CA ARG D 267 -39.88 31.04 -17.16
C ARG D 267 -41.01 30.05 -17.23
N GLY D 268 -42.19 30.45 -16.74
CA GLY D 268 -43.36 29.60 -16.75
C GLY D 268 -43.16 28.27 -16.03
N ILE D 269 -42.36 28.28 -14.98
CA ILE D 269 -42.08 27.07 -14.22
C ILE D 269 -42.93 26.98 -12.95
N GLN D 270 -43.63 25.85 -12.78
CA GLN D 270 -44.38 25.59 -11.55
C GLN D 270 -43.44 24.90 -10.57
N PRO D 271 -43.10 25.59 -9.47
CA PRO D 271 -42.08 25.17 -8.51
C PRO D 271 -42.60 24.12 -7.53
N LEU D 272 -41.69 23.33 -6.96
CA LEU D 272 -42.04 22.30 -6.00
C LEU D 272 -42.23 22.89 -4.60
N GLY D 273 -41.53 23.98 -4.33
CA GLY D 273 -41.69 24.68 -3.07
C GLY D 273 -40.99 26.02 -3.05
N ARG D 274 -41.01 26.65 -1.87
CA ARG D 274 -40.22 27.84 -1.62
C ARG D 274 -39.46 27.61 -0.32
N ILE D 275 -38.21 28.02 -0.28
CA ILE D 275 -37.41 27.88 0.93
C ILE D 275 -37.63 29.09 1.84
N VAL D 276 -38.41 28.90 2.90
CA VAL D 276 -38.79 30.02 3.76
C VAL D 276 -37.71 30.36 4.80
N SER D 277 -36.90 29.37 5.16
CA SER D 277 -35.83 29.58 6.12
C SER D 277 -34.89 28.38 6.17
N TRP D 278 -33.93 28.42 7.08
CA TRP D 278 -33.03 27.30 7.33
C TRP D 278 -32.19 27.67 8.53
N ALA D 279 -31.54 26.67 9.12
CA ALA D 279 -30.60 26.92 10.20
C ALA D 279 -29.74 25.69 10.49
N THR D 280 -28.78 25.87 11.37
CA THR D 280 -27.90 24.81 11.83
C THR D 280 -27.31 25.22 13.16
N VAL D 281 -27.26 24.29 14.10
CA VAL D 281 -26.66 24.57 15.40
C VAL D 281 -25.80 23.40 15.83
N GLY D 282 -24.96 23.63 16.83
CA GLY D 282 -24.07 22.60 17.30
C GLY D 282 -24.53 21.99 18.61
N VAL D 283 -24.03 20.79 18.89
CA VAL D 283 -24.31 20.10 20.14
C VAL D 283 -23.18 19.15 20.48
N ASP D 284 -23.13 18.73 21.73
CA ASP D 284 -22.18 17.74 22.20
C ASP D 284 -21.98 16.66 21.14
N PRO D 285 -20.73 16.42 20.73
CA PRO D 285 -20.51 15.44 19.66
C PRO D 285 -20.99 14.04 20.09
N LYS D 286 -20.94 13.77 21.39
CA LYS D 286 -21.26 12.45 21.91
C LYS D 286 -22.75 12.10 21.79
N VAL D 287 -23.59 13.11 21.65
CA VAL D 287 -25.00 12.88 21.40
C VAL D 287 -25.41 13.61 20.12
N MET D 288 -24.68 13.35 19.05
CA MET D 288 -24.85 14.08 17.80
C MET D 288 -26.27 13.91 17.22
N GLY D 289 -26.93 12.82 17.58
CA GLY D 289 -28.25 12.53 17.06
C GLY D 289 -29.32 13.54 17.48
N THR D 290 -28.99 14.41 18.42
CA THR D 290 -29.94 15.39 18.92
C THR D 290 -29.91 16.63 18.05
N GLY D 291 -28.95 16.67 17.13
CA GLY D 291 -28.82 17.77 16.19
C GLY D 291 -30.15 18.38 15.80
N PRO D 292 -31.04 17.57 15.19
CA PRO D 292 -32.32 18.01 14.66
C PRO D 292 -33.13 18.87 15.64
N ILE D 293 -32.87 18.71 16.94
CA ILE D 293 -33.69 19.35 17.96
C ILE D 293 -33.50 20.88 18.02
N PRO D 294 -32.26 21.34 18.24
CA PRO D 294 -32.06 22.79 18.27
C PRO D 294 -32.20 23.38 16.88
N ALA D 295 -31.55 22.76 15.91
CA ALA D 295 -31.56 23.22 14.52
C ALA D 295 -32.97 23.45 13.97
N SER D 296 -33.90 22.55 14.29
CA SER D 296 -35.28 22.69 13.82
C SER D 296 -36.06 23.76 14.59
N ARG D 297 -35.79 23.87 15.89
CA ARG D 297 -36.40 24.91 16.72
C ARG D 297 -35.87 26.27 16.26
N LYS D 298 -34.68 26.25 15.69
CA LYS D 298 -34.07 27.45 15.13
C LYS D 298 -34.80 27.82 13.83
N ALA D 299 -34.76 26.91 12.86
CA ALA D 299 -35.38 27.14 11.55
C ALA D 299 -36.85 27.52 11.64
N LEU D 300 -37.60 26.84 12.51
CA LEU D 300 -39.02 27.13 12.69
C LEU D 300 -39.20 28.59 13.11
N GLU D 301 -38.45 29.00 14.11
CA GLU D 301 -38.52 30.35 14.65
C GLU D 301 -38.30 31.37 13.53
N ARG D 302 -37.28 31.13 12.71
CA ARG D 302 -36.96 32.02 11.60
C ARG D 302 -38.08 32.04 10.57
N ALA D 303 -38.87 30.97 10.55
CA ALA D 303 -40.00 30.86 9.64
C ALA D 303 -41.26 31.45 10.26
N GLY D 304 -41.22 31.70 11.57
CA GLY D 304 -42.37 32.20 12.28
C GLY D 304 -43.46 31.14 12.35
N TRP D 305 -43.05 29.88 12.29
CA TRP D 305 -43.99 28.77 12.40
C TRP D 305 -43.98 28.14 13.79
N LYS D 306 -45.09 27.50 14.14
CA LYS D 306 -45.15 26.66 15.32
C LYS D 306 -45.04 25.21 14.85
N ILE D 307 -44.51 24.34 15.70
CA ILE D 307 -44.40 22.92 15.36
C ILE D 307 -45.73 22.41 14.82
N GLY D 308 -46.82 22.93 15.36
CA GLY D 308 -48.15 22.56 14.92
C GLY D 308 -48.46 22.94 13.49
N ASP D 309 -47.71 23.90 12.95
CA ASP D 309 -47.97 24.41 11.60
C ASP D 309 -47.53 23.45 10.49
N LEU D 310 -46.62 22.53 10.81
CA LEU D 310 -46.09 21.59 9.82
C LEU D 310 -47.11 20.53 9.42
N ASP D 311 -47.19 20.25 8.12
CA ASP D 311 -48.10 19.24 7.59
C ASP D 311 -47.34 18.00 7.13
N LEU D 312 -46.01 18.09 7.17
CA LEU D 312 -45.15 16.97 6.83
C LEU D 312 -43.73 17.27 7.30
N VAL D 313 -42.91 16.22 7.42
CA VAL D 313 -41.53 16.36 7.91
C VAL D 313 -40.63 15.26 7.35
N GLU D 314 -39.37 15.59 7.12
CA GLU D 314 -38.38 14.56 6.83
C GLU D 314 -37.20 14.66 7.78
N ALA D 315 -37.15 13.75 8.74
CA ALA D 315 -36.09 13.72 9.74
C ALA D 315 -35.22 12.49 9.55
N HIS D 316 -33.97 12.72 9.14
CA HIS D 316 -33.05 11.65 8.76
C HIS D 316 -32.97 10.52 9.78
N GLU D 317 -33.09 9.28 9.29
CA GLU D 317 -33.04 8.11 10.17
C GLU D 317 -31.64 7.53 10.31
N ALA D 318 -30.81 8.17 11.13
CA ALA D 318 -29.49 7.64 11.41
C ALA D 318 -29.63 6.35 12.21
N PHE D 319 -30.25 6.46 13.38
CA PHE D 319 -30.44 5.32 14.27
C PHE D 319 -31.79 5.46 14.98
N ALA D 320 -32.47 4.33 15.19
CA ALA D 320 -33.77 4.35 15.84
C ALA D 320 -33.68 4.97 17.24
N ALA D 321 -32.47 5.11 17.75
CA ALA D 321 -32.27 5.76 19.05
C ALA D 321 -32.42 7.27 18.95
N GLN D 322 -31.48 7.91 18.25
CA GLN D 322 -31.51 9.35 18.06
C GLN D 322 -32.83 9.83 17.46
N ALA D 323 -33.43 8.98 16.62
CA ALA D 323 -34.65 9.33 15.90
C ALA D 323 -35.84 9.52 16.84
N CYS D 324 -36.10 8.53 17.68
CA CYS D 324 -37.16 8.63 18.67
C CYS D 324 -36.94 9.87 19.54
N ALA D 325 -35.77 9.96 20.15
CA ALA D 325 -35.44 11.07 21.05
C ALA D 325 -35.79 12.42 20.43
N VAL D 326 -35.70 12.49 19.11
CA VAL D 326 -36.08 13.70 18.40
C VAL D 326 -37.60 13.85 18.46
N ASN D 327 -38.29 12.85 17.89
CA ASN D 327 -39.75 12.81 17.86
C ASN D 327 -40.42 13.17 19.18
N LYS D 328 -39.80 12.77 20.28
CA LYS D 328 -40.41 12.91 21.60
C LYS D 328 -40.10 14.28 22.20
N ASP D 329 -39.01 14.90 21.76
CA ASP D 329 -38.63 16.20 22.30
C ASP D 329 -39.38 17.33 21.61
N LEU D 330 -39.55 17.21 20.30
CA LEU D 330 -40.25 18.24 19.53
C LEU D 330 -41.75 18.10 19.70
N GLY D 331 -42.22 16.85 19.75
CA GLY D 331 -43.61 16.55 19.98
C GLY D 331 -44.41 16.42 18.70
N TRP D 332 -43.84 16.86 17.58
CA TRP D 332 -44.55 16.83 16.31
C TRP D 332 -45.22 15.47 16.06
N ASP D 333 -46.33 15.50 15.31
CA ASP D 333 -47.14 14.31 15.08
C ASP D 333 -46.38 13.25 14.27
N PRO D 334 -45.97 12.16 14.93
CA PRO D 334 -45.14 11.12 14.31
C PRO D 334 -45.71 10.57 13.00
N SER D 335 -47.03 10.61 12.84
CA SER D 335 -47.67 10.08 11.63
C SER D 335 -47.54 10.98 10.40
N ILE D 336 -46.86 12.12 10.56
CA ILE D 336 -46.48 12.94 9.41
C ILE D 336 -44.95 13.00 9.29
N VAL D 337 -44.29 12.26 10.17
CA VAL D 337 -42.83 12.16 10.13
C VAL D 337 -42.40 10.93 9.34
N ASN D 338 -41.79 11.17 8.18
CA ASN D 338 -41.25 10.09 7.35
C ASN D 338 -42.31 9.15 6.75
N VAL D 339 -43.34 9.75 6.18
CA VAL D 339 -44.51 9.04 5.65
C VAL D 339 -44.17 7.85 4.75
N ASN D 340 -43.01 7.90 4.10
CA ASN D 340 -42.67 6.88 3.11
C ASN D 340 -41.42 6.10 3.50
N GLY D 341 -41.12 6.08 4.80
CA GLY D 341 -39.97 5.38 5.32
C GLY D 341 -38.80 6.30 5.53
N GLY D 342 -37.74 5.81 6.14
CA GLY D 342 -36.56 6.62 6.39
C GLY D 342 -35.25 5.93 6.06
N ALA D 343 -34.14 6.61 6.32
CA ALA D 343 -32.79 6.12 6.01
C ALA D 343 -32.52 4.72 6.57
N ILE D 344 -33.09 4.45 7.75
CA ILE D 344 -33.04 3.10 8.32
C ILE D 344 -33.36 2.06 7.26
N ALA D 345 -34.34 2.36 6.42
CA ALA D 345 -34.81 1.44 5.39
C ALA D 345 -34.30 1.84 4.01
N ILE D 346 -34.11 3.13 3.81
CA ILE D 346 -33.78 3.66 2.49
C ILE D 346 -32.28 3.65 2.20
N GLY D 347 -31.49 4.09 3.17
CA GLY D 347 -30.04 4.12 3.02
C GLY D 347 -29.42 5.44 3.44
N HIS D 348 -28.11 5.44 3.64
CA HIS D 348 -27.41 6.63 4.09
C HIS D 348 -26.14 6.94 3.31
N PRO D 349 -26.29 7.45 2.07
CA PRO D 349 -25.15 7.93 1.28
C PRO D 349 -24.74 9.27 1.85
N ILE D 350 -23.83 9.27 2.83
CA ILE D 350 -23.57 10.45 3.66
C ILE D 350 -23.85 11.80 3.00
N GLY D 351 -22.90 12.29 2.20
CA GLY D 351 -23.00 13.62 1.63
C GLY D 351 -24.33 13.93 0.96
N ALA D 352 -25.03 12.90 0.51
CA ALA D 352 -26.23 13.06 -0.30
C ALA D 352 -27.53 13.02 0.50
N SER D 353 -27.48 12.45 1.71
CA SER D 353 -28.69 12.26 2.51
C SER D 353 -29.47 13.55 2.79
N GLY D 354 -28.77 14.68 2.74
CA GLY D 354 -29.42 15.96 2.97
C GLY D 354 -30.22 16.43 1.76
N ALA D 355 -29.82 15.94 0.59
CA ALA D 355 -30.48 16.29 -0.68
C ALA D 355 -31.45 15.20 -1.09
N ARG D 356 -31.26 14.01 -0.55
CA ARG D 356 -32.17 12.90 -0.79
C ARG D 356 -33.50 13.17 -0.10
N ILE D 357 -33.45 13.42 1.20
CA ILE D 357 -34.68 13.62 1.97
C ILE D 357 -35.47 14.85 1.50
N LEU D 358 -34.77 15.87 1.02
CA LEU D 358 -35.46 17.04 0.47
C LEU D 358 -36.39 16.62 -0.68
N ASN D 359 -35.95 15.66 -1.47
CA ASN D 359 -36.70 15.13 -2.60
C ASN D 359 -37.97 14.37 -2.21
N THR D 360 -37.83 13.48 -1.23
CA THR D 360 -38.94 12.66 -0.77
C THR D 360 -40.00 13.54 -0.13
N LEU D 361 -39.52 14.64 0.46
CA LEU D 361 -40.36 15.64 1.12
C LEU D 361 -41.19 16.39 0.08
N LEU D 362 -40.50 16.92 -0.93
CA LEU D 362 -41.11 17.77 -1.95
C LEU D 362 -42.10 17.03 -2.85
N PHE D 363 -41.78 15.81 -3.22
CA PHE D 363 -42.69 15.07 -4.08
C PHE D 363 -43.90 14.56 -3.30
N GLU D 364 -43.73 14.38 -2.00
CA GLU D 364 -44.81 13.96 -1.13
C GLU D 364 -45.67 15.16 -0.70
N MET D 365 -45.04 16.33 -0.53
CA MET D 365 -45.78 17.53 -0.20
C MET D 365 -46.71 17.86 -1.36
N LYS D 366 -46.31 17.43 -2.55
CA LYS D 366 -47.05 17.69 -3.78
C LYS D 366 -48.08 16.59 -4.06
N ARG D 367 -47.75 15.36 -3.74
CA ARG D 367 -48.65 14.24 -3.94
C ARG D 367 -49.88 14.36 -3.04
N ARG D 368 -49.65 14.81 -1.80
CA ARG D 368 -50.72 14.94 -0.82
C ARG D 368 -51.14 16.40 -0.60
N GLY D 369 -50.46 17.33 -1.26
CA GLY D 369 -50.84 18.72 -1.22
C GLY D 369 -50.56 19.42 0.10
N ALA D 370 -49.59 18.91 0.85
CA ALA D 370 -49.17 19.54 2.10
C ALA D 370 -48.70 20.96 1.82
N ARG D 371 -48.90 21.87 2.78
CA ARG D 371 -48.53 23.26 2.59
C ARG D 371 -47.16 23.58 3.17
N LYS D 372 -46.90 23.13 4.40
CA LYS D 372 -45.67 23.48 5.09
C LYS D 372 -44.81 22.26 5.45
N GLY D 373 -43.59 22.22 4.93
CA GLY D 373 -42.72 21.09 5.16
C GLY D 373 -41.51 21.43 6.02
N LEU D 374 -40.53 20.53 6.02
CA LEU D 374 -39.33 20.69 6.83
C LEU D 374 -38.48 19.43 6.75
N ALA D 375 -37.23 19.59 6.35
CA ALA D 375 -36.25 18.51 6.35
C ALA D 375 -35.17 18.82 7.37
N THR D 376 -34.65 17.78 8.02
CA THR D 376 -33.64 17.97 9.05
C THR D 376 -32.83 16.71 9.32
N LEU D 377 -31.54 16.89 9.60
CA LEU D 377 -30.65 15.77 9.87
C LEU D 377 -29.76 16.04 11.07
N CYS D 378 -29.14 14.98 11.58
CA CYS D 378 -28.09 15.10 12.59
C CYS D 378 -26.75 14.92 11.87
N ILE D 379 -25.68 15.44 12.46
CA ILE D 379 -24.39 15.46 11.78
C ILE D 379 -23.23 15.03 12.68
N GLY D 380 -22.54 13.97 12.28
CA GLY D 380 -21.37 13.51 13.00
C GLY D 380 -20.51 14.69 13.40
N GLY D 381 -20.05 14.71 14.65
CA GLY D 381 -19.31 15.84 15.15
C GLY D 381 -20.17 16.73 16.03
N GLY D 382 -21.48 16.49 16.00
CA GLY D 382 -22.40 17.19 16.87
C GLY D 382 -22.98 18.45 16.25
N MET D 383 -23.86 18.28 15.26
CA MET D 383 -24.56 19.40 14.67
C MET D 383 -25.90 18.93 14.12
N GLY D 384 -26.68 19.87 13.60
CA GLY D 384 -27.89 19.57 12.89
C GLY D 384 -28.11 20.61 11.83
N VAL D 385 -28.78 20.25 10.75
CA VAL D 385 -29.23 21.23 9.76
C VAL D 385 -30.74 21.13 9.62
N ALA D 386 -31.39 22.29 9.50
CA ALA D 386 -32.82 22.32 9.30
C ALA D 386 -33.20 23.29 8.20
N MET D 387 -34.33 23.03 7.55
CA MET D 387 -34.84 23.92 6.52
C MET D 387 -36.35 23.73 6.37
N CYS D 388 -37.08 24.84 6.30
CA CYS D 388 -38.53 24.82 6.17
C CYS D 388 -38.95 25.05 4.72
N ILE D 389 -39.80 24.15 4.21
CA ILE D 389 -40.28 24.28 2.84
C ILE D 389 -41.75 24.71 2.80
N GLU D 390 -42.15 25.30 1.67
CA GLU D 390 -43.53 25.74 1.49
C GLU D 390 -43.91 25.70 0.02
N SER D 391 -44.91 24.90 -0.32
CA SER D 391 -45.39 24.80 -1.70
C SER D 391 -46.23 26.04 -2.05
N LEU D 392 -46.84 26.02 -3.22
CA LEU D 392 -47.65 27.15 -3.68
C LEU D 392 -49.15 26.97 -3.37
#